data_8JUE
#
_entry.id   8JUE
#
_cell.length_a   49.649
_cell.length_b   139.510
_cell.length_c   178.094
_cell.angle_alpha   90.00
_cell.angle_beta   93.49
_cell.angle_gamma   90.00
#
_symmetry.space_group_name_H-M   'P 1 21 1'
#
loop_
_entity.id
_entity.type
_entity.pdbx_description
1 polymer 'Glutaminase kidney isoform, mitochondrial'
2 non-polymer 2-(3-phenoxyphenyl)-N-[5-[[(3R)-1-pyridazin-3-ylpyrrolidin-3-yl]amino]-1,3,4-thiadiazol-2-yl]ethanamide
3 water water
#
_entity_poly.entity_id   1
_entity_poly.type   'polypeptide(L)'
_entity_poly.pdbx_seq_one_letter_code
;MGHHHHHHGLSSSPSEILQELGKGSTHPQPGVSPPAAPAAPGPKDGPGETDAFGNSEGKELVASGENKIKQGLLPSLEDL
LFYTIAEGQEKIPVHKFITALKSTGLRTSDPRLKECMDMLRLTLQTTSDGVMLDKDLFKKCVQSNIVLLTQAFRRKFVIP
DFMSFTSHIDELYESAKKQSGGKVADYIPQLAKFSPDLWGVSVCTVDGQRHSTGDTKVPFCLQSCVKPLKYAIAVNDLGT
EYVHRYVGKEPSGLRFNKLFLNEDDKPHNPMVNAGAIVVTSLIKQGVNNAEKFDYVMQFLNKMAGNEYVGFSNATFQSER
ESGDRNFAIGYYLKEKKCFPEGTDMVGILDFYFQLCSIEVTCESASVMAATLANGGFCPITGERVLSPEAVRNTLSLMHS
CGMYDFSGQFAFHVGLPAKSGVAGGILLVVPNVMGMMCWSPPLDKMGNSVKGIHFCHDLVSLCNFHNYDNLRHFAKKLDP
RREGGDQRHSFGPLDYESLQQELALKETVWKKVSPESNEDISTTVVYRMESLG
;
_entity_poly.pdbx_strand_id   A,B,C,D
#
# COMPACT_ATOMS: atom_id res chain seq x y z
N SER A 76 51.95 -37.83 30.67
CA SER A 76 51.73 -36.64 29.81
C SER A 76 50.60 -36.90 28.82
N LEU A 77 50.24 -35.85 28.08
CA LEU A 77 49.07 -35.84 27.22
C LEU A 77 49.24 -36.83 26.07
N GLU A 78 50.44 -36.85 25.48
CA GLU A 78 50.78 -37.72 24.36
C GLU A 78 50.84 -39.19 24.77
N ASP A 79 51.24 -39.45 26.03
CA ASP A 79 51.29 -40.79 26.59
C ASP A 79 49.86 -41.25 26.89
N LEU A 80 49.09 -40.36 27.57
CA LEU A 80 47.71 -40.65 27.92
C LEU A 80 46.93 -41.06 26.68
N LEU A 81 47.08 -40.31 25.59
CA LEU A 81 46.40 -40.60 24.34
C LEU A 81 46.97 -41.87 23.71
N PHE A 82 48.24 -42.19 23.98
CA PHE A 82 48.85 -43.39 23.43
C PHE A 82 48.14 -44.62 23.97
N TYR A 83 47.95 -44.70 25.30
CA TYR A 83 47.37 -45.88 25.94
C TYR A 83 45.93 -46.08 25.50
N THR A 84 45.17 -44.97 25.40
CA THR A 84 43.75 -44.98 25.03
C THR A 84 43.56 -45.70 23.69
N ILE A 85 44.42 -45.40 22.71
CA ILE A 85 44.28 -45.97 21.37
C ILE A 85 45.01 -47.32 21.33
N ALA A 86 46.10 -47.46 22.11
CA ALA A 86 46.88 -48.69 22.12
C ALA A 86 45.97 -49.85 22.50
N GLU A 87 45.29 -49.69 23.66
CA GLU A 87 44.38 -50.66 24.26
C GLU A 87 45.19 -51.80 24.87
N GLY A 88 46.24 -51.45 25.63
CA GLY A 88 47.06 -52.44 26.32
C GLY A 88 48.13 -53.07 25.42
N GLN A 89 48.03 -52.85 24.10
CA GLN A 89 49.08 -53.26 23.17
C GLN A 89 50.28 -52.34 23.39
N GLU A 90 51.43 -52.73 22.83
CA GLU A 90 52.66 -51.97 22.94
C GLU A 90 52.78 -50.99 21.76
N LYS A 91 52.17 -51.35 20.63
CA LYS A 91 52.25 -50.55 19.41
C LYS A 91 50.87 -50.30 18.81
N ILE A 92 50.83 -49.30 17.92
CA ILE A 92 49.62 -48.85 17.26
C ILE A 92 49.90 -48.87 15.76
N PRO A 93 49.17 -49.66 14.94
CA PRO A 93 49.22 -49.48 13.49
C PRO A 93 48.75 -48.07 13.10
N VAL A 94 49.22 -47.57 11.94
CA VAL A 94 48.87 -46.23 11.50
C VAL A 94 47.38 -46.20 11.15
N HIS A 95 46.92 -47.19 10.37
CA HIS A 95 45.56 -47.24 9.87
C HIS A 95 44.54 -47.32 11.02
N LYS A 96 44.98 -47.78 12.19
CA LYS A 96 44.13 -47.89 13.37
C LYS A 96 44.04 -46.55 14.11
N PHE A 97 45.09 -45.72 13.99
CA PHE A 97 45.03 -44.35 14.50
C PHE A 97 44.20 -43.47 13.56
N ILE A 98 44.32 -43.66 12.25
CA ILE A 98 43.66 -42.83 11.26
C ILE A 98 42.14 -43.04 11.31
N THR A 99 41.68 -44.30 11.41
CA THR A 99 40.25 -44.55 11.33
C THR A 99 39.57 -44.14 12.65
N ALA A 100 40.30 -44.24 13.76
CA ALA A 100 39.83 -43.73 15.04
C ALA A 100 39.65 -42.21 14.97
N LEU A 101 40.61 -41.54 14.30
CA LEU A 101 40.58 -40.10 14.12
C LEU A 101 39.37 -39.67 13.28
N LYS A 102 39.18 -40.36 12.14
CA LYS A 102 38.13 -40.07 11.17
C LYS A 102 36.74 -40.32 11.75
N SER A 103 36.63 -41.16 12.78
CA SER A 103 35.35 -41.45 13.40
C SER A 103 34.90 -40.32 14.34
N THR A 104 35.84 -39.43 14.71
CA THR A 104 35.53 -38.24 15.49
C THR A 104 34.91 -37.15 14.62
N GLY A 105 35.05 -37.30 13.29
CA GLY A 105 34.51 -36.36 12.32
C GLY A 105 35.60 -35.58 11.59
N LEU A 106 36.83 -35.54 12.15
CA LEU A 106 37.89 -34.74 11.57
C LEU A 106 38.39 -35.44 10.31
N ARG A 107 38.92 -34.64 9.38
CA ARG A 107 39.51 -35.16 8.16
C ARG A 107 41.02 -35.11 8.29
N THR A 108 41.72 -36.01 7.57
CA THR A 108 43.19 -36.07 7.68
C THR A 108 43.82 -34.82 7.07
N SER A 109 43.09 -34.12 6.19
CA SER A 109 43.56 -32.89 5.58
C SER A 109 43.25 -31.62 6.41
N ASP A 110 42.62 -31.76 7.57
CA ASP A 110 42.37 -30.60 8.43
C ASP A 110 43.67 -29.81 8.52
N PRO A 111 43.65 -28.49 8.19
CA PRO A 111 44.82 -27.64 8.36
C PRO A 111 45.44 -27.67 9.76
N ARG A 112 44.61 -27.85 10.79
CA ARG A 112 45.08 -27.89 12.17
C ARG A 112 45.78 -29.22 12.50
N LEU A 113 45.80 -30.18 11.55
CA LEU A 113 46.42 -31.49 11.72
C LEU A 113 47.58 -31.68 10.74
N LYS A 114 47.98 -30.61 10.04
CA LYS A 114 49.05 -30.66 9.05
C LYS A 114 50.35 -31.22 9.65
N GLU A 115 50.78 -30.73 10.83
CA GLU A 115 52.07 -31.08 11.41
C GLU A 115 52.12 -32.57 11.78
N CYS A 116 51.06 -33.09 12.41
CA CYS A 116 50.92 -34.52 12.65
C CYS A 116 50.90 -35.32 11.35
N MET A 117 50.12 -34.90 10.36
CA MET A 117 49.96 -35.70 9.15
C MET A 117 51.26 -35.74 8.35
N ASP A 118 52.01 -34.62 8.38
CA ASP A 118 53.32 -34.52 7.76
C ASP A 118 54.29 -35.50 8.41
N MET A 119 54.26 -35.57 9.75
CA MET A 119 55.17 -36.38 10.55
C MET A 119 54.86 -37.88 10.39
N LEU A 120 53.64 -38.25 9.98
CA LEU A 120 53.34 -39.63 9.61
C LEU A 120 53.90 -39.94 8.22
N ARG A 121 53.72 -39.02 7.26
CA ARG A 121 54.29 -39.15 5.93
C ARG A 121 55.77 -39.47 6.02
N LEU A 122 56.43 -38.75 6.94
CA LEU A 122 57.88 -38.67 7.03
C LEU A 122 58.43 -39.98 7.57
N THR A 123 57.78 -40.55 8.61
CA THR A 123 58.34 -41.67 9.34
C THR A 123 58.15 -42.99 8.59
N LEU A 124 57.02 -43.15 7.88
CA LEU A 124 56.79 -44.37 7.12
C LEU A 124 58.05 -44.77 6.34
N VAL A 131 54.44 -48.68 9.22
CA VAL A 131 52.98 -48.96 9.38
C VAL A 131 52.67 -49.36 10.84
N MET A 132 53.61 -49.16 11.77
CA MET A 132 53.41 -49.47 13.19
C MET A 132 54.24 -48.48 14.01
N LEU A 133 53.62 -47.87 15.02
CA LEU A 133 54.19 -46.73 15.75
C LEU A 133 54.33 -47.09 17.23
N ASP A 134 55.50 -46.85 17.82
CA ASP A 134 55.68 -47.10 19.23
C ASP A 134 55.27 -45.84 19.98
N LYS A 135 55.30 -45.88 21.32
CA LYS A 135 54.93 -44.76 22.19
C LYS A 135 55.70 -43.50 21.80
N ASP A 136 56.94 -43.70 21.36
CA ASP A 136 57.90 -42.63 21.20
C ASP A 136 57.71 -41.97 19.84
N LEU A 137 57.47 -42.80 18.84
CA LEU A 137 57.24 -42.38 17.47
C LEU A 137 55.91 -41.65 17.38
N PHE A 138 54.89 -42.23 18.01
CA PHE A 138 53.56 -41.65 18.09
C PHE A 138 53.61 -40.27 18.75
N LYS A 139 54.29 -40.16 19.90
CA LYS A 139 54.42 -38.89 20.62
C LYS A 139 55.05 -37.85 19.70
N LYS A 140 56.07 -38.27 18.95
CA LYS A 140 56.79 -37.43 17.99
C LYS A 140 55.83 -36.86 16.94
N CYS A 141 54.92 -37.71 16.44
CA CYS A 141 53.99 -37.34 15.38
C CYS A 141 52.88 -36.39 15.86
N VAL A 142 52.46 -36.48 17.12
CA VAL A 142 51.20 -35.88 17.53
C VAL A 142 51.40 -34.76 18.55
N GLN A 143 52.66 -34.34 18.78
CA GLN A 143 52.98 -33.36 19.81
C GLN A 143 52.27 -32.05 19.56
N SER A 144 52.46 -31.50 18.36
CA SER A 144 52.07 -30.14 18.01
C SER A 144 50.55 -29.99 17.98
N ASN A 145 49.83 -31.09 17.68
CA ASN A 145 48.39 -31.04 17.45
C ASN A 145 47.65 -31.69 18.63
N ILE A 146 48.33 -31.83 19.78
CA ILE A 146 47.89 -32.74 20.83
C ILE A 146 46.68 -32.17 21.59
N VAL A 147 46.59 -30.84 21.70
CA VAL A 147 45.44 -30.20 22.30
C VAL A 147 44.19 -30.59 21.51
N LEU A 148 44.26 -30.46 20.17
CA LEU A 148 43.12 -30.77 19.30
C LEU A 148 42.80 -32.27 19.29
N LEU A 149 43.80 -33.17 19.26
CA LEU A 149 43.51 -34.59 19.18
C LEU A 149 42.90 -35.09 20.49
N THR A 150 43.25 -34.43 21.60
CA THR A 150 42.78 -34.83 22.92
C THR A 150 41.28 -34.53 22.98
N GLN A 151 40.92 -33.27 22.74
CA GLN A 151 39.51 -32.86 22.68
C GLN A 151 38.73 -33.88 21.85
N ALA A 152 39.30 -34.35 20.73
CA ALA A 152 38.60 -35.24 19.82
C ALA A 152 38.44 -36.64 20.43
N PHE A 153 39.46 -37.16 21.09
CA PHE A 153 39.46 -38.55 21.54
C PHE A 153 38.81 -38.72 22.90
N ARG A 154 38.75 -37.63 23.69
CA ARG A 154 37.97 -37.57 24.94
C ARG A 154 36.56 -37.03 24.68
N ARG A 155 36.03 -37.22 23.46
CA ARG A 155 34.65 -36.92 23.10
C ARG A 155 34.23 -35.52 23.54
N LYS A 156 35.09 -34.53 23.27
CA LYS A 156 34.86 -33.18 23.77
C LYS A 156 34.23 -32.28 22.69
N PHE A 157 34.09 -32.81 21.45
CA PHE A 157 33.56 -32.03 20.35
C PHE A 157 32.06 -31.81 20.55
N VAL A 158 31.56 -30.79 19.86
CA VAL A 158 30.23 -30.24 20.12
C VAL A 158 29.17 -31.30 19.84
N ILE A 159 29.49 -32.24 18.93
CA ILE A 159 28.69 -33.44 18.68
C ILE A 159 29.61 -34.63 18.97
N PRO A 160 29.60 -35.16 20.22
CA PRO A 160 30.51 -36.23 20.61
C PRO A 160 30.36 -37.57 19.87
N ASP A 161 29.13 -38.01 19.59
CA ASP A 161 28.92 -39.23 18.80
C ASP A 161 28.45 -38.82 17.41
N PHE A 162 29.43 -38.48 16.58
CA PHE A 162 29.25 -37.91 15.27
C PHE A 162 28.90 -39.00 14.24
N MET A 163 29.38 -40.23 14.48
CA MET A 163 29.08 -41.35 13.60
C MET A 163 27.56 -41.60 13.63
N SER A 164 26.97 -41.52 14.82
CA SER A 164 25.54 -41.64 14.95
C SER A 164 24.85 -40.47 14.24
N PHE A 165 25.33 -39.24 14.46
CA PHE A 165 24.76 -38.03 13.88
C PHE A 165 24.74 -38.06 12.36
N THR A 166 25.82 -38.52 11.72
CA THR A 166 25.93 -38.47 10.26
C THR A 166 24.95 -39.46 9.62
N SER A 167 24.62 -40.49 10.36
CA SER A 167 23.72 -41.53 9.92
C SER A 167 22.27 -40.99 9.88
N HIS A 168 21.93 -40.15 10.88
CA HIS A 168 20.71 -39.34 10.91
C HIS A 168 20.65 -38.33 9.76
N ILE A 169 21.77 -37.67 9.45
CA ILE A 169 21.83 -36.80 8.29
C ILE A 169 21.62 -37.59 7.01
N ASP A 170 22.17 -38.82 6.94
CA ASP A 170 22.07 -39.63 5.72
C ASP A 170 20.63 -40.07 5.47
N GLU A 171 19.86 -40.35 6.53
CA GLU A 171 18.46 -40.73 6.36
C GLU A 171 17.62 -39.52 5.95
N LEU A 172 17.90 -38.30 6.45
CA LEU A 172 17.20 -37.07 6.07
C LEU A 172 17.47 -36.75 4.60
N TYR A 173 18.69 -37.01 4.16
CA TYR A 173 19.07 -36.71 2.79
C TYR A 173 18.35 -37.65 1.82
N GLU A 174 18.20 -38.95 2.17
CA GLU A 174 17.51 -39.93 1.32
C GLU A 174 16.01 -39.64 1.28
N SER A 175 15.48 -39.06 2.35
CA SER A 175 14.08 -38.71 2.46
C SER A 175 13.75 -37.45 1.65
N ALA A 176 14.65 -36.45 1.66
CA ALA A 176 14.49 -35.27 0.83
C ALA A 176 14.72 -35.59 -0.64
N LYS A 177 15.45 -36.67 -0.92
CA LYS A 177 15.80 -37.03 -2.28
C LYS A 177 14.55 -37.44 -3.08
N LYS A 178 13.58 -38.02 -2.38
CA LYS A 178 12.32 -38.45 -2.98
C LYS A 178 11.41 -37.27 -3.36
N GLN A 179 11.74 -36.04 -2.93
CA GLN A 179 10.94 -34.84 -3.23
C GLN A 179 11.51 -34.16 -4.48
N SER A 180 11.09 -34.63 -5.65
CA SER A 180 11.71 -34.21 -6.91
C SER A 180 10.83 -33.23 -7.71
N GLY A 181 9.81 -32.61 -7.07
CA GLY A 181 9.11 -31.45 -7.61
C GLY A 181 9.97 -30.17 -7.73
N GLY A 182 9.35 -29.08 -8.20
CA GLY A 182 9.97 -27.76 -8.35
C GLY A 182 10.51 -27.52 -9.77
N LYS A 183 10.88 -26.25 -10.05
CA LYS A 183 11.37 -25.88 -11.36
C LYS A 183 12.80 -25.36 -11.20
N VAL A 184 13.72 -25.94 -11.97
CA VAL A 184 15.06 -25.42 -12.12
C VAL A 184 14.95 -24.02 -12.73
N ALA A 185 15.72 -23.05 -12.21
CA ALA A 185 15.73 -21.70 -12.75
C ALA A 185 16.24 -21.73 -14.18
N ASP A 186 15.50 -21.12 -15.11
CA ASP A 186 15.77 -21.28 -16.53
C ASP A 186 16.06 -19.94 -17.21
N TYR A 187 15.95 -18.83 -16.46
CA TYR A 187 15.83 -17.50 -17.04
C TYR A 187 17.18 -17.01 -17.57
N ILE A 188 18.27 -17.74 -17.27
CA ILE A 188 19.53 -17.56 -17.97
C ILE A 188 20.04 -18.94 -18.39
N PRO A 189 20.78 -19.05 -19.53
CA PRO A 189 21.37 -20.32 -19.96
C PRO A 189 22.17 -21.15 -18.96
N GLN A 190 22.80 -20.52 -17.94
CA GLN A 190 23.72 -21.21 -17.04
C GLN A 190 22.96 -22.04 -15.99
N LEU A 191 21.86 -21.48 -15.46
CA LEU A 191 21.10 -22.10 -14.39
C LEU A 191 20.14 -23.16 -14.93
N ALA A 192 19.73 -23.04 -16.21
CA ALA A 192 18.69 -23.88 -16.82
C ALA A 192 19.23 -25.26 -17.23
N LYS A 193 20.56 -25.40 -17.29
CA LYS A 193 21.18 -26.64 -17.74
C LYS A 193 21.54 -27.54 -16.57
N PHE A 194 21.36 -27.08 -15.33
CA PHE A 194 21.68 -27.92 -14.18
C PHE A 194 20.65 -29.03 -14.08
N SER A 195 21.13 -30.27 -13.95
CA SER A 195 20.28 -31.42 -13.69
C SER A 195 19.41 -31.17 -12.45
N PRO A 196 18.07 -31.43 -12.52
CA PRO A 196 17.21 -31.41 -11.32
C PRO A 196 17.50 -32.45 -10.23
N ASP A 197 18.32 -33.47 -10.54
CA ASP A 197 18.54 -34.57 -9.61
C ASP A 197 19.81 -34.36 -8.80
N LEU A 198 20.59 -33.33 -9.10
CA LEU A 198 21.71 -32.94 -8.27
C LEU A 198 21.19 -32.51 -6.89
N TRP A 199 21.79 -33.13 -5.86
CA TRP A 199 21.35 -33.01 -4.48
C TRP A 199 22.52 -33.33 -3.54
N GLY A 200 23.01 -32.30 -2.85
CA GLY A 200 24.06 -32.50 -1.88
C GLY A 200 23.79 -31.77 -0.57
N VAL A 201 24.32 -32.36 0.51
CA VAL A 201 24.24 -31.81 1.86
C VAL A 201 25.64 -31.95 2.47
N SER A 202 26.23 -30.83 2.90
CA SER A 202 27.47 -30.86 3.63
C SER A 202 27.32 -30.19 4.99
N VAL A 203 27.96 -30.77 6.00
CA VAL A 203 27.97 -30.28 7.36
C VAL A 203 29.40 -29.98 7.79
N CYS A 204 29.57 -28.92 8.59
CA CYS A 204 30.84 -28.64 9.25
C CYS A 204 30.53 -28.03 10.61
N THR A 205 30.80 -28.79 11.68
CA THR A 205 30.61 -28.32 13.04
C THR A 205 31.57 -27.19 13.39
N VAL A 206 31.27 -26.53 14.51
CA VAL A 206 32.10 -25.43 14.96
C VAL A 206 33.48 -25.95 15.42
N ASP A 207 33.62 -27.30 15.50
CA ASP A 207 34.86 -27.99 15.85
C ASP A 207 35.57 -28.59 14.64
N GLY A 208 34.97 -28.50 13.46
CA GLY A 208 35.66 -28.90 12.24
C GLY A 208 35.34 -30.33 11.83
N GLN A 209 34.32 -30.94 12.44
CA GLN A 209 33.86 -32.26 12.07
C GLN A 209 33.06 -32.15 10.78
N ARG A 210 33.24 -33.10 9.86
CA ARG A 210 32.75 -32.93 8.49
C ARG A 210 31.95 -34.15 8.04
N HIS A 211 30.79 -33.90 7.42
CA HIS A 211 30.07 -34.95 6.71
C HIS A 211 29.47 -34.39 5.44
N SER A 212 29.54 -35.18 4.37
CA SER A 212 28.97 -34.84 3.08
C SER A 212 28.18 -36.02 2.53
N THR A 213 26.96 -35.76 2.04
CA THR A 213 26.26 -36.78 1.29
C THR A 213 25.74 -36.18 -0.02
N GLY A 214 25.79 -36.97 -1.10
CA GLY A 214 25.36 -36.55 -2.41
C GLY A 214 26.44 -35.79 -3.19
N ASP A 215 26.00 -34.82 -4.01
CA ASP A 215 26.82 -34.10 -4.97
C ASP A 215 27.37 -32.82 -4.35
N THR A 216 28.38 -32.99 -3.47
CA THR A 216 28.88 -31.94 -2.61
C THR A 216 30.17 -31.31 -3.14
N LYS A 217 30.73 -31.83 -4.25
CA LYS A 217 31.95 -31.31 -4.84
C LYS A 217 31.70 -30.60 -6.17
N VAL A 218 30.43 -30.38 -6.52
CA VAL A 218 30.05 -29.79 -7.80
C VAL A 218 29.86 -28.30 -7.60
N PRO A 219 30.68 -27.45 -8.31
CA PRO A 219 30.57 -26.00 -8.22
C PRO A 219 29.22 -25.46 -8.64
N PHE A 220 28.76 -24.41 -7.94
CA PHE A 220 27.57 -23.67 -8.30
C PHE A 220 27.66 -22.27 -7.69
N CYS A 221 26.98 -21.32 -8.32
CA CYS A 221 27.01 -19.92 -7.92
C CYS A 221 26.23 -19.70 -6.63
N LEU A 222 26.74 -18.78 -5.81
CA LEU A 222 26.12 -18.44 -4.55
C LEU A 222 24.81 -17.69 -4.83
N GLN A 223 24.83 -16.85 -5.86
CA GLN A 223 23.73 -15.93 -6.10
C GLN A 223 23.46 -15.25 -4.76
N SER A 224 22.20 -15.31 -4.30
CA SER A 224 21.75 -14.52 -3.16
C SER A 224 22.31 -15.06 -1.84
N CYS A 225 22.84 -16.30 -1.81
CA CYS A 225 23.55 -16.78 -0.62
C CYS A 225 24.79 -15.93 -0.34
N VAL A 226 25.21 -15.10 -1.31
CA VAL A 226 26.39 -14.26 -1.10
C VAL A 226 26.06 -13.05 -0.25
N LYS A 227 24.75 -12.71 -0.18
CA LYS A 227 24.30 -11.48 0.44
C LYS A 227 24.64 -11.39 1.92
N PRO A 228 24.43 -12.45 2.76
CA PRO A 228 24.87 -12.37 4.15
C PRO A 228 26.38 -12.24 4.28
N LEU A 229 27.13 -12.78 3.30
CA LEU A 229 28.59 -12.80 3.37
C LEU A 229 29.11 -11.38 3.09
N LYS A 230 28.55 -10.70 2.09
CA LYS A 230 29.04 -9.36 1.78
C LYS A 230 28.61 -8.37 2.88
N TYR A 231 27.46 -8.64 3.52
CA TYR A 231 26.97 -7.87 4.66
C TYR A 231 27.94 -8.01 5.83
N ALA A 232 28.37 -9.26 6.09
CA ALA A 232 29.28 -9.53 7.19
C ALA A 232 30.58 -8.77 6.99
N ILE A 233 31.09 -8.80 5.76
CA ILE A 233 32.31 -8.10 5.42
C ILE A 233 32.14 -6.61 5.68
N ALA A 234 31.00 -6.04 5.22
CA ALA A 234 30.74 -4.63 5.36
C ALA A 234 30.72 -4.25 6.85
N VAL A 235 29.97 -5.01 7.66
CA VAL A 235 29.86 -4.74 9.08
C VAL A 235 31.20 -5.00 9.77
N ASN A 236 31.95 -6.00 9.31
CA ASN A 236 33.28 -6.23 9.81
C ASN A 236 34.16 -4.98 9.61
N ASP A 237 34.13 -4.34 8.44
CA ASP A 237 35.13 -3.35 8.10
C ASP A 237 34.70 -1.93 8.52
N LEU A 238 33.39 -1.70 8.64
CA LEU A 238 32.83 -0.35 8.78
C LEU A 238 32.03 -0.18 10.07
N GLY A 239 31.54 -1.28 10.65
CA GLY A 239 30.67 -1.25 11.83
C GLY A 239 29.19 -1.17 11.47
N THR A 240 28.36 -1.56 12.42
CA THR A 240 26.90 -1.55 12.35
C THR A 240 26.30 -0.19 11.99
N GLU A 241 26.82 0.85 12.63
CA GLU A 241 26.16 2.15 12.69
C GLU A 241 26.34 2.77 11.31
N TYR A 242 27.54 2.62 10.72
CA TYR A 242 27.75 3.07 9.36
C TYR A 242 26.87 2.30 8.39
N VAL A 243 26.89 0.97 8.46
CA VAL A 243 26.20 0.18 7.45
C VAL A 243 24.70 0.48 7.48
N HIS A 244 24.12 0.57 8.68
CA HIS A 244 22.65 0.72 8.79
C HIS A 244 22.21 2.17 8.53
N ARG A 245 23.15 3.00 8.11
CA ARG A 245 22.81 4.39 7.71
C ARG A 245 22.35 4.32 6.25
N TYR A 246 22.67 3.22 5.57
CA TYR A 246 22.35 3.08 4.13
C TYR A 246 21.35 1.93 3.90
N VAL A 247 21.17 1.04 4.88
CA VAL A 247 20.27 -0.10 4.72
C VAL A 247 19.55 -0.37 6.03
N GLY A 248 18.31 -0.88 5.94
CA GLY A 248 17.46 -1.13 7.09
C GLY A 248 17.72 -2.49 7.73
N LYS A 249 16.92 -2.81 8.76
CA LYS A 249 17.17 -3.92 9.66
C LYS A 249 16.00 -4.92 9.72
N GLU A 250 15.05 -4.86 8.77
CA GLU A 250 13.77 -5.54 8.91
C GLU A 250 13.26 -6.06 7.57
N PRO A 251 12.38 -7.09 7.59
CA PRO A 251 11.62 -7.45 6.39
C PRO A 251 10.57 -6.38 6.10
N SER A 252 10.15 -6.32 4.83
CA SER A 252 9.20 -5.33 4.36
C SER A 252 7.80 -5.66 4.85
N GLY A 253 7.50 -6.95 5.04
CA GLY A 253 6.13 -7.43 5.06
C GLY A 253 5.71 -7.92 3.67
N LEU A 254 5.20 -9.15 3.60
CA LEU A 254 4.91 -9.84 2.34
C LEU A 254 4.48 -8.88 1.23
N ARG A 255 3.59 -7.92 1.54
CA ARG A 255 2.92 -7.12 0.53
C ARG A 255 3.75 -5.89 0.13
N PHE A 256 5.01 -5.83 0.57
CA PHE A 256 5.93 -4.77 0.21
C PHE A 256 7.21 -5.38 -0.37
N ASN A 257 7.07 -6.58 -0.96
CA ASN A 257 8.15 -7.30 -1.64
C ASN A 257 8.49 -6.68 -3.00
N LYS A 258 7.87 -5.53 -3.34
CA LYS A 258 7.94 -4.89 -4.65
C LYS A 258 8.31 -3.42 -4.53
N LEU A 259 8.30 -2.90 -3.31
CA LEU A 259 8.88 -1.61 -3.01
C LEU A 259 10.39 -1.77 -2.84
N PHE A 260 11.16 -0.78 -3.29
CA PHE A 260 12.61 -0.80 -3.15
C PHE A 260 13.08 -0.18 -1.83
N LEU A 261 12.34 0.81 -1.31
CA LEU A 261 12.76 1.55 -0.13
C LEU A 261 11.67 1.46 0.93
N ASN A 262 12.10 1.56 2.21
CA ASN A 262 11.23 1.74 3.35
C ASN A 262 10.85 3.21 3.52
N GLU A 263 10.13 3.54 4.59
CA GLU A 263 9.58 4.88 4.80
C GLU A 263 10.69 5.91 5.05
N ASP A 264 11.92 5.44 5.41
CA ASP A 264 13.07 6.31 5.62
C ASP A 264 13.98 6.35 4.39
N ASP A 265 13.50 5.85 3.24
CA ASP A 265 14.21 5.94 1.96
C ASP A 265 15.49 5.09 1.97
N LYS A 266 15.42 3.90 2.58
CA LYS A 266 16.52 2.97 2.64
C LYS A 266 15.99 1.59 2.27
N PRO A 267 16.77 0.79 1.53
CA PRO A 267 16.40 -0.61 1.31
C PRO A 267 16.04 -1.25 2.64
N HIS A 268 15.14 -2.23 2.61
CA HIS A 268 14.51 -2.70 3.83
C HIS A 268 15.53 -3.43 4.70
N ASN A 269 16.36 -4.23 4.03
CA ASN A 269 17.37 -5.03 4.71
C ASN A 269 18.41 -5.44 3.66
N PRO A 270 19.60 -5.93 4.11
CA PRO A 270 20.63 -6.44 3.19
C PRO A 270 20.31 -7.71 2.41
N MET A 271 19.17 -8.35 2.70
CA MET A 271 18.91 -9.67 2.15
C MET A 271 18.10 -9.56 0.87
N VAL A 272 17.64 -8.34 0.55
CA VAL A 272 16.96 -8.11 -0.72
C VAL A 272 17.92 -7.36 -1.65
N ASN A 273 17.63 -7.46 -2.97
CA ASN A 273 18.49 -6.96 -4.02
C ASN A 273 18.84 -5.49 -3.78
N ALA A 274 17.85 -4.65 -3.47
CA ALA A 274 18.12 -3.24 -3.29
C ALA A 274 19.05 -2.99 -2.10
N GLY A 275 18.89 -3.80 -1.04
CA GLY A 275 19.74 -3.77 0.14
C GLY A 275 21.17 -4.22 -0.20
N ALA A 276 21.27 -5.30 -1.00
CA ALA A 276 22.55 -5.93 -1.30
C ALA A 276 23.38 -5.07 -2.27
N ILE A 277 22.69 -4.32 -3.14
CA ILE A 277 23.31 -3.37 -4.05
C ILE A 277 23.91 -2.23 -3.23
N VAL A 278 23.16 -1.73 -2.25
CA VAL A 278 23.72 -0.68 -1.41
C VAL A 278 24.92 -1.22 -0.62
N VAL A 279 24.75 -2.36 0.09
CA VAL A 279 25.84 -2.98 0.83
C VAL A 279 27.06 -3.15 -0.07
N THR A 280 26.87 -3.61 -1.30
CA THR A 280 27.97 -3.76 -2.24
C THR A 280 28.74 -2.45 -2.46
N SER A 281 28.02 -1.30 -2.47
CA SER A 281 28.65 0.00 -2.69
C SER A 281 29.45 0.48 -1.48
N LEU A 282 29.25 -0.15 -0.32
CA LEU A 282 29.92 0.22 0.93
C LEU A 282 31.35 -0.32 1.01
N ILE A 283 31.62 -1.41 0.27
CA ILE A 283 32.77 -2.26 0.48
C ILE A 283 34.00 -1.73 -0.27
N LYS A 284 35.11 -1.56 0.46
CA LYS A 284 36.41 -1.21 -0.11
C LYS A 284 36.27 0.01 -1.03
N GLN A 285 35.66 1.08 -0.54
CA GLN A 285 35.41 2.24 -1.39
C GLN A 285 36.74 2.88 -1.87
N GLY A 286 36.66 3.55 -3.03
CA GLY A 286 37.80 4.25 -3.61
C GLY A 286 38.96 3.34 -4.04
N VAL A 287 38.66 2.13 -4.54
CA VAL A 287 39.59 1.38 -5.36
C VAL A 287 38.79 0.83 -6.54
N ASN A 288 39.44 0.24 -7.54
CA ASN A 288 38.71 -0.23 -8.70
C ASN A 288 38.03 -1.57 -8.38
N ASN A 289 37.17 -2.02 -9.31
CA ASN A 289 36.32 -3.18 -9.09
C ASN A 289 37.16 -4.45 -9.02
N ALA A 290 38.28 -4.49 -9.76
CA ALA A 290 39.16 -5.65 -9.74
C ALA A 290 39.75 -5.88 -8.34
N GLU A 291 40.21 -4.81 -7.67
CA GLU A 291 40.78 -4.90 -6.33
C GLU A 291 39.72 -5.22 -5.30
N LYS A 292 38.52 -4.65 -5.50
CA LYS A 292 37.38 -4.91 -4.63
C LYS A 292 37.02 -6.38 -4.71
N PHE A 293 36.91 -6.90 -5.94
CA PHE A 293 36.56 -8.30 -6.17
C PHE A 293 37.58 -9.22 -5.49
N ASP A 294 38.88 -8.89 -5.63
CA ASP A 294 39.99 -9.63 -5.04
C ASP A 294 39.90 -9.65 -3.52
N TYR A 295 39.59 -8.48 -2.96
CA TYR A 295 39.47 -8.38 -1.51
C TYR A 295 38.39 -9.31 -1.00
N VAL A 296 37.21 -9.30 -1.66
CA VAL A 296 36.09 -10.12 -1.23
C VAL A 296 36.40 -11.60 -1.40
N MET A 297 37.08 -11.93 -2.51
CA MET A 297 37.49 -13.30 -2.79
C MET A 297 38.49 -13.81 -1.75
N GLN A 298 39.44 -12.95 -1.31
CA GLN A 298 40.32 -13.29 -0.20
C GLN A 298 39.54 -13.55 1.09
N PHE A 299 38.57 -12.68 1.42
CA PHE A 299 37.75 -12.84 2.61
C PHE A 299 36.98 -14.17 2.54
N LEU A 300 36.35 -14.45 1.39
CA LEU A 300 35.61 -15.69 1.23
C LEU A 300 36.50 -16.92 1.44
N ASN A 301 37.76 -16.89 0.94
CA ASN A 301 38.75 -17.94 1.15
C ASN A 301 39.01 -18.22 2.64
N LYS A 302 39.22 -17.18 3.45
CA LYS A 302 39.43 -17.42 4.88
C LYS A 302 38.15 -17.98 5.50
N MET A 303 36.99 -17.46 5.11
CA MET A 303 35.71 -17.96 5.61
C MET A 303 35.56 -19.45 5.31
N ALA A 304 36.06 -19.89 4.13
CA ALA A 304 35.92 -21.30 3.75
C ALA A 304 37.12 -22.13 4.19
N GLY A 305 38.04 -21.54 4.97
CA GLY A 305 39.29 -22.17 5.35
C GLY A 305 40.06 -22.72 4.14
N ASN A 306 40.08 -21.90 3.07
CA ASN A 306 40.85 -22.11 1.83
C ASN A 306 40.28 -23.24 0.98
N GLU A 307 39.02 -23.64 1.20
CA GLU A 307 38.40 -24.62 0.33
C GLU A 307 37.85 -23.84 -0.87
N TYR A 308 37.23 -24.59 -1.78
CA TYR A 308 36.97 -24.13 -3.14
C TYR A 308 36.07 -22.89 -3.14
N VAL A 309 36.64 -21.82 -3.73
CA VAL A 309 35.90 -20.66 -4.19
C VAL A 309 36.38 -20.31 -5.60
N GLY A 310 35.42 -20.10 -6.51
CA GLY A 310 35.71 -19.67 -7.88
C GLY A 310 34.75 -18.60 -8.38
N PHE A 311 34.59 -18.57 -9.71
CA PHE A 311 33.83 -17.54 -10.38
C PHE A 311 33.35 -18.03 -11.74
N SER A 312 32.07 -17.76 -12.06
CA SER A 312 31.49 -18.17 -13.33
C SER A 312 31.30 -16.95 -14.23
N ASN A 313 32.23 -16.74 -15.16
CA ASN A 313 32.15 -15.61 -16.08
C ASN A 313 30.92 -15.75 -16.98
N ALA A 314 30.53 -16.99 -17.33
CA ALA A 314 29.33 -17.19 -18.13
C ALA A 314 28.10 -16.62 -17.42
N THR A 315 27.94 -16.99 -16.13
CA THR A 315 26.89 -16.45 -15.27
C THR A 315 26.99 -14.92 -15.18
N PHE A 316 28.18 -14.40 -14.87
CA PHE A 316 28.31 -12.96 -14.74
C PHE A 316 27.74 -12.26 -15.99
N GLN A 317 28.10 -12.75 -17.19
CA GLN A 317 27.69 -12.14 -18.46
C GLN A 317 26.16 -12.19 -18.65
N SER A 318 25.55 -13.33 -18.34
CA SER A 318 24.11 -13.48 -18.45
C SER A 318 23.35 -12.59 -17.46
N GLU A 319 23.90 -12.43 -16.25
CA GLU A 319 23.31 -11.59 -15.21
C GLU A 319 23.28 -10.13 -15.62
N ARG A 320 24.39 -9.61 -16.16
CA ARG A 320 24.47 -8.21 -16.52
C ARG A 320 23.52 -7.95 -17.71
N GLU A 321 23.43 -8.92 -18.63
CA GLU A 321 22.62 -8.82 -19.84
C GLU A 321 21.13 -8.77 -19.51
N SER A 322 20.69 -9.55 -18.52
CA SER A 322 19.27 -9.70 -18.21
C SER A 322 18.87 -9.05 -16.88
N GLY A 323 19.72 -8.21 -16.28
CA GLY A 323 19.45 -7.65 -14.97
C GLY A 323 18.78 -6.28 -15.05
N ASP A 324 17.65 -6.20 -15.77
CA ASP A 324 16.96 -4.94 -15.99
C ASP A 324 16.30 -4.46 -14.71
N ARG A 325 15.81 -5.40 -13.91
CA ARG A 325 15.28 -5.05 -12.60
C ARG A 325 16.36 -4.45 -11.71
N ASN A 326 17.60 -4.98 -11.76
CA ASN A 326 18.64 -4.45 -10.88
C ASN A 326 19.13 -3.09 -11.38
N PHE A 327 19.06 -2.84 -12.69
CA PHE A 327 19.34 -1.50 -13.22
C PHE A 327 18.26 -0.52 -12.78
N ALA A 328 17.02 -0.99 -12.72
CA ALA A 328 15.92 -0.14 -12.27
C ALA A 328 16.15 0.25 -10.81
N ILE A 329 16.59 -0.72 -10.02
CA ILE A 329 16.89 -0.47 -8.60
C ILE A 329 18.03 0.54 -8.48
N GLY A 330 19.09 0.35 -9.28
CA GLY A 330 20.25 1.21 -9.19
C GLY A 330 19.88 2.66 -9.48
N TYR A 331 19.09 2.88 -10.54
CA TYR A 331 18.75 4.25 -10.89
C TYR A 331 17.81 4.85 -9.83
N TYR A 332 16.86 4.06 -9.29
CA TYR A 332 16.00 4.52 -8.21
C TYR A 332 16.82 4.93 -6.97
N LEU A 333 17.80 4.11 -6.57
CA LEU A 333 18.67 4.36 -5.44
C LEU A 333 19.50 5.60 -5.68
N LYS A 334 19.97 5.76 -6.92
CA LYS A 334 20.75 6.93 -7.31
C LYS A 334 19.92 8.20 -7.14
N GLU A 335 18.71 8.20 -7.74
CA GLU A 335 17.77 9.30 -7.67
C GLU A 335 17.52 9.69 -6.21
N LYS A 336 17.28 8.65 -5.39
CA LYS A 336 16.79 8.88 -4.04
C LYS A 336 17.95 9.08 -3.08
N LYS A 337 19.20 9.09 -3.61
CA LYS A 337 20.44 9.45 -2.90
C LYS A 337 20.80 8.44 -1.80
N CYS A 338 20.68 7.15 -2.11
CA CYS A 338 20.89 6.07 -1.15
C CYS A 338 22.33 5.58 -1.08
N PHE A 339 23.16 5.94 -2.06
CA PHE A 339 24.53 5.46 -2.18
C PHE A 339 25.49 6.39 -1.43
N PRO A 340 26.63 5.86 -0.91
CA PRO A 340 27.65 6.75 -0.36
C PRO A 340 28.20 7.73 -1.42
N GLU A 341 28.61 8.91 -0.93
CA GLU A 341 29.08 10.03 -1.75
C GLU A 341 30.18 9.58 -2.71
N GLY A 342 30.05 9.96 -3.99
CA GLY A 342 31.05 9.69 -5.01
C GLY A 342 30.97 8.28 -5.58
N THR A 343 29.77 7.67 -5.52
CA THR A 343 29.53 6.32 -5.98
C THR A 343 29.36 6.33 -7.50
N ASP A 344 29.97 5.37 -8.20
CA ASP A 344 29.69 5.10 -9.60
C ASP A 344 28.71 3.92 -9.68
N MET A 345 27.43 4.24 -9.87
CA MET A 345 26.36 3.29 -9.64
C MET A 345 26.46 2.12 -10.63
N VAL A 346 26.70 2.44 -11.90
CA VAL A 346 26.81 1.43 -12.95
C VAL A 346 27.95 0.45 -12.66
N GLY A 347 29.07 0.97 -12.15
CA GLY A 347 30.16 0.13 -11.68
C GLY A 347 29.79 -0.79 -10.51
N ILE A 348 29.04 -0.27 -9.54
CA ILE A 348 28.59 -1.10 -8.44
C ILE A 348 27.71 -2.24 -8.98
N LEU A 349 26.89 -1.98 -9.99
CA LEU A 349 26.07 -3.04 -10.53
C LEU A 349 26.93 -4.13 -11.15
N ASP A 350 28.02 -3.73 -11.83
CA ASP A 350 28.98 -4.70 -12.35
C ASP A 350 29.54 -5.57 -11.21
N PHE A 351 30.00 -4.93 -10.13
CA PHE A 351 30.53 -5.64 -8.97
C PHE A 351 29.46 -6.53 -8.33
N TYR A 352 28.24 -6.02 -8.22
CA TYR A 352 27.13 -6.75 -7.64
C TYR A 352 26.95 -8.05 -8.44
N PHE A 353 26.90 -7.95 -9.78
CA PHE A 353 26.71 -9.12 -10.62
C PHE A 353 27.91 -10.07 -10.51
N GLN A 354 29.09 -9.50 -10.25
CA GLN A 354 30.26 -10.35 -10.11
C GLN A 354 30.09 -11.19 -8.85
N LEU A 355 29.66 -10.54 -7.77
CA LEU A 355 29.59 -11.20 -6.48
C LEU A 355 28.57 -12.33 -6.55
N CYS A 356 27.49 -12.14 -7.31
CA CYS A 356 26.45 -13.16 -7.40
C CYS A 356 26.96 -14.38 -8.17
N SER A 357 27.99 -14.19 -9.00
CA SER A 357 28.49 -15.23 -9.90
C SER A 357 29.66 -16.03 -9.31
N ILE A 358 30.01 -15.76 -8.06
CA ILE A 358 31.05 -16.49 -7.34
C ILE A 358 30.56 -17.91 -7.06
N GLU A 359 31.46 -18.86 -7.31
CA GLU A 359 31.16 -20.27 -7.16
C GLU A 359 31.71 -20.81 -5.84
N VAL A 360 30.95 -21.78 -5.30
CA VAL A 360 31.36 -22.62 -4.18
C VAL A 360 30.89 -24.05 -4.47
N THR A 361 31.28 -25.00 -3.59
CA THR A 361 30.69 -26.33 -3.53
C THR A 361 29.91 -26.41 -2.22
N CYS A 362 29.16 -27.50 -2.02
CA CYS A 362 28.53 -27.72 -0.73
C CYS A 362 29.57 -27.76 0.39
N GLU A 363 30.71 -28.42 0.10
CA GLU A 363 31.76 -28.61 1.09
C GLU A 363 32.34 -27.27 1.55
N SER A 364 32.76 -26.41 0.63
CA SER A 364 33.43 -25.17 0.99
C SER A 364 32.43 -24.22 1.62
N ALA A 365 31.23 -24.11 1.03
CA ALA A 365 30.15 -23.32 1.61
C ALA A 365 29.83 -23.71 3.05
N SER A 366 29.79 -25.01 3.34
CA SER A 366 29.43 -25.47 4.67
C SER A 366 30.41 -24.89 5.70
N VAL A 367 31.69 -24.75 5.32
CA VAL A 367 32.71 -24.15 6.16
C VAL A 367 32.47 -22.65 6.38
N MET A 368 32.06 -21.93 5.33
CA MET A 368 31.68 -20.52 5.44
C MET A 368 30.55 -20.40 6.46
N ALA A 369 29.52 -21.27 6.36
CA ALA A 369 28.41 -21.29 7.30
C ALA A 369 28.87 -21.59 8.73
N ALA A 370 29.86 -22.49 8.89
CA ALA A 370 30.40 -22.84 10.20
C ALA A 370 31.18 -21.67 10.83
N THR A 371 31.83 -20.85 10.00
CA THR A 371 32.50 -19.64 10.48
C THR A 371 31.46 -18.76 11.17
N LEU A 372 30.26 -18.64 10.58
CA LEU A 372 29.20 -17.83 11.17
C LEU A 372 28.65 -18.55 12.39
N ALA A 373 28.63 -19.89 12.38
CA ALA A 373 28.13 -20.64 13.53
C ALA A 373 29.10 -20.56 14.71
N ASN A 374 30.37 -20.23 14.43
CA ASN A 374 31.46 -20.27 15.40
C ASN A 374 31.92 -18.86 15.80
N GLY A 375 31.03 -17.87 15.79
CA GLY A 375 31.36 -16.52 16.26
C GLY A 375 32.45 -15.80 15.46
N GLY A 376 32.66 -16.17 14.19
CA GLY A 376 33.58 -15.45 13.31
C GLY A 376 34.93 -16.14 13.15
N PHE A 377 35.10 -17.29 13.82
CA PHE A 377 36.33 -18.06 13.76
C PHE A 377 36.16 -19.22 12.79
N CYS A 378 37.02 -19.32 11.77
CA CYS A 378 36.94 -20.46 10.86
C CYS A 378 37.27 -21.75 11.62
N PRO A 379 36.33 -22.72 11.69
CA PRO A 379 36.54 -23.91 12.52
C PRO A 379 37.65 -24.86 12.10
N ILE A 380 38.11 -24.81 10.83
CA ILE A 380 39.14 -25.74 10.38
C ILE A 380 40.51 -25.06 10.26
N THR A 381 40.63 -23.74 10.48
CA THR A 381 41.95 -23.11 10.50
C THR A 381 42.25 -22.43 11.84
N GLY A 382 41.21 -22.13 12.64
CA GLY A 382 41.36 -21.42 13.90
C GLY A 382 41.40 -19.90 13.74
N GLU A 383 41.41 -19.42 12.49
CA GLU A 383 41.56 -18.00 12.25
C GLU A 383 40.25 -17.25 12.52
N ARG A 384 40.37 -16.10 13.21
CA ARG A 384 39.32 -15.09 13.35
C ARG A 384 39.15 -14.35 12.03
N VAL A 385 37.96 -14.53 11.41
CA VAL A 385 37.68 -14.00 10.08
C VAL A 385 36.78 -12.77 10.16
N LEU A 386 35.81 -12.78 11.09
CA LEU A 386 34.84 -11.69 11.25
C LEU A 386 34.73 -11.32 12.72
N SER A 387 34.43 -10.04 12.97
CA SER A 387 34.07 -9.56 14.30
C SER A 387 32.77 -10.22 14.80
N PRO A 388 32.58 -10.36 16.13
CA PRO A 388 31.32 -10.88 16.69
C PRO A 388 30.05 -10.06 16.35
N GLU A 389 30.22 -8.75 16.16
CA GLU A 389 29.21 -7.80 15.69
C GLU A 389 28.70 -8.20 14.29
N ALA A 390 29.66 -8.38 13.38
CA ALA A 390 29.35 -8.75 12.03
C ALA A 390 28.56 -10.07 11.99
N VAL A 391 28.96 -11.04 12.81
CA VAL A 391 28.33 -12.37 12.76
C VAL A 391 26.94 -12.30 13.39
N ARG A 392 26.78 -11.60 14.53
CA ARG A 392 25.48 -11.51 15.18
C ARG A 392 24.46 -10.80 14.28
N ASN A 393 24.87 -9.66 13.70
CA ASN A 393 24.01 -8.88 12.82
C ASN A 393 23.56 -9.73 11.62
N THR A 394 24.48 -10.53 11.08
CA THR A 394 24.27 -11.32 9.87
C THR A 394 23.29 -12.44 10.18
N LEU A 395 23.46 -13.11 11.33
CA LEU A 395 22.57 -14.20 11.71
C LEU A 395 21.16 -13.71 12.04
N SER A 396 21.05 -12.54 12.70
CA SER A 396 19.75 -11.92 12.97
C SER A 396 18.98 -11.68 11.67
N LEU A 397 19.64 -11.07 10.66
CA LEU A 397 19.00 -10.67 9.42
C LEU A 397 18.73 -11.87 8.50
N MET A 398 19.48 -12.96 8.65
CA MET A 398 19.21 -14.22 7.96
C MET A 398 17.99 -14.90 8.57
N HIS A 399 17.86 -14.80 9.90
CA HIS A 399 16.73 -15.36 10.63
C HIS A 399 15.40 -14.84 10.06
N SER A 400 15.30 -13.52 9.89
CA SER A 400 14.06 -12.83 9.60
C SER A 400 13.82 -12.58 8.10
N CYS A 401 14.88 -12.39 7.30
CA CYS A 401 14.80 -11.91 5.93
C CYS A 401 15.47 -12.86 4.91
N GLY A 402 15.84 -14.09 5.29
CA GLY A 402 16.78 -14.87 4.49
C GLY A 402 16.19 -15.71 3.36
N MET A 403 14.87 -15.99 3.40
CA MET A 403 14.27 -17.03 2.57
C MET A 403 13.19 -16.44 1.68
N TYR A 404 13.44 -15.24 1.16
CA TYR A 404 12.49 -14.58 0.29
C TYR A 404 11.18 -14.45 1.04
N ASP A 405 10.03 -14.65 0.34
CA ASP A 405 8.71 -14.51 0.94
C ASP A 405 8.36 -15.63 1.92
N PHE A 406 9.21 -16.66 1.99
CA PHE A 406 9.03 -17.71 2.97
C PHE A 406 9.74 -17.37 4.28
N SER A 407 10.39 -16.20 4.35
CA SER A 407 11.22 -15.86 5.51
C SER A 407 10.44 -16.01 6.83
N GLY A 408 9.22 -15.49 6.93
CA GLY A 408 8.50 -15.50 8.19
C GLY A 408 8.02 -16.90 8.62
N GLN A 409 7.57 -17.71 7.65
CA GLN A 409 7.20 -19.11 7.86
C GLN A 409 8.39 -19.95 8.29
N PHE A 410 9.54 -19.74 7.64
CA PHE A 410 10.77 -20.43 7.94
C PHE A 410 11.23 -20.08 9.36
N ALA A 411 11.28 -18.79 9.70
CA ALA A 411 11.63 -18.35 11.05
C ALA A 411 10.77 -19.06 12.09
N PHE A 412 9.46 -19.10 11.81
CA PHE A 412 8.51 -19.73 12.69
C PHE A 412 8.81 -21.22 12.79
N HIS A 413 8.84 -21.97 11.68
CA HIS A 413 8.80 -23.42 11.79
C HIS A 413 10.21 -24.00 11.96
N VAL A 414 11.23 -23.39 11.33
CA VAL A 414 12.58 -23.92 11.37
C VAL A 414 13.41 -23.17 12.41
N GLY A 415 13.28 -21.85 12.41
CA GLY A 415 13.93 -21.02 13.41
C GLY A 415 15.44 -21.17 13.43
N LEU A 416 16.07 -21.13 12.26
CA LEU A 416 17.52 -21.10 12.12
C LEU A 416 17.86 -19.98 11.15
N PRO A 417 19.01 -19.27 11.29
CA PRO A 417 19.45 -18.35 10.25
C PRO A 417 19.77 -19.11 8.97
N ALA A 418 19.16 -18.70 7.86
CA ALA A 418 19.47 -19.36 6.59
C ALA A 418 19.36 -18.37 5.44
N LYS A 419 20.12 -18.63 4.37
CA LYS A 419 19.97 -17.85 3.16
C LYS A 419 19.91 -18.76 1.93
N SER A 420 18.94 -18.50 1.06
CA SER A 420 18.75 -19.30 -0.14
C SER A 420 19.17 -18.51 -1.39
N GLY A 421 19.45 -19.23 -2.47
CA GLY A 421 19.83 -18.66 -3.75
C GLY A 421 19.21 -19.38 -4.94
N VAL A 422 19.19 -18.72 -6.09
CA VAL A 422 18.36 -19.16 -7.21
C VAL A 422 18.98 -20.38 -7.89
N ALA A 423 20.26 -20.65 -7.62
CA ALA A 423 20.95 -21.85 -8.11
C ALA A 423 20.56 -23.07 -7.27
N GLY A 424 19.84 -22.89 -6.17
CA GLY A 424 19.35 -24.02 -5.42
C GLY A 424 20.08 -24.21 -4.08
N GLY A 425 20.97 -23.27 -3.71
CA GLY A 425 21.71 -23.37 -2.47
C GLY A 425 20.86 -22.94 -1.29
N ILE A 426 21.06 -23.57 -0.12
CA ILE A 426 20.60 -22.97 1.13
C ILE A 426 21.74 -22.96 2.14
N LEU A 427 22.28 -21.77 2.39
CA LEU A 427 23.28 -21.57 3.43
C LEU A 427 22.58 -21.61 4.78
N LEU A 428 22.97 -22.53 5.64
CA LEU A 428 22.26 -22.75 6.90
C LEU A 428 23.20 -22.74 8.11
N VAL A 429 22.85 -21.96 9.14
CA VAL A 429 23.67 -21.90 10.33
C VAL A 429 22.87 -22.46 11.52
N VAL A 430 23.51 -23.32 12.32
CA VAL A 430 22.93 -23.74 13.59
C VAL A 430 23.87 -23.19 14.66
N PRO A 431 23.58 -21.98 15.19
CA PRO A 431 24.54 -21.25 16.04
C PRO A 431 25.12 -22.12 17.13
N ASN A 432 26.45 -22.04 17.30
CA ASN A 432 27.20 -22.75 18.34
C ASN A 432 27.30 -24.26 18.08
N VAL A 433 26.90 -24.74 16.89
CA VAL A 433 26.85 -26.17 16.63
C VAL A 433 27.50 -26.50 15.29
N MET A 434 26.97 -25.94 14.19
CA MET A 434 27.46 -26.26 12.85
C MET A 434 26.96 -25.30 11.78
N GLY A 435 27.66 -25.35 10.63
CA GLY A 435 27.21 -24.82 9.35
C GLY A 435 26.86 -25.93 8.35
N MET A 436 25.90 -25.65 7.45
CA MET A 436 25.50 -26.55 6.38
C MET A 436 25.38 -25.75 5.09
N MET A 437 25.61 -26.45 3.98
CA MET A 437 25.09 -26.07 2.69
C MET A 437 24.29 -27.23 2.13
N CYS A 438 23.04 -26.97 1.75
CA CYS A 438 22.22 -27.91 1.00
C CYS A 438 22.10 -27.34 -0.41
N TRP A 439 22.11 -28.20 -1.43
CA TRP A 439 22.04 -27.74 -2.80
C TRP A 439 21.24 -28.73 -3.65
N SER A 440 20.10 -28.27 -4.17
CA SER A 440 19.32 -28.97 -5.17
C SER A 440 18.69 -27.92 -6.06
N PRO A 441 19.05 -27.89 -7.36
CA PRO A 441 18.61 -26.81 -8.26
C PRO A 441 17.11 -26.49 -8.39
N PRO A 442 16.16 -27.46 -8.29
CA PRO A 442 14.74 -27.16 -8.44
C PRO A 442 14.13 -26.37 -7.27
N LEU A 443 13.57 -25.20 -7.63
CA LEU A 443 13.00 -24.24 -6.69
C LEU A 443 11.49 -24.40 -6.63
N ASP A 444 10.92 -24.07 -5.47
CA ASP A 444 9.48 -24.01 -5.29
C ASP A 444 9.01 -22.64 -5.81
N LYS A 445 7.75 -22.31 -5.56
CA LYS A 445 7.05 -21.20 -6.20
C LYS A 445 7.59 -19.88 -5.64
N MET A 446 8.11 -19.97 -4.39
CA MET A 446 8.73 -18.89 -3.65
C MET A 446 10.19 -18.63 -4.08
N GLY A 447 10.89 -19.63 -4.67
CA GLY A 447 12.29 -19.46 -5.10
C GLY A 447 13.33 -20.25 -4.27
N ASN A 448 12.84 -21.05 -3.33
CA ASN A 448 13.67 -21.85 -2.42
C ASN A 448 13.73 -23.31 -2.88
N SER A 449 14.90 -23.92 -2.71
CA SER A 449 15.09 -25.31 -3.09
C SER A 449 14.06 -26.19 -2.42
N VAL A 450 13.35 -27.02 -3.21
CA VAL A 450 12.33 -27.91 -2.68
C VAL A 450 12.95 -28.86 -1.65
N LYS A 451 14.00 -29.61 -2.06
CA LYS A 451 14.68 -30.59 -1.21
C LYS A 451 15.37 -29.94 -0.01
N GLY A 452 16.08 -28.82 -0.22
CA GLY A 452 16.69 -28.12 0.89
C GLY A 452 15.66 -27.73 1.94
N ILE A 453 14.54 -27.14 1.50
CA ILE A 453 13.44 -26.76 2.37
C ILE A 453 12.90 -27.98 3.12
N HIS A 454 12.64 -29.09 2.41
CA HIS A 454 12.17 -30.32 3.06
C HIS A 454 13.18 -30.80 4.11
N PHE A 455 14.47 -30.87 3.73
CA PHE A 455 15.54 -31.25 4.63
C PHE A 455 15.58 -30.40 5.90
N CYS A 456 15.58 -29.06 5.74
CA CYS A 456 15.62 -28.14 6.86
C CYS A 456 14.46 -28.39 7.83
N HIS A 457 13.27 -28.77 7.30
CA HIS A 457 12.12 -29.04 8.16
C HIS A 457 12.38 -30.29 8.98
N ASP A 458 12.82 -31.35 8.30
CA ASP A 458 13.10 -32.62 8.93
C ASP A 458 14.19 -32.46 9.98
N LEU A 459 15.24 -31.71 9.64
CA LEU A 459 16.38 -31.54 10.52
C LEU A 459 15.90 -31.05 11.87
N VAL A 460 15.06 -29.99 11.87
CA VAL A 460 14.56 -29.39 13.10
C VAL A 460 13.40 -30.18 13.72
N SER A 461 12.68 -31.04 12.96
CA SER A 461 11.77 -32.01 13.56
C SER A 461 12.52 -32.98 14.48
N LEU A 462 13.69 -33.42 14.01
CA LEU A 462 14.48 -34.46 14.66
C LEU A 462 15.24 -33.92 15.88
N CYS A 463 15.90 -32.76 15.71
CA CYS A 463 16.89 -32.27 16.67
C CYS A 463 16.43 -30.96 17.28
N ASN A 464 16.83 -30.69 18.53
CA ASN A 464 16.34 -29.55 19.26
C ASN A 464 17.15 -28.31 18.90
N PHE A 465 17.18 -27.99 17.59
CA PHE A 465 18.04 -26.95 17.05
C PHE A 465 17.34 -25.64 16.77
N HIS A 466 15.99 -25.61 16.77
CA HIS A 466 15.25 -24.37 16.63
C HIS A 466 15.83 -23.36 17.63
N ASN A 467 15.82 -22.07 17.26
CA ASN A 467 16.36 -21.03 18.12
C ASN A 467 15.60 -20.91 19.44
N TYR A 468 14.37 -21.42 19.49
CA TYR A 468 13.51 -21.32 20.67
C TYR A 468 13.03 -22.68 21.14
N ASP A 469 13.75 -23.74 20.74
CA ASP A 469 13.76 -25.01 21.45
C ASP A 469 14.49 -24.80 22.78
N ASN A 470 14.05 -25.56 23.79
CA ASN A 470 14.63 -25.49 25.13
C ASN A 470 15.66 -26.63 25.24
N LEU A 471 16.76 -26.37 25.96
CA LEU A 471 17.87 -27.29 26.09
C LEU A 471 17.64 -28.34 27.19
N ARG A 472 16.67 -28.17 28.10
CA ARG A 472 16.38 -29.18 29.12
C ARG A 472 15.10 -29.95 28.80
N HIS A 473 14.02 -29.24 28.44
CA HIS A 473 12.72 -29.86 28.23
C HIS A 473 12.31 -29.63 26.78
N PHE A 474 12.57 -30.66 25.94
CA PHE A 474 12.46 -30.56 24.48
C PHE A 474 11.65 -31.74 23.91
N ALA A 475 10.90 -32.47 24.75
CA ALA A 475 9.96 -33.50 24.30
C ALA A 475 10.72 -34.77 23.88
N LYS A 476 10.31 -35.38 22.75
CA LYS A 476 10.96 -36.57 22.22
C LYS A 476 11.88 -36.20 21.04
N LYS A 477 12.36 -34.95 21.01
CA LYS A 477 13.41 -34.55 20.08
C LYS A 477 14.78 -35.07 20.52
N LEU A 478 15.66 -35.22 19.52
CA LEU A 478 17.04 -35.66 19.69
C LEU A 478 17.95 -34.44 19.94
N ASP A 479 18.75 -34.45 21.02
CA ASP A 479 19.80 -33.44 21.20
C ASP A 479 21.16 -34.06 20.89
N PRO A 480 21.76 -33.78 19.70
CA PRO A 480 23.04 -34.37 19.31
C PRO A 480 24.29 -33.88 20.03
N ARG A 481 24.16 -32.87 20.90
CA ARG A 481 25.25 -32.41 21.75
C ARG A 481 25.50 -33.25 22.99
N ARG A 482 24.72 -34.32 23.22
CA ARG A 482 24.82 -35.11 24.46
C ARG A 482 25.74 -36.33 24.27
N LEU B 77 -24.95 38.87 -49.45
CA LEU B 77 -24.04 38.59 -48.29
C LEU B 77 -23.05 39.74 -48.12
N GLU B 78 -22.21 39.91 -49.17
CA GLU B 78 -21.20 40.96 -49.25
C GLU B 78 -21.87 42.32 -49.10
N ASP B 79 -23.07 42.42 -49.71
CA ASP B 79 -23.86 43.65 -49.75
C ASP B 79 -24.53 43.90 -48.39
N LEU B 80 -25.14 42.85 -47.82
CA LEU B 80 -25.85 42.94 -46.54
C LEU B 80 -24.93 43.43 -45.43
N LEU B 81 -23.71 42.88 -45.43
CA LEU B 81 -22.67 43.24 -44.48
C LEU B 81 -22.15 44.66 -44.74
N PHE B 82 -22.22 45.11 -46.00
CA PHE B 82 -21.89 46.50 -46.32
C PHE B 82 -22.86 47.44 -45.59
N TYR B 83 -24.15 47.07 -45.52
CA TYR B 83 -25.17 47.92 -44.90
C TYR B 83 -25.03 47.89 -43.37
N THR B 84 -24.52 46.77 -42.81
CA THR B 84 -24.25 46.69 -41.37
C THR B 84 -23.14 47.64 -40.96
N ILE B 85 -22.08 47.75 -41.78
CA ILE B 85 -20.86 48.44 -41.38
C ILE B 85 -20.91 49.90 -41.85
N ALA B 86 -21.60 50.16 -42.96
CA ALA B 86 -21.79 51.52 -43.46
C ALA B 86 -22.84 52.22 -42.59
N GLU B 87 -24.09 51.74 -42.64
CA GLU B 87 -25.25 52.35 -41.98
C GLU B 87 -25.22 53.87 -42.21
N GLY B 88 -25.67 54.32 -43.38
CA GLY B 88 -25.50 55.70 -43.78
C GLY B 88 -24.06 55.99 -44.20
N GLN B 89 -23.88 56.95 -45.11
CA GLN B 89 -22.67 57.11 -45.89
C GLN B 89 -22.63 55.92 -46.88
N GLU B 90 -22.18 56.21 -48.12
CA GLU B 90 -22.09 55.21 -49.18
C GLU B 90 -20.66 54.67 -49.29
N LYS B 91 -19.78 55.12 -48.37
CA LYS B 91 -18.38 54.74 -48.34
C LYS B 91 -18.00 54.31 -46.92
N ILE B 92 -17.31 53.16 -46.79
CA ILE B 92 -16.73 52.70 -45.52
C ILE B 92 -15.25 53.08 -45.47
N PRO B 93 -14.78 53.91 -44.51
CA PRO B 93 -13.34 54.07 -44.30
C PRO B 93 -12.71 52.72 -43.94
N VAL B 94 -11.43 52.55 -44.33
CA VAL B 94 -10.75 51.27 -44.20
C VAL B 94 -10.50 50.94 -42.72
N HIS B 95 -10.02 51.93 -41.95
CA HIS B 95 -9.76 51.77 -40.53
C HIS B 95 -11.04 51.38 -39.77
N LYS B 96 -12.19 51.91 -40.20
CA LYS B 96 -13.46 51.62 -39.55
C LYS B 96 -13.78 50.13 -39.68
N PHE B 97 -13.48 49.55 -40.84
CA PHE B 97 -13.73 48.14 -41.07
C PHE B 97 -12.79 47.29 -40.22
N ILE B 98 -11.50 47.67 -40.22
CA ILE B 98 -10.43 46.96 -39.52
C ILE B 98 -10.70 46.98 -38.02
N THR B 99 -11.13 48.13 -37.51
CA THR B 99 -11.28 48.31 -36.07
C THR B 99 -12.56 47.60 -35.58
N ALA B 100 -13.58 47.48 -36.44
CA ALA B 100 -14.73 46.64 -36.12
C ALA B 100 -14.36 45.15 -36.17
N LEU B 101 -13.36 44.81 -37.00
CA LEU B 101 -12.94 43.45 -37.27
C LEU B 101 -12.21 42.92 -36.05
N LYS B 102 -11.26 43.73 -35.56
CA LYS B 102 -10.46 43.43 -34.40
C LYS B 102 -11.33 43.25 -33.14
N SER B 103 -12.41 44.04 -33.06
CA SER B 103 -13.27 44.09 -31.89
C SER B 103 -14.10 42.81 -31.75
N THR B 104 -14.25 42.03 -32.84
CA THR B 104 -14.79 40.67 -32.75
C THR B 104 -13.78 39.74 -32.07
N GLY B 105 -12.50 40.12 -32.10
CA GLY B 105 -11.43 39.32 -31.53
C GLY B 105 -10.66 38.56 -32.58
N LEU B 106 -11.06 38.61 -33.85
CA LEU B 106 -10.16 38.12 -34.88
C LEU B 106 -8.95 39.04 -34.98
N ARG B 107 -7.79 38.46 -35.26
CA ARG B 107 -6.61 39.22 -35.62
C ARG B 107 -6.57 39.39 -37.13
N THR B 108 -5.91 40.45 -37.63
CA THR B 108 -5.88 40.68 -39.08
C THR B 108 -4.96 39.68 -39.79
N SER B 109 -4.05 39.06 -39.03
CA SER B 109 -3.16 38.05 -39.57
C SER B 109 -3.78 36.65 -39.62
N ASP B 110 -5.03 36.49 -39.19
CA ASP B 110 -5.70 35.19 -39.21
C ASP B 110 -5.52 34.58 -40.60
N PRO B 111 -4.99 33.34 -40.71
CA PRO B 111 -4.87 32.67 -42.01
C PRO B 111 -6.15 32.53 -42.83
N ARG B 112 -7.32 32.57 -42.16
CA ARG B 112 -8.58 32.40 -42.88
C ARG B 112 -9.03 33.74 -43.46
N LEU B 113 -8.28 34.82 -43.16
CA LEU B 113 -8.63 36.17 -43.62
C LEU B 113 -7.63 36.69 -44.66
N LYS B 114 -6.73 35.85 -45.19
CA LYS B 114 -5.59 36.35 -45.94
C LYS B 114 -6.01 36.93 -47.31
N GLU B 115 -6.94 36.28 -48.03
CA GLU B 115 -7.46 36.78 -49.31
C GLU B 115 -8.02 38.21 -49.19
N CYS B 116 -8.75 38.47 -48.09
CA CYS B 116 -9.38 39.75 -47.79
C CYS B 116 -8.35 40.82 -47.43
N MET B 117 -7.41 40.51 -46.53
CA MET B 117 -6.36 41.43 -46.16
C MET B 117 -5.38 41.66 -47.31
N ASP B 118 -5.20 40.67 -48.20
CA ASP B 118 -4.36 40.82 -49.39
C ASP B 118 -5.00 41.83 -50.34
N MET B 119 -6.28 41.62 -50.64
CA MET B 119 -7.05 42.50 -51.50
C MET B 119 -7.13 43.91 -50.91
N LEU B 120 -7.13 44.03 -49.58
CA LEU B 120 -7.16 45.32 -48.93
C LEU B 120 -5.83 46.04 -49.07
N ARG B 121 -4.70 45.32 -48.94
CA ARG B 121 -3.40 45.96 -49.05
C ARG B 121 -3.19 46.47 -50.48
N LEU B 122 -3.74 45.74 -51.45
CA LEU B 122 -3.61 46.02 -52.86
C LEU B 122 -4.49 47.21 -53.25
N THR B 123 -5.67 47.32 -52.63
CA THR B 123 -6.55 48.46 -52.84
C THR B 123 -5.85 49.75 -52.40
N LEU B 124 -5.15 49.71 -51.28
CA LEU B 124 -4.47 50.89 -50.75
C LEU B 124 -3.27 51.31 -51.59
N GLN B 125 -2.89 50.54 -52.63
CA GLN B 125 -1.82 50.95 -53.52
C GLN B 125 -2.33 51.15 -54.96
N THR B 126 -3.64 50.98 -55.16
CA THR B 126 -4.27 51.02 -56.48
C THR B 126 -5.07 52.33 -56.58
N THR B 127 -5.22 53.06 -55.46
CA THR B 127 -5.98 54.30 -55.38
C THR B 127 -5.10 55.44 -54.83
N VAL B 131 -8.34 55.56 -49.10
CA VAL B 131 -8.53 55.04 -47.71
C VAL B 131 -10.04 54.88 -47.47
N MET B 132 -10.77 54.35 -48.46
CA MET B 132 -12.22 54.49 -48.51
C MET B 132 -12.79 53.60 -49.61
N LEU B 133 -13.90 52.91 -49.31
CA LEU B 133 -14.40 51.77 -50.08
C LEU B 133 -15.86 51.99 -50.50
N ASP B 134 -16.17 51.81 -51.79
CA ASP B 134 -17.56 51.81 -52.23
C ASP B 134 -18.11 50.38 -52.09
N LYS B 135 -19.39 50.18 -52.42
CA LYS B 135 -20.01 48.86 -52.42
C LYS B 135 -19.22 47.84 -53.23
N ASP B 136 -18.74 48.25 -54.41
CA ASP B 136 -18.16 47.33 -55.38
C ASP B 136 -16.74 46.95 -54.99
N LEU B 137 -16.04 47.87 -54.31
CA LEU B 137 -14.66 47.66 -53.89
C LEU B 137 -14.64 46.78 -52.63
N PHE B 138 -15.65 46.96 -51.78
CA PHE B 138 -15.83 46.15 -50.58
C PHE B 138 -16.23 44.74 -50.99
N LYS B 139 -17.11 44.61 -51.98
CA LYS B 139 -17.45 43.30 -52.52
C LYS B 139 -16.18 42.57 -52.93
N LYS B 140 -15.25 43.29 -53.59
CA LYS B 140 -14.07 42.67 -54.18
C LYS B 140 -13.18 42.08 -53.07
N CYS B 141 -12.99 42.85 -51.99
CA CYS B 141 -12.11 42.49 -50.89
C CYS B 141 -12.60 41.28 -50.08
N VAL B 142 -13.89 41.23 -49.76
CA VAL B 142 -14.35 40.32 -48.73
C VAL B 142 -15.02 39.07 -49.32
N GLN B 143 -15.17 38.96 -50.64
CA GLN B 143 -16.05 37.92 -51.18
C GLN B 143 -15.44 36.51 -51.03
N SER B 144 -14.11 36.43 -50.89
CA SER B 144 -13.43 35.14 -50.73
C SER B 144 -13.58 34.64 -49.29
N ASN B 145 -13.70 35.57 -48.33
CA ASN B 145 -13.76 35.26 -46.90
C ASN B 145 -15.11 35.64 -46.29
N ILE B 146 -16.19 35.64 -47.07
CA ILE B 146 -17.42 36.32 -46.66
C ILE B 146 -18.19 35.50 -45.63
N VAL B 147 -18.06 34.17 -45.66
CA VAL B 147 -18.79 33.34 -44.72
C VAL B 147 -18.34 33.68 -43.29
N LEU B 148 -17.01 33.73 -43.09
CA LEU B 148 -16.39 33.98 -41.79
C LEU B 148 -16.65 35.41 -41.29
N LEU B 149 -16.64 36.40 -42.18
CA LEU B 149 -16.82 37.80 -41.79
C LEU B 149 -18.26 38.06 -41.34
N THR B 150 -19.20 37.34 -41.98
CA THR B 150 -20.62 37.35 -41.68
C THR B 150 -20.86 36.88 -40.24
N GLN B 151 -20.31 35.70 -39.85
CA GLN B 151 -20.43 35.20 -38.49
C GLN B 151 -19.86 36.20 -37.47
N ALA B 152 -18.69 36.80 -37.79
CA ALA B 152 -18.03 37.74 -36.91
C ALA B 152 -18.91 38.97 -36.69
N PHE B 153 -19.59 39.43 -37.75
CA PHE B 153 -20.31 40.69 -37.70
C PHE B 153 -21.76 40.50 -37.26
N ARG B 154 -22.32 39.30 -37.49
CA ARG B 154 -23.63 38.93 -36.95
C ARG B 154 -23.53 38.43 -35.51
N ARG B 155 -22.44 38.75 -34.80
CA ARG B 155 -22.21 38.30 -33.45
C ARG B 155 -22.53 36.80 -33.28
N LYS B 156 -22.08 35.97 -34.22
CA LYS B 156 -22.40 34.55 -34.20
C LYS B 156 -21.25 33.73 -33.64
N PHE B 157 -20.18 34.40 -33.16
CA PHE B 157 -19.09 33.64 -32.56
C PHE B 157 -19.49 33.14 -31.18
N VAL B 158 -18.77 32.10 -30.73
CA VAL B 158 -19.04 31.41 -29.49
C VAL B 158 -19.15 32.40 -28.33
N ILE B 159 -18.27 33.41 -28.29
CA ILE B 159 -18.36 34.53 -27.36
C ILE B 159 -18.65 35.80 -28.17
N PRO B 160 -19.92 36.25 -28.25
CA PRO B 160 -20.26 37.44 -29.04
C PRO B 160 -19.75 38.79 -28.53
N ASP B 161 -19.79 39.03 -27.21
CA ASP B 161 -19.26 40.27 -26.63
C ASP B 161 -17.85 39.99 -26.12
N PHE B 162 -16.94 39.79 -27.08
CA PHE B 162 -15.58 39.41 -26.77
C PHE B 162 -14.85 40.55 -26.05
N MET B 163 -15.17 41.82 -26.37
CA MET B 163 -14.51 42.92 -25.67
C MET B 163 -14.84 42.86 -24.18
N SER B 164 -16.08 42.53 -23.83
CA SER B 164 -16.47 42.47 -22.44
C SER B 164 -15.74 41.33 -21.74
N PHE B 165 -15.67 40.18 -22.43
CA PHE B 165 -14.94 39.02 -21.95
C PHE B 165 -13.48 39.34 -21.63
N THR B 166 -12.73 39.87 -22.61
CA THR B 166 -11.32 40.17 -22.41
C THR B 166 -11.08 41.13 -21.23
N SER B 167 -11.98 42.08 -21.01
CA SER B 167 -11.88 42.94 -19.85
C SER B 167 -11.97 42.12 -18.54
N HIS B 168 -12.83 41.09 -18.53
CA HIS B 168 -12.90 40.15 -17.40
C HIS B 168 -11.61 39.34 -17.25
N ILE B 169 -11.01 38.86 -18.37
CA ILE B 169 -9.78 38.08 -18.30
C ILE B 169 -8.68 38.95 -17.68
N ASP B 170 -8.61 40.21 -18.14
CA ASP B 170 -7.63 41.20 -17.70
C ASP B 170 -7.73 41.42 -16.19
N GLU B 171 -8.96 41.44 -15.65
CA GLU B 171 -9.17 41.65 -14.22
C GLU B 171 -8.64 40.44 -13.46
N LEU B 172 -8.96 39.23 -13.96
CA LEU B 172 -8.51 37.99 -13.34
C LEU B 172 -6.97 37.94 -13.40
N TYR B 173 -6.42 38.30 -14.57
CA TYR B 173 -4.98 38.38 -14.72
C TYR B 173 -4.36 39.23 -13.60
N GLU B 174 -4.90 40.45 -13.40
CA GLU B 174 -4.33 41.40 -12.44
C GLU B 174 -4.47 40.88 -11.02
N SER B 175 -5.52 40.10 -10.78
CA SER B 175 -5.79 39.61 -9.45
C SER B 175 -4.83 38.47 -9.07
N ALA B 176 -4.50 37.63 -10.03
CA ALA B 176 -3.55 36.54 -9.82
C ALA B 176 -2.13 37.07 -9.71
N LYS B 177 -1.92 38.31 -10.18
CA LYS B 177 -0.61 38.95 -10.29
C LYS B 177 -0.08 39.31 -8.91
N LYS B 178 -1.01 39.54 -7.98
CA LYS B 178 -0.73 39.81 -6.58
C LYS B 178 -0.32 38.56 -5.80
N GLN B 179 -0.54 37.35 -6.33
CA GLN B 179 -0.13 36.13 -5.64
C GLN B 179 1.30 35.77 -6.02
N SER B 180 2.29 36.20 -5.24
CA SER B 180 3.67 36.12 -5.70
C SER B 180 4.52 35.09 -4.94
N GLY B 181 3.90 34.18 -4.18
CA GLY B 181 4.59 33.04 -3.59
C GLY B 181 4.80 31.88 -4.59
N GLY B 182 5.22 30.73 -4.06
CA GLY B 182 5.64 29.62 -4.89
C GLY B 182 7.15 29.64 -5.06
N LYS B 183 7.70 28.57 -5.63
CA LYS B 183 9.13 28.44 -5.84
C LYS B 183 9.35 28.02 -7.29
N VAL B 184 10.19 28.77 -8.02
CA VAL B 184 10.59 28.43 -9.38
C VAL B 184 11.34 27.09 -9.35
N ALA B 185 11.12 26.24 -10.36
CA ALA B 185 11.80 24.95 -10.46
C ALA B 185 13.29 25.17 -10.74
N ASP B 186 14.16 24.46 -10.04
CA ASP B 186 15.59 24.77 -10.15
C ASP B 186 16.45 23.53 -10.38
N TYR B 187 15.81 22.34 -10.45
CA TYR B 187 16.54 21.08 -10.48
C TYR B 187 17.48 21.04 -11.69
N ILE B 188 17.18 21.84 -12.73
CA ILE B 188 18.11 22.07 -13.82
C ILE B 188 18.29 23.58 -13.99
N PRO B 189 19.46 24.05 -14.48
CA PRO B 189 19.73 25.48 -14.63
C PRO B 189 18.74 26.31 -15.46
N GLN B 190 18.07 25.67 -16.44
CA GLN B 190 17.25 26.36 -17.43
C GLN B 190 15.87 26.75 -16.89
N LEU B 191 15.38 26.02 -15.87
CA LEU B 191 14.13 26.36 -15.20
C LEU B 191 14.39 27.43 -14.14
N ALA B 192 15.55 27.32 -13.46
CA ALA B 192 15.94 28.15 -12.32
C ALA B 192 16.21 29.59 -12.73
N LYS B 193 16.60 29.81 -14.00
CA LYS B 193 16.99 31.12 -14.48
C LYS B 193 15.76 31.99 -14.76
N PHE B 194 14.56 31.39 -14.95
CA PHE B 194 13.36 32.14 -15.29
C PHE B 194 12.91 32.99 -14.10
N SER B 195 12.56 34.25 -14.40
CA SER B 195 12.11 35.21 -13.40
C SER B 195 10.80 34.74 -12.76
N PRO B 196 10.64 34.88 -11.43
CA PRO B 196 9.35 34.61 -10.77
C PRO B 196 8.19 35.49 -11.18
N ASP B 197 8.45 36.61 -11.87
CA ASP B 197 7.47 37.65 -12.07
C ASP B 197 6.89 37.59 -13.48
N LEU B 198 7.39 36.64 -14.29
CA LEU B 198 6.79 36.34 -15.58
C LEU B 198 5.41 35.70 -15.38
N TRP B 199 4.43 36.25 -16.08
CA TRP B 199 3.05 35.84 -15.90
C TRP B 199 2.28 36.24 -17.14
N GLY B 200 1.80 35.24 -17.89
CA GLY B 200 1.09 35.54 -19.11
C GLY B 200 -0.10 34.63 -19.28
N VAL B 201 -1.15 35.16 -19.91
CA VAL B 201 -2.36 34.41 -20.18
C VAL B 201 -2.81 34.65 -21.62
N SER B 202 -3.00 33.56 -22.39
CA SER B 202 -3.50 33.70 -23.76
C SER B 202 -4.76 32.88 -23.98
N VAL B 203 -5.71 33.46 -24.69
CA VAL B 203 -6.96 32.79 -25.01
C VAL B 203 -7.06 32.63 -26.52
N CYS B 204 -7.62 31.51 -26.94
CA CYS B 204 -8.05 31.35 -28.32
C CYS B 204 -9.40 30.64 -28.31
N THR B 205 -10.48 31.31 -28.75
CA THR B 205 -11.76 30.62 -28.80
C THR B 205 -11.75 29.61 -29.94
N VAL B 206 -12.78 28.76 -29.99
CA VAL B 206 -12.92 27.76 -31.04
C VAL B 206 -13.31 28.42 -32.37
N ASP B 207 -13.63 29.73 -32.32
CA ASP B 207 -13.83 30.52 -33.54
C ASP B 207 -12.60 31.38 -33.90
N GLY B 208 -11.46 31.22 -33.22
CA GLY B 208 -10.23 31.91 -33.61
C GLY B 208 -10.07 33.31 -33.00
N GLN B 209 -10.91 33.68 -32.03
CA GLN B 209 -10.86 34.98 -31.40
C GLN B 209 -9.75 34.95 -30.36
N ARG B 210 -8.89 35.96 -30.32
CA ARG B 210 -7.65 35.91 -29.53
C ARG B 210 -7.57 37.01 -28.47
N HIS B 211 -6.98 36.68 -27.32
CA HIS B 211 -6.58 37.69 -26.35
C HIS B 211 -5.39 37.19 -25.54
N SER B 212 -4.50 38.12 -25.19
CA SER B 212 -3.26 37.90 -24.51
C SER B 212 -3.07 39.04 -23.49
N THR B 213 -2.68 38.70 -22.26
CA THR B 213 -2.27 39.70 -21.30
C THR B 213 -0.96 39.21 -20.67
N GLY B 214 -0.04 40.16 -20.41
CA GLY B 214 1.23 39.86 -19.78
C GLY B 214 2.21 39.17 -20.72
N ASP B 215 3.01 38.25 -20.17
CA ASP B 215 4.23 37.76 -20.82
C ASP B 215 3.93 36.58 -21.74
N THR B 216 3.20 36.85 -22.84
CA THR B 216 2.61 35.80 -23.65
C THR B 216 3.44 35.47 -24.89
N LYS B 217 4.55 36.18 -25.13
CA LYS B 217 5.40 35.91 -26.31
C LYS B 217 6.80 35.46 -25.89
N VAL B 218 6.92 34.94 -24.67
CA VAL B 218 8.17 34.50 -24.10
C VAL B 218 8.22 32.99 -24.16
N PRO B 219 9.17 32.37 -24.89
CA PRO B 219 9.20 30.92 -25.03
C PRO B 219 9.52 30.21 -23.72
N PHE B 220 8.94 29.02 -23.58
CA PHE B 220 9.20 28.16 -22.43
C PHE B 220 8.91 26.73 -22.82
N CYS B 221 9.48 25.78 -22.08
CA CYS B 221 9.35 24.38 -22.41
C CYS B 221 8.00 23.85 -21.92
N LEU B 222 7.37 23.03 -22.76
CA LEU B 222 6.11 22.41 -22.41
C LEU B 222 6.23 21.57 -21.14
N GLN B 223 7.31 20.80 -21.06
CA GLN B 223 7.50 19.81 -20.01
C GLN B 223 6.29 18.90 -20.05
N SER B 224 5.65 18.70 -18.90
CA SER B 224 4.56 17.74 -18.81
C SER B 224 3.31 18.17 -19.57
N CYS B 225 3.21 19.44 -19.97
CA CYS B 225 2.13 19.91 -20.84
C CYS B 225 2.12 19.18 -22.20
N VAL B 226 3.24 18.56 -22.59
CA VAL B 226 3.31 17.81 -23.84
C VAL B 226 2.63 16.44 -23.69
N LYS B 227 2.37 15.97 -22.45
CA LYS B 227 1.89 14.62 -22.25
C LYS B 227 0.55 14.37 -22.97
N PRO B 228 -0.48 15.24 -22.79
CA PRO B 228 -1.73 15.09 -23.53
C PRO B 228 -1.53 15.18 -25.05
N LEU B 229 -0.56 15.98 -25.53
CA LEU B 229 -0.47 16.24 -26.95
C LEU B 229 0.10 15.01 -27.65
N LYS B 230 1.07 14.33 -27.03
CA LYS B 230 1.60 13.09 -27.58
C LYS B 230 0.65 11.91 -27.32
N TYR B 231 -0.14 11.95 -26.24
CA TYR B 231 -1.21 10.97 -26.09
C TYR B 231 -2.18 11.08 -27.26
N ALA B 232 -2.65 12.30 -27.55
CA ALA B 232 -3.60 12.54 -28.62
C ALA B 232 -3.06 12.04 -29.96
N ILE B 233 -1.77 12.27 -30.22
CA ILE B 233 -1.14 11.88 -31.47
C ILE B 233 -1.14 10.36 -31.58
N ALA B 234 -0.81 9.68 -30.48
CA ALA B 234 -0.82 8.24 -30.40
C ALA B 234 -2.22 7.66 -30.68
N VAL B 235 -3.28 8.20 -30.05
CA VAL B 235 -4.63 7.70 -30.23
C VAL B 235 -5.13 7.96 -31.67
N ASN B 236 -4.76 9.12 -32.20
CA ASN B 236 -5.05 9.48 -33.58
C ASN B 236 -4.51 8.44 -34.58
N ASP B 237 -3.23 8.08 -34.47
CA ASP B 237 -2.59 7.18 -35.41
C ASP B 237 -2.94 5.71 -35.12
N LEU B 238 -3.22 5.32 -33.86
CA LEU B 238 -3.24 3.93 -33.46
C LEU B 238 -4.59 3.46 -32.95
N GLY B 239 -5.47 4.38 -32.53
CA GLY B 239 -6.72 4.01 -31.87
C GLY B 239 -6.57 3.78 -30.37
N THR B 240 -7.67 4.01 -29.65
CA THR B 240 -7.81 3.82 -28.21
C THR B 240 -7.35 2.44 -27.77
N GLU B 241 -7.76 1.41 -28.51
CA GLU B 241 -7.68 0.02 -28.08
C GLU B 241 -6.22 -0.38 -28.00
N TYR B 242 -5.45 -0.06 -29.05
CA TYR B 242 -4.03 -0.33 -29.08
C TYR B 242 -3.34 0.43 -27.95
N VAL B 243 -3.56 1.74 -27.88
CA VAL B 243 -2.87 2.56 -26.90
C VAL B 243 -3.14 2.01 -25.49
N HIS B 244 -4.38 1.61 -25.19
CA HIS B 244 -4.74 1.24 -23.82
C HIS B 244 -4.43 -0.24 -23.53
N ARG B 245 -3.86 -0.96 -24.49
CA ARG B 245 -3.19 -2.21 -24.20
C ARG B 245 -1.88 -1.95 -23.41
N TYR B 246 -1.32 -0.74 -23.56
CA TYR B 246 -0.03 -0.38 -22.97
C TYR B 246 -0.13 0.57 -21.75
N VAL B 247 -1.18 1.39 -21.65
CA VAL B 247 -1.27 2.44 -20.64
C VAL B 247 -2.69 2.42 -20.09
N GLY B 248 -2.87 2.69 -18.79
CA GLY B 248 -4.19 2.66 -18.17
C GLY B 248 -4.99 3.94 -18.43
N LYS B 249 -6.06 4.12 -17.66
CA LYS B 249 -7.04 5.16 -17.92
C LYS B 249 -7.50 5.87 -16.64
N GLU B 250 -6.80 5.75 -15.52
CA GLU B 250 -7.31 6.24 -14.25
C GLU B 250 -6.19 6.88 -13.45
N PRO B 251 -6.50 7.76 -12.47
CA PRO B 251 -5.50 8.19 -11.50
C PRO B 251 -5.09 7.03 -10.58
N SER B 252 -3.85 7.06 -10.09
CA SER B 252 -3.36 6.07 -9.16
C SER B 252 -4.14 6.09 -7.85
N GLY B 253 -4.58 7.27 -7.40
CA GLY B 253 -4.92 7.48 -6.00
C GLY B 253 -3.69 7.92 -5.22
N LEU B 254 -3.87 8.82 -4.25
CA LEU B 254 -2.79 9.68 -3.79
C LEU B 254 -1.67 8.89 -3.11
N ARG B 255 -2.02 7.73 -2.48
CA ARG B 255 -1.04 6.91 -1.79
C ARG B 255 -0.23 6.05 -2.78
N PHE B 256 -0.59 6.08 -4.08
CA PHE B 256 0.11 5.30 -5.11
C PHE B 256 0.72 6.19 -6.22
N ASN B 257 1.04 7.45 -5.87
CA ASN B 257 1.64 8.42 -6.78
C ASN B 257 3.15 8.19 -6.89
N LYS B 258 3.61 6.97 -6.54
CA LYS B 258 5.01 6.57 -6.57
C LYS B 258 5.12 5.05 -6.82
N LEU B 259 4.05 4.41 -7.27
CA LEU B 259 4.16 3.17 -8.02
C LEU B 259 4.20 3.51 -9.51
N PHE B 260 5.03 2.78 -10.26
CA PHE B 260 5.10 2.98 -11.69
C PHE B 260 3.97 2.19 -12.38
N LEU B 261 3.47 1.10 -11.77
CA LEU B 261 2.49 0.25 -12.45
C LEU B 261 1.23 0.07 -11.59
N ASN B 262 0.10 -0.14 -12.27
CA ASN B 262 -1.16 -0.54 -11.66
C ASN B 262 -1.11 -2.06 -11.49
N GLU B 263 -2.23 -2.67 -11.06
CA GLU B 263 -2.23 -4.09 -10.72
C GLU B 263 -2.14 -4.96 -11.97
N ASP B 264 -2.54 -4.41 -13.12
CA ASP B 264 -2.46 -5.11 -14.40
C ASP B 264 -1.09 -4.89 -15.06
N ASP B 265 -0.13 -4.31 -14.32
CA ASP B 265 1.23 -4.07 -14.80
C ASP B 265 1.27 -3.12 -15.99
N LYS B 266 0.40 -2.11 -15.99
CA LYS B 266 0.51 -1.00 -16.93
C LYS B 266 0.72 0.28 -16.17
N PRO B 267 1.36 1.31 -16.76
CA PRO B 267 1.43 2.61 -16.11
C PRO B 267 -0.01 3.07 -15.94
N HIS B 268 -0.26 3.93 -14.95
CA HIS B 268 -1.62 4.16 -14.48
C HIS B 268 -2.43 4.88 -15.55
N ASN B 269 -1.76 5.83 -16.21
CA ASN B 269 -2.43 6.72 -17.15
C ASN B 269 -1.34 7.46 -17.90
N PRO B 270 -1.69 8.08 -19.04
CA PRO B 270 -0.72 8.86 -19.85
C PRO B 270 -0.16 10.17 -19.30
N MET B 271 -0.67 10.62 -18.14
CA MET B 271 -0.31 11.92 -17.62
C MET B 271 0.77 11.81 -16.53
N VAL B 272 1.13 10.58 -16.09
CA VAL B 272 2.29 10.39 -15.25
C VAL B 272 3.48 9.99 -16.11
N ASN B 273 4.70 10.08 -15.54
CA ASN B 273 5.91 9.94 -16.34
C ASN B 273 6.01 8.53 -16.96
N ALA B 274 5.73 7.47 -16.18
CA ALA B 274 5.85 6.10 -16.67
C ALA B 274 4.89 5.89 -17.84
N GLY B 275 3.69 6.45 -17.71
CA GLY B 275 2.68 6.31 -18.76
C GLY B 275 3.11 7.04 -20.02
N ALA B 276 3.66 8.23 -19.81
CA ALA B 276 4.08 9.10 -20.89
C ALA B 276 5.29 8.52 -21.63
N ILE B 277 6.16 7.82 -20.89
CA ILE B 277 7.28 7.10 -21.46
C ILE B 277 6.79 5.95 -22.35
N VAL B 278 5.76 5.21 -21.93
CA VAL B 278 5.23 4.15 -22.77
C VAL B 278 4.54 4.75 -24.00
N VAL B 279 3.74 5.83 -23.84
CA VAL B 279 3.09 6.48 -24.98
C VAL B 279 4.15 6.88 -25.99
N THR B 280 5.24 7.47 -25.49
CA THR B 280 6.32 7.88 -26.35
C THR B 280 6.80 6.71 -27.19
N SER B 281 6.81 5.50 -26.62
CA SER B 281 7.33 4.32 -27.30
C SER B 281 6.39 3.79 -28.38
N LEU B 282 5.14 4.30 -28.42
CA LEU B 282 4.14 3.84 -29.39
C LEU B 282 4.19 4.65 -30.69
N ILE B 283 4.76 5.85 -30.65
CA ILE B 283 4.63 6.85 -31.70
C ILE B 283 5.67 6.59 -32.78
N LYS B 284 5.18 6.41 -34.02
CA LYS B 284 5.99 6.29 -35.22
C LYS B 284 7.05 5.20 -35.04
N GLN B 285 6.63 3.97 -34.77
CA GLN B 285 7.58 2.89 -34.53
C GLN B 285 8.33 2.57 -35.83
N GLY B 286 9.57 2.07 -35.70
CA GLY B 286 10.38 1.65 -36.83
C GLY B 286 10.92 2.80 -37.69
N VAL B 287 11.22 3.95 -37.06
CA VAL B 287 12.05 4.99 -37.64
C VAL B 287 12.93 5.54 -36.54
N ASN B 288 13.99 6.25 -36.91
CA ASN B 288 14.94 6.81 -35.95
C ASN B 288 14.31 8.01 -35.26
N ASN B 289 14.98 8.50 -34.22
CA ASN B 289 14.45 9.54 -33.33
C ASN B 289 14.30 10.89 -34.06
N ALA B 290 15.12 11.14 -35.08
CA ALA B 290 15.09 12.40 -35.82
C ALA B 290 13.78 12.52 -36.58
N GLU B 291 13.35 11.41 -37.19
CA GLU B 291 12.09 11.33 -37.91
C GLU B 291 10.89 11.34 -36.96
N LYS B 292 10.95 10.57 -35.86
CA LYS B 292 9.90 10.61 -34.85
C LYS B 292 9.72 12.03 -34.33
N PHE B 293 10.82 12.71 -33.98
CA PHE B 293 10.76 14.07 -33.50
C PHE B 293 10.14 15.01 -34.55
N ASP B 294 10.59 14.91 -35.83
CA ASP B 294 10.10 15.73 -36.93
C ASP B 294 8.62 15.49 -37.15
N TYR B 295 8.17 14.23 -37.04
CA TYR B 295 6.77 13.88 -37.18
C TYR B 295 5.93 14.52 -36.07
N VAL B 296 6.40 14.43 -34.82
CA VAL B 296 5.67 15.07 -33.73
C VAL B 296 5.65 16.59 -33.93
N MET B 297 6.78 17.18 -34.30
CA MET B 297 6.83 18.62 -34.47
C MET B 297 5.89 19.08 -35.58
N GLN B 298 5.73 18.29 -36.67
CA GLN B 298 4.79 18.62 -37.73
C GLN B 298 3.39 18.70 -37.13
N PHE B 299 3.08 17.72 -36.28
CA PHE B 299 1.79 17.56 -35.68
C PHE B 299 1.48 18.76 -34.78
N LEU B 300 2.43 19.17 -33.93
CA LEU B 300 2.25 20.33 -33.05
C LEU B 300 2.09 21.62 -33.85
N ASN B 301 2.78 21.74 -34.98
CA ASN B 301 2.69 22.89 -35.84
C ASN B 301 1.25 23.09 -36.29
N LYS B 302 0.64 22.05 -36.84
CA LYS B 302 -0.76 22.11 -37.24
C LYS B 302 -1.68 22.42 -36.05
N MET B 303 -1.41 21.86 -34.86
CA MET B 303 -2.26 22.09 -33.70
C MET B 303 -2.19 23.56 -33.27
N ALA B 304 -1.03 24.20 -33.43
CA ALA B 304 -0.81 25.58 -33.01
C ALA B 304 -1.07 26.55 -34.16
N GLY B 305 -1.63 26.04 -35.26
CA GLY B 305 -1.94 26.85 -36.43
C GLY B 305 -0.74 27.60 -37.03
N ASN B 306 0.44 26.97 -36.92
CA ASN B 306 1.73 27.39 -37.47
C ASN B 306 2.39 28.46 -36.61
N GLU B 307 1.97 28.62 -35.35
CA GLU B 307 2.61 29.59 -34.49
C GLU B 307 3.80 28.90 -33.82
N TYR B 308 4.50 29.61 -32.94
CA TYR B 308 5.82 29.23 -32.49
C TYR B 308 5.77 27.88 -31.78
N VAL B 309 6.52 26.93 -32.35
CA VAL B 309 6.85 25.67 -31.72
C VAL B 309 8.35 25.50 -31.95
N GLY B 310 9.14 25.56 -30.87
CA GLY B 310 10.59 25.47 -30.97
C GLY B 310 11.18 24.35 -30.11
N PHE B 311 12.47 24.47 -29.76
CA PHE B 311 13.17 23.40 -29.09
C PHE B 311 14.32 23.96 -28.25
N SER B 312 14.48 23.44 -27.02
CA SER B 312 15.51 23.90 -26.10
C SER B 312 16.53 22.79 -25.87
N ASN B 313 17.64 22.84 -26.63
CA ASN B 313 18.68 21.83 -26.51
C ASN B 313 19.29 21.91 -25.10
N ALA B 314 19.46 23.13 -24.57
CA ALA B 314 20.03 23.28 -23.23
C ALA B 314 19.21 22.47 -22.23
N THR B 315 17.89 22.55 -22.39
CA THR B 315 16.95 21.87 -21.54
C THR B 315 16.98 20.37 -21.79
N PHE B 316 17.10 19.98 -23.05
CA PHE B 316 17.23 18.57 -23.38
C PHE B 316 18.44 17.99 -22.63
N GLN B 317 19.60 18.64 -22.76
CA GLN B 317 20.83 18.09 -22.20
C GLN B 317 20.69 17.93 -20.69
N SER B 318 20.11 18.92 -20.00
CA SER B 318 20.00 18.84 -18.55
C SER B 318 19.06 17.74 -18.10
N GLU B 319 17.91 17.62 -18.77
CA GLU B 319 16.94 16.56 -18.54
C GLU B 319 17.62 15.19 -18.62
N ARG B 320 18.48 14.97 -19.63
CA ARG B 320 19.07 13.66 -19.83
C ARG B 320 20.20 13.42 -18.85
N GLU B 321 20.94 14.45 -18.42
CA GLU B 321 22.09 14.29 -17.53
C GLU B 321 21.66 14.30 -16.06
N SER B 322 20.34 14.18 -15.84
CA SER B 322 19.77 14.22 -14.51
C SER B 322 18.39 13.55 -14.49
N GLY B 323 18.12 12.63 -15.40
CA GLY B 323 16.86 11.90 -15.36
C GLY B 323 17.05 10.49 -14.80
N ASP B 324 17.61 10.39 -13.58
CA ASP B 324 17.78 9.13 -12.89
C ASP B 324 16.44 8.44 -12.72
N ARG B 325 15.40 9.21 -12.33
CA ARG B 325 14.13 8.61 -11.99
C ARG B 325 13.48 8.00 -13.22
N ASN B 326 13.60 8.67 -14.39
CA ASN B 326 13.01 8.22 -15.64
C ASN B 326 13.78 7.03 -16.21
N PHE B 327 15.11 6.98 -16.01
CA PHE B 327 15.90 5.79 -16.29
C PHE B 327 15.46 4.63 -15.38
N ALA B 328 15.25 4.92 -14.11
CA ALA B 328 14.66 3.93 -13.22
C ALA B 328 13.34 3.43 -13.79
N ILE B 329 12.54 4.35 -14.36
CA ILE B 329 11.23 3.96 -14.85
C ILE B 329 11.41 3.05 -16.07
N GLY B 330 12.37 3.39 -16.93
CA GLY B 330 12.54 2.68 -18.19
C GLY B 330 12.99 1.23 -17.99
N TYR B 331 13.93 1.00 -17.06
CA TYR B 331 14.41 -0.35 -16.82
C TYR B 331 13.27 -1.19 -16.20
N TYR B 332 12.49 -0.57 -15.30
CA TYR B 332 11.39 -1.29 -14.64
C TYR B 332 10.35 -1.71 -15.68
N LEU B 333 9.97 -0.78 -16.56
CA LEU B 333 9.06 -1.07 -17.67
C LEU B 333 9.62 -2.13 -18.60
N LYS B 334 10.92 -2.06 -18.92
CA LYS B 334 11.55 -3.10 -19.72
C LYS B 334 11.41 -4.47 -19.04
N GLU B 335 11.75 -4.53 -17.75
CA GLU B 335 11.66 -5.74 -16.93
C GLU B 335 10.25 -6.35 -16.98
N LYS B 336 9.22 -5.50 -16.91
CA LYS B 336 7.86 -5.98 -16.74
C LYS B 336 7.14 -6.09 -18.09
N LYS B 337 7.91 -5.88 -19.19
CA LYS B 337 7.51 -6.11 -20.57
C LYS B 337 6.42 -5.12 -21.02
N CYS B 338 6.61 -3.84 -20.68
CA CYS B 338 5.57 -2.83 -20.83
C CYS B 338 5.58 -2.15 -22.20
N PHE B 339 6.61 -2.42 -23.00
CA PHE B 339 6.84 -1.74 -24.27
C PHE B 339 6.35 -2.59 -25.43
N PRO B 340 6.04 -2.00 -26.60
CA PRO B 340 5.90 -2.80 -27.82
C PRO B 340 7.19 -3.56 -28.13
N GLU B 341 7.04 -4.75 -28.73
CA GLU B 341 8.17 -5.60 -29.06
C GLU B 341 9.09 -4.85 -30.03
N GLY B 342 10.40 -4.99 -29.85
CA GLY B 342 11.39 -4.32 -30.69
C GLY B 342 11.81 -2.94 -30.19
N THR B 343 11.34 -2.55 -29.00
CA THR B 343 11.60 -1.22 -28.45
C THR B 343 13.05 -1.14 -27.96
N ASP B 344 13.70 -0.04 -28.33
CA ASP B 344 14.98 0.35 -27.82
C ASP B 344 14.75 1.38 -26.70
N MET B 345 14.69 0.88 -25.46
CA MET B 345 14.22 1.61 -24.30
C MET B 345 15.08 2.86 -24.05
N VAL B 346 16.39 2.76 -24.27
CA VAL B 346 17.28 3.86 -23.95
C VAL B 346 17.07 5.01 -24.96
N GLY B 347 16.83 4.66 -26.24
CA GLY B 347 16.46 5.64 -27.24
C GLY B 347 15.06 6.24 -27.05
N ILE B 348 14.12 5.44 -26.51
CA ILE B 348 12.80 6.00 -26.17
C ILE B 348 12.91 7.05 -25.06
N LEU B 349 13.83 6.84 -24.11
CA LEU B 349 14.06 7.82 -23.08
C LEU B 349 14.63 9.10 -23.65
N ASP B 350 15.53 8.98 -24.63
CA ASP B 350 16.08 10.13 -25.33
C ASP B 350 14.99 10.92 -26.06
N PHE B 351 14.14 10.19 -26.80
CA PHE B 351 12.98 10.79 -27.48
C PHE B 351 12.10 11.55 -26.48
N TYR B 352 11.80 10.88 -25.36
CA TYR B 352 10.95 11.38 -24.29
C TYR B 352 11.46 12.70 -23.73
N PHE B 353 12.77 12.81 -23.45
CA PHE B 353 13.39 14.06 -22.99
C PHE B 353 13.36 15.15 -24.05
N GLN B 354 13.55 14.76 -25.32
CA GLN B 354 13.41 15.71 -26.40
C GLN B 354 12.02 16.34 -26.34
N LEU B 355 10.98 15.52 -26.22
CA LEU B 355 9.61 16.01 -26.29
C LEU B 355 9.28 16.92 -25.12
N CYS B 356 9.91 16.70 -23.96
CA CYS B 356 9.71 17.55 -22.78
C CYS B 356 10.36 18.93 -23.00
N SER B 357 11.31 18.99 -23.92
CA SER B 357 12.10 20.19 -24.18
C SER B 357 11.51 21.05 -25.29
N ILE B 358 10.38 20.64 -25.89
CA ILE B 358 9.78 21.42 -26.95
C ILE B 358 9.25 22.73 -26.38
N GLU B 359 9.47 23.83 -27.12
CA GLU B 359 9.20 25.15 -26.61
C GLU B 359 7.98 25.72 -27.29
N VAL B 360 7.14 26.42 -26.50
CA VAL B 360 6.01 27.21 -26.99
C VAL B 360 6.02 28.61 -26.36
N THR B 361 5.11 29.47 -26.82
CA THR B 361 4.71 30.66 -26.08
C THR B 361 3.28 30.47 -25.57
N CYS B 362 2.84 31.34 -24.65
CA CYS B 362 1.45 31.34 -24.24
C CYS B 362 0.53 31.38 -25.46
N GLU B 363 0.91 32.20 -26.47
CA GLU B 363 0.08 32.44 -27.64
C GLU B 363 -0.01 31.22 -28.54
N SER B 364 1.13 30.62 -28.95
CA SER B 364 1.08 29.43 -29.78
C SER B 364 0.34 28.30 -29.03
N ALA B 365 0.59 28.13 -27.72
CA ALA B 365 0.04 27.04 -26.95
C ALA B 365 -1.47 27.18 -26.73
N SER B 366 -1.95 28.42 -26.58
CA SER B 366 -3.39 28.67 -26.47
C SER B 366 -4.16 28.10 -27.67
N VAL B 367 -3.54 28.14 -28.86
CA VAL B 367 -4.13 27.64 -30.11
C VAL B 367 -4.13 26.13 -30.10
N MET B 368 -3.06 25.50 -29.58
CA MET B 368 -3.03 24.04 -29.41
C MET B 368 -4.20 23.60 -28.52
N ALA B 369 -4.37 24.26 -27.35
CA ALA B 369 -5.49 23.97 -26.46
C ALA B 369 -6.84 24.18 -27.15
N ALA B 370 -6.98 25.21 -28.01
CA ALA B 370 -8.24 25.47 -28.69
C ALA B 370 -8.56 24.39 -29.74
N THR B 371 -7.53 23.79 -30.33
CA THR B 371 -7.72 22.64 -31.21
C THR B 371 -8.42 21.51 -30.43
N LEU B 372 -8.00 21.31 -29.17
CA LEU B 372 -8.64 20.33 -28.30
C LEU B 372 -10.06 20.77 -27.97
N ALA B 373 -10.28 22.08 -27.73
CA ALA B 373 -11.60 22.60 -27.41
C ALA B 373 -12.55 22.51 -28.61
N ASN B 374 -11.98 22.37 -29.83
CA ASN B 374 -12.72 22.47 -31.07
C ASN B 374 -12.81 21.13 -31.82
N GLY B 375 -12.81 20.01 -31.11
CA GLY B 375 -13.06 18.71 -31.72
C GLY B 375 -11.92 18.19 -32.58
N GLY B 376 -10.71 18.76 -32.42
CA GLY B 376 -9.54 18.37 -33.19
C GLY B 376 -9.34 19.21 -34.47
N PHE B 377 -10.16 20.26 -34.65
CA PHE B 377 -9.99 21.20 -35.75
C PHE B 377 -9.26 22.44 -35.26
N CYS B 378 -8.19 22.86 -35.95
CA CYS B 378 -7.49 24.07 -35.54
C CYS B 378 -8.36 25.30 -35.86
N PRO B 379 -8.71 26.14 -34.87
CA PRO B 379 -9.69 27.20 -35.10
C PRO B 379 -9.21 28.35 -35.99
N ILE B 380 -7.88 28.50 -36.18
CA ILE B 380 -7.37 29.58 -37.01
C ILE B 380 -7.02 29.14 -38.43
N THR B 381 -6.90 27.84 -38.71
CA THR B 381 -6.70 27.39 -40.07
C THR B 381 -7.94 26.68 -40.59
N GLY B 382 -8.75 26.07 -39.71
CA GLY B 382 -9.86 25.21 -40.13
C GLY B 382 -9.46 23.75 -40.45
N GLU B 383 -8.20 23.42 -40.22
CA GLU B 383 -7.69 22.07 -40.59
C GLU B 383 -7.99 21.05 -39.49
N ARG B 384 -8.38 19.84 -39.89
CA ARG B 384 -8.56 18.75 -38.90
C ARG B 384 -7.19 18.17 -38.58
N VAL B 385 -6.79 18.18 -37.31
CA VAL B 385 -5.44 17.69 -36.92
C VAL B 385 -5.56 16.39 -36.13
N LEU B 386 -6.68 16.19 -35.44
CA LEU B 386 -6.80 15.01 -34.59
C LEU B 386 -8.21 14.45 -34.73
N SER B 387 -8.34 13.11 -34.66
CA SER B 387 -9.66 12.46 -34.64
C SER B 387 -10.44 12.86 -33.39
N PRO B 388 -11.80 12.91 -33.44
CA PRO B 388 -12.64 13.07 -32.25
C PRO B 388 -12.34 12.15 -31.06
N GLU B 389 -12.03 10.90 -31.39
CA GLU B 389 -11.63 9.88 -30.43
C GLU B 389 -10.40 10.33 -29.65
N ALA B 390 -9.34 10.71 -30.38
CA ALA B 390 -8.12 11.27 -29.79
C ALA B 390 -8.40 12.43 -28.85
N VAL B 391 -9.22 13.40 -29.28
CA VAL B 391 -9.52 14.58 -28.49
C VAL B 391 -10.36 14.23 -27.26
N ARG B 392 -11.41 13.41 -27.40
CA ARG B 392 -12.26 13.04 -26.27
C ARG B 392 -11.47 12.28 -25.19
N ASN B 393 -10.69 11.26 -25.61
CA ASN B 393 -9.80 10.55 -24.68
C ASN B 393 -8.85 11.52 -23.95
N THR B 394 -8.29 12.49 -24.65
CA THR B 394 -7.28 13.36 -24.10
C THR B 394 -7.89 14.30 -23.05
N LEU B 395 -9.09 14.83 -23.33
CA LEU B 395 -9.77 15.75 -22.44
C LEU B 395 -10.21 14.98 -21.18
N SER B 396 -10.68 13.74 -21.36
CA SER B 396 -11.07 12.88 -20.25
C SER B 396 -9.92 12.73 -19.27
N LEU B 397 -8.71 12.46 -19.77
CA LEU B 397 -7.60 12.06 -18.93
C LEU B 397 -6.92 13.28 -18.31
N MET B 398 -7.11 14.44 -18.95
CA MET B 398 -6.61 15.71 -18.45
C MET B 398 -7.49 16.15 -17.30
N HIS B 399 -8.80 15.88 -17.43
CA HIS B 399 -9.77 16.19 -16.38
C HIS B 399 -9.38 15.50 -15.06
N SER B 400 -9.26 14.16 -15.07
CA SER B 400 -8.95 13.32 -13.91
C SER B 400 -7.46 13.22 -13.51
N CYS B 401 -6.49 13.29 -14.44
CA CYS B 401 -5.09 13.02 -14.10
C CYS B 401 -4.12 14.19 -14.42
N GLY B 402 -4.62 15.41 -14.65
CA GLY B 402 -3.87 16.44 -15.34
C GLY B 402 -2.99 17.32 -14.45
N MET B 403 -3.29 17.40 -13.15
CA MET B 403 -2.63 18.40 -12.31
C MET B 403 -1.91 17.73 -11.13
N TYR B 404 -1.23 16.61 -11.44
CA TYR B 404 -0.41 15.92 -10.47
C TYR B 404 -1.32 15.46 -9.32
N ASP B 405 -0.88 15.60 -8.06
CA ASP B 405 -1.64 15.16 -6.91
C ASP B 405 -2.82 16.10 -6.56
N PHE B 406 -2.90 17.28 -7.22
CA PHE B 406 -4.05 18.17 -7.10
C PHE B 406 -5.14 17.82 -8.11
N SER B 407 -5.01 16.69 -8.81
CA SER B 407 -5.95 16.37 -9.89
C SER B 407 -7.39 16.22 -9.39
N GLY B 408 -7.59 15.55 -8.26
CA GLY B 408 -8.92 15.38 -7.70
C GLY B 408 -9.56 16.70 -7.27
N GLN B 409 -8.79 17.54 -6.56
CA GLN B 409 -9.27 18.81 -6.06
C GLN B 409 -9.63 19.73 -7.22
N PHE B 410 -8.76 19.75 -8.24
CA PHE B 410 -8.95 20.55 -9.44
C PHE B 410 -10.19 20.09 -10.20
N ALA B 411 -10.32 18.79 -10.47
CA ALA B 411 -11.51 18.26 -11.13
C ALA B 411 -12.78 18.72 -10.42
N PHE B 412 -12.76 18.60 -9.08
CA PHE B 412 -13.90 18.96 -8.25
C PHE B 412 -14.16 20.47 -8.33
N HIS B 413 -13.16 21.32 -8.02
CA HIS B 413 -13.37 22.76 -7.89
C HIS B 413 -13.38 23.49 -9.24
N VAL B 414 -12.57 23.05 -10.22
CA VAL B 414 -12.49 23.76 -11.49
C VAL B 414 -13.23 23.03 -12.60
N GLY B 415 -13.08 21.71 -12.67
CA GLY B 415 -13.88 20.89 -13.56
C GLY B 415 -13.64 21.27 -15.01
N LEU B 416 -12.36 21.50 -15.35
CA LEU B 416 -11.92 21.70 -16.74
C LEU B 416 -10.74 20.77 -17.02
N PRO B 417 -10.66 20.17 -18.24
CA PRO B 417 -9.43 19.52 -18.65
C PRO B 417 -8.26 20.50 -18.60
N ALA B 418 -7.20 20.15 -17.89
CA ALA B 418 -6.04 21.03 -17.76
C ALA B 418 -4.81 20.17 -17.54
N LYS B 419 -3.65 20.68 -17.98
CA LYS B 419 -2.42 19.92 -17.79
C LYS B 419 -1.35 20.91 -17.38
N SER B 420 -0.61 20.59 -16.31
CA SER B 420 0.39 21.50 -15.78
C SER B 420 1.77 20.96 -16.09
N GLY B 421 2.76 21.84 -15.90
CA GLY B 421 4.16 21.54 -16.14
C GLY B 421 5.08 22.34 -15.22
N VAL B 422 6.35 21.93 -15.17
CA VAL B 422 7.26 22.33 -14.12
C VAL B 422 7.87 23.70 -14.50
N ALA B 423 7.75 24.07 -15.78
CA ALA B 423 8.15 25.38 -16.24
C ALA B 423 7.14 26.47 -15.83
N GLY B 424 5.94 26.04 -15.41
CA GLY B 424 4.95 26.94 -14.85
C GLY B 424 3.75 27.12 -15.78
N GLY B 425 3.67 26.28 -16.83
CA GLY B 425 2.57 26.29 -17.78
C GLY B 425 1.37 25.56 -17.23
N ILE B 426 0.17 26.03 -17.59
CA ILE B 426 -1.06 25.27 -17.42
C ILE B 426 -1.82 25.33 -18.76
N LEU B 427 -1.84 24.23 -19.49
CA LEU B 427 -2.62 24.14 -20.70
C LEU B 427 -4.07 23.91 -20.30
N LEU B 428 -4.99 24.76 -20.72
CA LEU B 428 -6.36 24.65 -20.23
C LEU B 428 -7.38 24.56 -21.36
N VAL B 429 -8.42 23.73 -21.19
CA VAL B 429 -9.40 23.59 -22.24
C VAL B 429 -10.77 23.81 -21.67
N VAL B 430 -11.55 24.69 -22.29
CA VAL B 430 -12.96 24.78 -22.01
C VAL B 430 -13.64 24.23 -23.26
N PRO B 431 -14.13 22.99 -23.22
CA PRO B 431 -14.65 22.33 -24.41
C PRO B 431 -15.79 23.15 -25.02
N ASN B 432 -15.79 23.26 -26.34
CA ASN B 432 -16.80 23.96 -27.12
C ASN B 432 -16.67 25.49 -27.01
N VAL B 433 -15.69 26.00 -26.26
CA VAL B 433 -15.56 27.45 -26.04
C VAL B 433 -14.16 27.93 -26.36
N MET B 434 -13.15 27.44 -25.68
CA MET B 434 -11.83 28.04 -25.89
C MET B 434 -10.71 27.19 -25.35
N GLY B 435 -9.49 27.55 -25.77
CA GLY B 435 -8.28 27.01 -25.18
C GLY B 435 -7.47 28.14 -24.57
N MET B 436 -6.74 27.85 -23.50
CA MET B 436 -5.90 28.86 -22.87
C MET B 436 -4.55 28.24 -22.60
N MET B 437 -3.55 29.10 -22.45
CA MET B 437 -2.31 28.77 -21.77
C MET B 437 -2.03 29.86 -20.75
N CYS B 438 -1.88 29.46 -19.50
CA CYS B 438 -1.42 30.31 -18.41
C CYS B 438 0.02 29.98 -18.09
N TRP B 439 0.86 30.98 -17.84
CA TRP B 439 2.25 30.65 -17.50
C TRP B 439 2.88 31.62 -16.48
N SER B 440 3.31 31.06 -15.36
CA SER B 440 4.11 31.77 -14.36
C SER B 440 5.01 30.74 -13.68
N PRO B 441 6.34 30.80 -13.80
CA PRO B 441 7.23 29.77 -13.25
C PRO B 441 7.07 29.29 -11.80
N PRO B 442 6.82 30.18 -10.79
CA PRO B 442 6.77 29.74 -9.40
C PRO B 442 5.68 28.69 -9.15
N LEU B 443 6.08 27.51 -8.64
CA LEU B 443 5.18 26.39 -8.38
C LEU B 443 4.85 26.27 -6.89
N ASP B 444 3.66 25.72 -6.61
CA ASP B 444 3.24 25.42 -5.24
C ASP B 444 3.88 24.08 -4.88
N LYS B 445 3.52 23.53 -3.71
CA LYS B 445 4.20 22.35 -3.21
C LYS B 445 3.72 21.11 -3.94
N MET B 446 2.77 21.22 -4.88
CA MET B 446 2.33 20.06 -5.65
C MET B 446 2.87 20.08 -7.08
N GLY B 447 3.55 21.16 -7.49
CA GLY B 447 4.19 21.26 -8.79
C GLY B 447 3.47 22.20 -9.77
N ASN B 448 2.37 22.84 -9.31
CA ASN B 448 1.47 23.61 -10.15
C ASN B 448 1.72 25.13 -9.97
N SER B 449 1.72 25.84 -11.10
CA SER B 449 1.84 27.29 -11.08
C SER B 449 0.82 27.90 -10.13
N VAL B 450 1.35 28.62 -9.14
CA VAL B 450 0.56 29.32 -8.16
C VAL B 450 -0.44 30.25 -8.84
N LYS B 451 0.03 31.12 -9.75
CA LYS B 451 -0.84 32.11 -10.35
C LYS B 451 -1.84 31.42 -11.29
N GLY B 452 -1.34 30.42 -12.02
CA GLY B 452 -2.19 29.62 -12.88
C GLY B 452 -3.37 29.02 -12.13
N ILE B 453 -3.08 28.34 -11.01
CA ILE B 453 -4.11 27.72 -10.21
C ILE B 453 -5.09 28.79 -9.69
N HIS B 454 -4.57 29.93 -9.21
CA HIS B 454 -5.42 31.00 -8.71
C HIS B 454 -6.31 31.52 -9.84
N PHE B 455 -5.73 31.75 -11.02
CA PHE B 455 -6.51 32.20 -12.16
C PHE B 455 -7.60 31.19 -12.56
N CYS B 456 -7.29 29.89 -12.59
CA CYS B 456 -8.25 28.86 -12.98
C CYS B 456 -9.45 28.76 -12.04
N HIS B 457 -9.20 28.87 -10.71
CA HIS B 457 -10.27 28.99 -9.72
C HIS B 457 -11.12 30.25 -9.97
N ASP B 458 -10.50 31.41 -10.17
CA ASP B 458 -11.26 32.63 -10.40
C ASP B 458 -12.11 32.52 -11.66
N LEU B 459 -11.56 31.92 -12.72
CA LEU B 459 -12.24 31.88 -14.00
C LEU B 459 -13.53 31.11 -13.88
N VAL B 460 -13.55 30.04 -13.07
CA VAL B 460 -14.74 29.19 -12.96
C VAL B 460 -15.70 29.78 -11.90
N SER B 461 -15.19 30.51 -10.89
CA SER B 461 -16.00 31.35 -10.01
C SER B 461 -16.85 32.34 -10.79
N LEU B 462 -16.24 32.95 -11.82
CA LEU B 462 -16.85 34.03 -12.60
C LEU B 462 -17.84 33.51 -13.65
N CYS B 463 -17.41 32.51 -14.43
CA CYS B 463 -18.12 32.04 -15.62
C CYS B 463 -18.64 30.62 -15.40
N ASN B 464 -19.72 30.26 -16.08
CA ASN B 464 -20.37 28.97 -15.87
C ASN B 464 -19.72 27.89 -16.74
N PHE B 465 -18.41 27.68 -16.51
CA PHE B 465 -17.59 26.85 -17.40
C PHE B 465 -17.30 25.48 -16.79
N HIS B 466 -17.46 25.35 -15.48
CA HIS B 466 -17.30 24.05 -14.84
C HIS B 466 -18.05 23.04 -15.71
N ASN B 467 -17.41 21.90 -15.94
CA ASN B 467 -18.00 20.72 -16.55
C ASN B 467 -19.47 20.52 -16.21
N TYR B 468 -19.79 20.62 -14.91
CA TYR B 468 -21.09 20.26 -14.37
C TYR B 468 -21.79 21.51 -13.82
N ASP B 469 -21.40 22.70 -14.32
CA ASP B 469 -22.29 23.85 -14.33
C ASP B 469 -23.46 23.57 -15.28
N ASN B 470 -24.63 24.10 -14.95
CA ASN B 470 -25.80 24.04 -15.79
C ASN B 470 -25.82 25.25 -16.72
N LEU B 471 -26.22 25.04 -17.99
CA LEU B 471 -26.23 26.09 -19.01
C LEU B 471 -27.49 26.95 -18.91
N ARG B 472 -28.43 26.61 -18.02
CA ARG B 472 -29.71 27.29 -17.92
C ARG B 472 -29.88 27.92 -16.53
N HIS B 473 -29.51 27.18 -15.47
CA HIS B 473 -29.60 27.65 -14.09
C HIS B 473 -28.20 27.62 -13.46
N PHE B 474 -27.52 28.78 -13.49
CA PHE B 474 -26.13 28.89 -13.09
C PHE B 474 -25.92 29.96 -12.01
N ALA B 475 -27.00 30.38 -11.32
CA ALA B 475 -26.91 31.22 -10.13
C ALA B 475 -26.43 32.61 -10.52
N LYS B 476 -25.31 33.09 -9.93
CA LYS B 476 -24.84 34.44 -10.16
C LYS B 476 -23.66 34.44 -11.14
N LYS B 477 -23.25 33.27 -11.61
CA LYS B 477 -22.20 33.21 -12.63
C LYS B 477 -22.64 33.89 -13.92
N LEU B 478 -21.67 34.50 -14.62
CA LEU B 478 -21.83 35.07 -15.95
C LEU B 478 -21.60 33.98 -16.98
N ASP B 479 -22.41 33.99 -18.05
CA ASP B 479 -22.25 33.09 -19.18
C ASP B 479 -21.78 33.90 -20.38
N PRO B 480 -20.50 33.86 -20.75
CA PRO B 480 -20.01 34.68 -21.87
C PRO B 480 -20.40 34.18 -23.26
N ARG B 481 -21.39 33.28 -23.34
CA ARG B 481 -21.91 32.77 -24.61
C ARG B 481 -23.25 33.39 -25.00
N ARG B 482 -23.69 34.48 -24.34
CA ARG B 482 -25.05 35.00 -24.51
C ARG B 482 -25.05 36.52 -24.73
N GLU C 78 24.05 -36.08 51.04
CA GLU C 78 23.38 -35.61 52.28
C GLU C 78 24.43 -35.36 53.37
N ASP C 79 25.26 -36.38 53.60
CA ASP C 79 26.42 -36.30 54.47
C ASP C 79 27.44 -35.36 53.81
N LEU C 80 27.71 -35.63 52.52
CA LEU C 80 28.61 -34.82 51.71
C LEU C 80 28.30 -33.33 51.87
N LEU C 81 27.01 -32.98 51.75
CA LEU C 81 26.55 -31.61 51.86
C LEU C 81 26.80 -31.08 53.28
N PHE C 82 26.79 -31.99 54.27
CA PHE C 82 27.03 -31.58 55.64
C PHE C 82 28.44 -30.99 55.77
N TYR C 83 29.43 -31.62 55.12
CA TYR C 83 30.83 -31.20 55.23
C TYR C 83 31.05 -29.86 54.50
N THR C 84 30.45 -29.72 53.31
CA THR C 84 30.53 -28.51 52.51
C THR C 84 30.21 -27.26 53.33
N ILE C 85 29.16 -27.33 54.16
CA ILE C 85 28.64 -26.17 54.88
C ILE C 85 29.28 -26.09 56.27
N ALA C 86 29.75 -27.23 56.79
CA ALA C 86 30.61 -27.28 57.96
C ALA C 86 32.09 -27.23 57.53
N GLN C 89 33.81 -27.53 61.76
CA GLN C 89 33.15 -28.04 62.99
C GLN C 89 32.37 -29.30 62.62
N GLU C 90 31.73 -29.90 63.62
CA GLU C 90 30.77 -30.99 63.43
C GLU C 90 29.36 -30.52 63.78
N LYS C 91 29.16 -29.18 63.87
CA LYS C 91 27.82 -28.61 64.05
C LYS C 91 27.69 -27.31 63.25
N ILE C 92 26.54 -27.17 62.57
CA ILE C 92 26.23 -26.05 61.69
C ILE C 92 25.16 -25.16 62.36
N PRO C 93 25.40 -23.86 62.62
CA PRO C 93 24.32 -22.99 63.09
C PRO C 93 23.24 -22.94 62.01
N VAL C 94 21.99 -22.73 62.42
CA VAL C 94 20.87 -22.75 61.48
C VAL C 94 20.97 -21.50 60.60
N HIS C 95 21.21 -20.33 61.21
CA HIS C 95 21.22 -19.08 60.47
C HIS C 95 22.19 -19.19 59.28
N LYS C 96 23.35 -19.84 59.48
CA LYS C 96 24.35 -20.01 58.44
C LYS C 96 23.78 -20.80 57.26
N PHE C 97 23.16 -21.95 57.53
CA PHE C 97 22.58 -22.74 56.45
C PHE C 97 21.65 -21.88 55.60
N ILE C 98 20.83 -21.06 56.28
CA ILE C 98 19.82 -20.22 55.67
C ILE C 98 20.50 -19.16 54.81
N THR C 99 21.55 -18.50 55.33
CA THR C 99 22.22 -17.45 54.56
C THR C 99 23.05 -18.06 53.41
N ALA C 100 23.59 -19.27 53.57
CA ALA C 100 24.21 -19.99 52.46
C ALA C 100 23.21 -20.32 51.34
N LEU C 101 21.96 -20.59 51.77
CA LEU C 101 20.87 -20.95 50.89
C LEU C 101 20.41 -19.73 50.09
N LYS C 102 20.25 -18.59 50.78
CA LYS C 102 19.81 -17.36 50.13
C LYS C 102 20.85 -16.86 49.12
N SER C 103 22.11 -17.24 49.28
CA SER C 103 23.16 -16.69 48.45
C SER C 103 23.21 -17.40 47.09
N THR C 104 22.65 -18.64 47.04
CA THR C 104 22.34 -19.30 45.77
C THR C 104 21.27 -18.51 45.03
N GLY C 105 20.42 -17.79 45.79
CA GLY C 105 19.36 -17.00 45.22
C GLY C 105 18.02 -17.71 45.27
N LEU C 106 17.97 -18.93 45.81
CA LEU C 106 16.69 -19.51 46.23
C LEU C 106 16.13 -18.65 47.35
N ARG C 107 14.80 -18.57 47.43
CA ARG C 107 14.11 -18.03 48.59
C ARG C 107 13.69 -19.19 49.50
N THR C 108 13.53 -18.93 50.81
CA THR C 108 13.12 -19.98 51.76
C THR C 108 11.67 -20.41 51.56
N SER C 109 10.84 -19.54 50.97
CA SER C 109 9.46 -19.85 50.65
C SER C 109 9.31 -20.76 49.41
N ASP C 110 10.40 -21.06 48.70
CA ASP C 110 10.33 -21.90 47.51
C ASP C 110 9.48 -23.14 47.86
N PRO C 111 8.37 -23.38 47.13
CA PRO C 111 7.59 -24.62 47.24
C PRO C 111 8.32 -25.95 47.15
N ARG C 112 9.50 -26.00 46.52
CA ARG C 112 10.25 -27.24 46.41
C ARG C 112 11.10 -27.46 47.66
N LEU C 113 11.09 -26.47 48.58
CA LEU C 113 11.85 -26.54 49.81
C LEU C 113 10.94 -26.60 51.04
N LYS C 114 9.64 -26.96 50.90
CA LYS C 114 8.73 -26.79 52.03
C LYS C 114 8.91 -27.89 53.09
N GLU C 115 9.26 -29.12 52.70
CA GLU C 115 9.50 -30.22 53.64
C GLU C 115 10.75 -29.96 54.50
N CYS C 116 11.81 -29.45 53.89
CA CYS C 116 13.03 -29.01 54.56
C CYS C 116 12.79 -27.82 55.50
N MET C 117 12.04 -26.80 55.08
CA MET C 117 11.83 -25.63 55.93
C MET C 117 10.78 -25.92 57.01
N ASP C 118 9.85 -26.85 56.73
CA ASP C 118 8.90 -27.32 57.73
C ASP C 118 9.67 -27.99 58.86
N MET C 119 10.60 -28.88 58.49
CA MET C 119 11.32 -29.70 59.44
C MET C 119 12.24 -28.80 60.27
N LEU C 120 12.80 -27.77 59.63
CA LEU C 120 13.65 -26.80 60.32
C LEU C 120 12.84 -26.05 61.37
N ARG C 121 11.63 -25.59 61.01
CA ARG C 121 10.80 -24.83 61.95
C ARG C 121 10.43 -25.71 63.15
N LEU C 122 10.20 -27.00 62.88
CA LEU C 122 9.77 -27.98 63.88
C LEU C 122 10.91 -28.33 64.83
N THR C 123 12.14 -28.47 64.31
CA THR C 123 13.25 -28.89 65.15
C THR C 123 13.71 -27.69 65.99
N LEU C 124 13.44 -26.47 65.54
CA LEU C 124 13.71 -25.30 66.38
C LEU C 124 12.73 -25.25 67.54
N GLN C 125 11.54 -25.85 67.39
CA GLN C 125 10.55 -26.01 68.47
C GLN C 125 10.91 -27.16 69.42
N THR C 126 11.42 -28.26 68.82
CA THR C 126 11.75 -29.53 69.45
C THR C 126 13.07 -29.40 70.20
N THR C 127 13.70 -28.21 70.13
CA THR C 127 14.77 -27.80 71.02
C THR C 127 15.26 -26.38 70.65
N VAL C 131 19.59 -23.87 68.23
CA VAL C 131 19.88 -23.05 67.01
C VAL C 131 21.14 -23.62 66.33
N MET C 132 21.23 -24.97 66.26
CA MET C 132 22.47 -25.70 66.04
C MET C 132 22.13 -27.13 65.66
N LEU C 133 22.90 -27.73 64.73
CA LEU C 133 22.51 -28.95 64.03
C LEU C 133 23.68 -29.93 63.97
N ASP C 134 23.45 -31.20 64.36
CA ASP C 134 24.44 -32.24 64.19
C ASP C 134 24.21 -32.93 62.84
N LYS C 135 25.15 -33.80 62.45
CA LYS C 135 25.12 -34.52 61.18
C LYS C 135 23.81 -35.28 60.98
N ASP C 136 23.20 -35.75 62.07
CA ASP C 136 22.03 -36.61 61.99
C ASP C 136 20.75 -35.76 61.91
N LEU C 137 20.72 -34.67 62.69
CA LEU C 137 19.58 -33.76 62.70
C LEU C 137 19.46 -33.05 61.34
N PHE C 138 20.61 -32.67 60.77
CA PHE C 138 20.66 -32.04 59.46
C PHE C 138 20.16 -33.01 58.39
N LYS C 139 20.40 -34.32 58.57
CA LYS C 139 19.97 -35.28 57.56
C LYS C 139 18.45 -35.41 57.56
N LYS C 140 17.80 -35.21 58.72
CA LYS C 140 16.37 -35.42 58.86
C LYS C 140 15.59 -34.28 58.20
N CYS C 141 16.20 -33.08 58.13
CA CYS C 141 15.56 -31.91 57.52
C CYS C 141 15.63 -31.93 55.98
N VAL C 142 16.83 -32.19 55.47
CA VAL C 142 17.16 -31.84 54.09
C VAL C 142 17.09 -33.08 53.19
N GLN C 143 16.62 -34.23 53.68
CA GLN C 143 16.70 -35.45 52.88
C GLN C 143 15.54 -35.52 51.88
N SER C 144 14.43 -34.83 52.18
CA SER C 144 13.28 -34.81 51.31
C SER C 144 13.56 -33.97 50.05
N ASN C 145 14.40 -32.93 50.22
CA ASN C 145 14.74 -31.97 49.18
C ASN C 145 16.26 -31.93 48.93
N ILE C 146 16.94 -33.08 49.01
CA ILE C 146 18.40 -33.10 48.96
C ILE C 146 18.89 -32.88 47.53
N VAL C 147 18.13 -33.35 46.52
CA VAL C 147 18.54 -33.24 45.13
C VAL C 147 18.69 -31.76 44.74
N LEU C 148 17.70 -30.92 45.13
CA LEU C 148 17.69 -29.50 44.77
C LEU C 148 18.74 -28.72 45.58
N LEU C 149 18.97 -29.10 46.84
CA LEU C 149 19.97 -28.43 47.67
C LEU C 149 21.38 -28.76 47.20
N THR C 150 21.61 -30.01 46.78
CA THR C 150 22.93 -30.39 46.29
C THR C 150 23.24 -29.58 45.03
N GLN C 151 22.25 -29.37 44.15
CA GLN C 151 22.46 -28.54 42.96
C GLN C 151 22.79 -27.10 43.35
N ALA C 152 22.07 -26.54 44.34
CA ALA C 152 22.31 -25.16 44.72
C ALA C 152 23.72 -25.03 45.27
N PHE C 153 24.16 -26.05 46.03
CA PHE C 153 25.34 -25.90 46.85
C PHE C 153 26.60 -26.27 46.08
N ARG C 154 26.46 -27.17 45.08
CA ARG C 154 27.52 -27.48 44.12
C ARG C 154 27.64 -26.40 43.03
N ARG C 155 26.98 -25.24 43.18
CA ARG C 155 26.98 -24.17 42.18
C ARG C 155 26.59 -24.70 40.80
N LYS C 156 25.59 -25.58 40.73
CA LYS C 156 25.21 -26.27 39.51
C LYS C 156 23.96 -25.62 38.91
N PHE C 157 23.53 -24.47 39.47
CA PHE C 157 22.46 -23.69 38.87
C PHE C 157 22.98 -22.92 37.65
N VAL C 158 22.01 -22.47 36.85
CA VAL C 158 22.21 -21.97 35.52
C VAL C 158 23.08 -20.72 35.60
N ILE C 159 22.85 -19.85 36.58
CA ILE C 159 23.78 -18.78 36.93
C ILE C 159 24.41 -19.12 38.30
N PRO C 160 25.64 -19.69 38.32
CA PRO C 160 26.28 -20.11 39.56
C PRO C 160 26.72 -19.01 40.54
N ASP C 161 27.18 -17.85 40.03
CA ASP C 161 27.55 -16.75 40.91
C ASP C 161 26.42 -15.73 40.85
N PHE C 162 25.34 -16.07 41.54
CA PHE C 162 24.12 -15.28 41.48
C PHE C 162 24.29 -13.94 42.19
N MET C 163 25.15 -13.88 43.21
CA MET C 163 25.29 -12.64 43.96
C MET C 163 25.94 -11.57 43.05
N SER C 164 26.93 -11.98 42.26
CA SER C 164 27.63 -11.06 41.38
C SER C 164 26.68 -10.50 40.31
N PHE C 165 25.97 -11.43 39.67
CA PHE C 165 24.91 -11.12 38.71
C PHE C 165 23.87 -10.15 39.28
N THR C 166 23.37 -10.40 40.50
CA THR C 166 22.37 -9.49 41.03
C THR C 166 22.95 -8.08 41.22
N SER C 167 24.24 -7.95 41.55
CA SER C 167 24.89 -6.65 41.59
C SER C 167 24.84 -5.98 40.22
N HIS C 168 25.07 -6.76 39.14
CA HIS C 168 24.99 -6.23 37.78
C HIS C 168 23.58 -5.75 37.45
N ILE C 169 22.53 -6.55 37.75
CA ILE C 169 21.15 -6.15 37.57
C ILE C 169 20.87 -4.81 38.27
N ASP C 170 21.42 -4.65 39.50
CA ASP C 170 21.12 -3.50 40.35
C ASP C 170 21.68 -2.23 39.70
N GLU C 171 22.90 -2.32 39.12
CA GLU C 171 23.50 -1.20 38.40
C GLU C 171 22.65 -0.80 37.19
N LEU C 172 22.22 -1.79 36.36
CA LEU C 172 21.40 -1.55 35.18
C LEU C 172 20.06 -0.92 35.57
N TYR C 173 19.48 -1.45 36.64
CA TYR C 173 18.31 -0.83 37.24
C TYR C 173 18.57 0.66 37.48
N GLU C 174 19.66 1.00 38.18
CA GLU C 174 19.91 2.38 38.58
C GLU C 174 20.17 3.22 37.33
N SER C 175 20.80 2.58 36.33
CA SER C 175 21.16 3.31 35.13
C SER C 175 19.92 3.64 34.29
N ALA C 176 18.92 2.73 34.24
CA ALA C 176 17.66 3.02 33.59
C ALA C 176 16.85 4.07 34.34
N LYS C 177 17.07 4.14 35.66
CA LYS C 177 16.26 4.97 36.54
C LYS C 177 16.41 6.45 36.19
N LYS C 178 17.50 6.84 35.53
CA LYS C 178 17.75 8.23 35.13
C LYS C 178 17.07 8.60 33.81
N GLN C 179 16.56 7.61 33.05
CA GLN C 179 15.80 7.87 31.84
C GLN C 179 14.37 8.25 32.21
N SER C 180 14.11 9.55 32.36
CA SER C 180 12.86 9.99 32.96
C SER C 180 11.89 10.56 31.92
N GLY C 181 12.19 10.42 30.62
CA GLY C 181 11.27 10.77 29.55
C GLY C 181 10.11 9.76 29.40
N GLY C 182 9.25 10.03 28.41
CA GLY C 182 8.09 9.22 28.14
C GLY C 182 6.84 9.82 28.76
N LYS C 183 5.67 9.33 28.35
CA LYS C 183 4.40 9.82 28.83
C LYS C 183 3.58 8.62 29.30
N VAL C 184 3.13 8.67 30.55
CA VAL C 184 2.21 7.69 31.12
C VAL C 184 0.99 7.53 30.21
N ALA C 185 0.53 6.29 30.02
CA ALA C 185 -0.69 6.02 29.25
C ALA C 185 -1.90 6.65 29.94
N ASP C 186 -2.79 7.26 29.14
CA ASP C 186 -4.11 7.67 29.60
C ASP C 186 -5.12 7.50 28.45
N PHE C 194 -1.14 5.83 37.60
CA PHE C 194 0.15 5.31 38.15
C PHE C 194 1.21 6.41 38.13
N SER C 195 2.06 6.42 39.17
CA SER C 195 3.15 7.38 39.34
C SER C 195 4.26 7.12 38.30
N PRO C 196 4.67 8.13 37.48
CA PRO C 196 5.88 8.02 36.64
C PRO C 196 7.16 7.57 37.32
N ASP C 197 7.23 7.71 38.66
CA ASP C 197 8.40 7.34 39.44
C ASP C 197 8.57 5.82 39.49
N LEU C 198 7.47 5.07 39.39
CA LEU C 198 7.49 3.64 39.65
C LEU C 198 8.36 2.92 38.63
N TRP C 199 9.22 2.03 39.13
CA TRP C 199 10.21 1.36 38.31
C TRP C 199 10.72 0.16 39.06
N GLY C 200 10.36 -1.04 38.58
CA GLY C 200 10.80 -2.28 39.21
C GLY C 200 11.25 -3.31 38.19
N VAL C 201 12.12 -4.23 38.63
CA VAL C 201 12.69 -5.26 37.80
C VAL C 201 12.82 -6.55 38.59
N SER C 202 12.11 -7.60 38.18
CA SER C 202 12.21 -8.89 38.86
C SER C 202 12.80 -9.94 37.94
N VAL C 203 13.51 -10.89 38.54
CA VAL C 203 14.22 -11.91 37.80
C VAL C 203 13.91 -13.28 38.41
N CYS C 204 13.68 -14.24 37.55
CA CYS C 204 13.50 -15.60 37.99
C CYS C 204 14.28 -16.51 37.03
N THR C 205 15.30 -17.20 37.53
CA THR C 205 16.05 -18.06 36.65
C THR C 205 15.22 -19.29 36.40
N VAL C 206 15.70 -20.08 35.46
CA VAL C 206 15.12 -21.36 35.13
C VAL C 206 15.30 -22.37 36.28
N ASP C 207 16.17 -22.07 37.27
CA ASP C 207 16.30 -22.90 38.46
C ASP C 207 15.60 -22.30 39.69
N GLY C 208 14.80 -21.25 39.54
CA GLY C 208 14.03 -20.71 40.66
C GLY C 208 14.77 -19.64 41.48
N GLN C 209 15.95 -19.20 41.03
CA GLN C 209 16.74 -18.19 41.72
C GLN C 209 16.09 -16.84 41.44
N ARG C 210 15.97 -15.97 42.43
CA ARG C 210 15.11 -14.80 42.32
C ARG C 210 15.88 -13.55 42.71
N HIS C 211 15.46 -12.40 42.16
CA HIS C 211 15.96 -11.10 42.59
C HIS C 211 14.99 -10.03 42.13
N SER C 212 14.79 -9.01 42.98
CA SER C 212 13.91 -7.88 42.74
C SER C 212 14.61 -6.59 43.14
N THR C 213 14.31 -5.51 42.42
CA THR C 213 14.83 -4.18 42.71
C THR C 213 13.75 -3.16 42.35
N GLY C 214 13.49 -2.22 43.26
CA GLY C 214 12.52 -1.17 43.01
C GLY C 214 11.09 -1.67 43.27
N ASP C 215 10.14 -1.15 42.51
CA ASP C 215 8.72 -1.32 42.79
C ASP C 215 8.17 -2.61 42.19
N THR C 216 8.57 -3.75 42.78
CA THR C 216 8.30 -5.06 42.22
C THR C 216 7.09 -5.73 42.86
N LYS C 217 6.48 -5.12 43.90
CA LYS C 217 5.31 -5.71 44.57
C LYS C 217 4.05 -4.84 44.40
N VAL C 218 4.09 -3.96 43.40
CA VAL C 218 2.98 -3.10 43.03
C VAL C 218 2.21 -3.75 41.89
N PRO C 219 0.90 -3.98 42.04
CA PRO C 219 0.13 -4.62 40.96
C PRO C 219 -0.15 -3.64 39.81
N PHE C 220 -0.19 -4.19 38.59
CA PHE C 220 -0.46 -3.46 37.36
C PHE C 220 -1.04 -4.44 36.34
N CYS C 221 -1.79 -3.91 35.37
CA CYS C 221 -2.47 -4.75 34.39
C CYS C 221 -1.50 -5.26 33.32
N LEU C 222 -1.70 -6.50 32.88
CA LEU C 222 -0.86 -7.06 31.84
C LEU C 222 -1.01 -6.26 30.56
N GLN C 223 -2.25 -5.94 30.22
CA GLN C 223 -2.59 -5.37 28.94
C GLN C 223 -2.06 -6.32 27.89
N SER C 224 -1.24 -5.81 26.97
CA SER C 224 -0.82 -6.57 25.81
C SER C 224 0.20 -7.64 26.16
N CYS C 225 0.91 -7.51 27.29
CA CYS C 225 1.75 -8.58 27.84
C CYS C 225 1.01 -9.93 28.01
N VAL C 226 -0.34 -9.92 27.99
CA VAL C 226 -1.13 -11.14 28.15
C VAL C 226 -1.25 -11.87 26.83
N LYS C 227 -0.89 -11.21 25.73
CA LYS C 227 -1.17 -11.76 24.41
C LYS C 227 -0.41 -13.08 24.21
N PRO C 228 0.90 -13.17 24.54
CA PRO C 228 1.64 -14.43 24.38
C PRO C 228 1.16 -15.52 25.32
N LEU C 229 0.62 -15.13 26.50
CA LEU C 229 0.24 -16.13 27.49
C LEU C 229 -1.01 -16.84 27.00
N LYS C 230 -1.98 -16.11 26.43
CA LYS C 230 -3.19 -16.74 25.90
C LYS C 230 -2.95 -17.40 24.53
N TYR C 231 -1.98 -16.92 23.75
CA TYR C 231 -1.55 -17.65 22.58
C TYR C 231 -1.01 -19.03 23.02
N ALA C 232 -0.13 -19.04 24.02
CA ALA C 232 0.49 -20.26 24.51
C ALA C 232 -0.60 -21.26 24.93
N ILE C 233 -1.64 -20.75 25.60
CA ILE C 233 -2.71 -21.59 26.11
C ILE C 233 -3.48 -22.20 24.95
N ALA C 234 -3.79 -21.36 23.95
CA ALA C 234 -4.48 -21.79 22.75
C ALA C 234 -3.72 -22.91 22.05
N VAL C 235 -2.40 -22.75 21.88
CA VAL C 235 -1.58 -23.73 21.15
C VAL C 235 -1.46 -25.01 21.99
N ASN C 236 -1.33 -24.84 23.31
CA ASN C 236 -1.28 -25.95 24.26
C ASN C 236 -2.50 -26.87 24.12
N ASP C 237 -3.72 -26.30 24.09
CA ASP C 237 -4.94 -27.09 24.08
C ASP C 237 -5.29 -27.58 22.66
N LEU C 238 -4.92 -26.82 21.61
CA LEU C 238 -5.47 -27.00 20.27
C LEU C 238 -4.41 -27.41 19.24
N GLY C 239 -3.13 -27.06 19.46
CA GLY C 239 -2.09 -27.36 18.50
C GLY C 239 -1.88 -26.23 17.50
N THR C 240 -0.67 -26.19 16.96
CA THR C 240 -0.22 -25.15 16.04
C THR C 240 -1.13 -25.09 14.83
N GLU C 241 -1.48 -26.27 14.26
CA GLU C 241 -2.13 -26.34 12.96
C GLU C 241 -3.50 -25.68 13.06
N TYR C 242 -4.22 -25.94 14.15
CA TYR C 242 -5.56 -25.40 14.32
C TYR C 242 -5.46 -23.89 14.53
N VAL C 243 -4.61 -23.46 15.46
CA VAL C 243 -4.54 -22.06 15.78
C VAL C 243 -4.18 -21.26 14.53
N HIS C 244 -3.22 -21.75 13.75
CA HIS C 244 -2.73 -20.94 12.65
C HIS C 244 -3.59 -21.01 11.39
N ARG C 245 -4.76 -21.67 11.44
CA ARG C 245 -5.81 -21.43 10.44
C ARG C 245 -6.53 -20.09 10.65
N TYR C 246 -6.46 -19.55 11.88
CA TYR C 246 -7.18 -18.35 12.29
C TYR C 246 -6.28 -17.13 12.39
N VAL C 247 -4.97 -17.32 12.62
CA VAL C 247 -4.03 -16.22 12.85
C VAL C 247 -2.71 -16.53 12.14
N GLY C 248 -2.07 -15.51 11.55
CA GLY C 248 -0.80 -15.68 10.89
C GLY C 248 0.38 -15.78 11.86
N LYS C 249 1.60 -15.63 11.34
CA LYS C 249 2.81 -15.91 12.09
C LYS C 249 3.95 -14.95 11.75
N GLU C 250 3.62 -13.74 11.27
CA GLU C 250 4.61 -12.80 10.79
C GLU C 250 4.19 -11.38 11.14
N PRO C 251 5.16 -10.46 11.27
CA PRO C 251 4.84 -9.05 11.35
C PRO C 251 4.19 -8.52 10.06
N SER C 252 3.25 -7.60 10.19
CA SER C 252 2.71 -6.88 9.05
C SER C 252 3.80 -6.21 8.21
N GLY C 253 4.85 -5.66 8.84
CA GLY C 253 5.70 -4.66 8.21
C GLY C 253 5.14 -3.27 8.48
N LEU C 254 6.03 -2.28 8.65
CA LEU C 254 5.70 -1.02 9.32
C LEU C 254 4.59 -0.23 8.61
N ARG C 255 4.35 -0.52 7.32
CA ARG C 255 3.34 0.19 6.53
C ARG C 255 1.97 -0.49 6.68
N PHE C 256 1.98 -1.77 7.10
CA PHE C 256 0.80 -2.63 7.14
C PHE C 256 0.25 -2.67 8.57
N ASN C 257 0.66 -1.71 9.42
CA ASN C 257 0.50 -1.77 10.88
C ASN C 257 -0.88 -1.25 11.32
N LYS C 258 -1.75 -1.01 10.33
CA LYS C 258 -3.04 -0.35 10.48
C LYS C 258 -4.06 -1.08 9.61
N LEU C 259 -3.64 -2.16 8.94
CA LEU C 259 -4.56 -3.14 8.39
C LEU C 259 -4.79 -4.25 9.42
N PHE C 260 -6.01 -4.79 9.46
CA PHE C 260 -6.40 -5.82 10.41
C PHE C 260 -6.08 -7.22 9.88
N LEU C 261 -5.93 -7.38 8.55
CA LEU C 261 -5.84 -8.69 7.93
C LEU C 261 -4.67 -8.71 6.97
N ASN C 262 -3.99 -9.86 6.88
CA ASN C 262 -2.96 -10.11 5.87
C ASN C 262 -3.67 -10.46 4.55
N GLU C 263 -2.92 -10.88 3.53
CA GLU C 263 -3.51 -11.23 2.24
C GLU C 263 -4.38 -12.47 2.33
N ASP C 264 -4.17 -13.32 3.35
CA ASP C 264 -4.92 -14.56 3.45
C ASP C 264 -6.22 -14.37 4.24
N ASP C 265 -6.53 -13.14 4.65
CA ASP C 265 -7.74 -12.82 5.42
C ASP C 265 -7.62 -13.34 6.86
N LYS C 266 -6.38 -13.36 7.36
CA LYS C 266 -6.09 -13.72 8.72
C LYS C 266 -5.38 -12.54 9.37
N PRO C 267 -5.62 -12.26 10.68
CA PRO C 267 -4.80 -11.31 11.41
C PRO C 267 -3.34 -11.74 11.28
N HIS C 268 -2.44 -10.77 11.29
CA HIS C 268 -1.06 -11.00 10.91
C HIS C 268 -0.36 -11.98 11.85
N ASN C 269 -0.67 -11.85 13.14
CA ASN C 269 0.06 -12.56 14.18
C ASN C 269 -0.73 -12.41 15.46
N PRO C 270 -0.49 -13.28 16.47
CA PRO C 270 -1.13 -13.16 17.79
C PRO C 270 -0.75 -11.95 18.65
N MET C 271 0.22 -11.14 18.24
CA MET C 271 0.71 -10.10 19.13
C MET C 271 0.11 -8.72 18.78
N VAL C 272 -0.79 -8.66 17.78
CA VAL C 272 -1.55 -7.43 17.53
C VAL C 272 -3.01 -7.67 17.91
N ASN C 273 -3.76 -6.58 18.15
CA ASN C 273 -5.09 -6.67 18.75
C ASN C 273 -6.01 -7.62 17.96
N ALA C 274 -6.02 -7.54 16.62
CA ALA C 274 -6.95 -8.35 15.83
C ALA C 274 -6.62 -9.85 15.98
N GLY C 275 -5.31 -10.15 16.00
CA GLY C 275 -4.86 -11.52 16.17
C GLY C 275 -5.15 -12.06 17.55
N ALA C 276 -4.93 -11.21 18.55
CA ALA C 276 -5.25 -11.52 19.94
C ALA C 276 -6.75 -11.74 20.15
N ILE C 277 -7.59 -10.86 19.59
CA ILE C 277 -9.04 -11.05 19.61
C ILE C 277 -9.41 -12.40 19.00
N VAL C 278 -8.74 -12.86 17.93
CA VAL C 278 -9.09 -14.12 17.31
C VAL C 278 -8.59 -15.28 18.16
N VAL C 279 -7.42 -15.14 18.78
CA VAL C 279 -6.90 -16.17 19.68
C VAL C 279 -7.84 -16.28 20.88
N THR C 280 -8.41 -15.15 21.33
CA THR C 280 -9.31 -15.17 22.48
C THR C 280 -10.51 -16.03 22.14
N SER C 281 -10.89 -16.03 20.86
CA SER C 281 -12.08 -16.70 20.39
C SER C 281 -11.87 -18.20 20.26
N LEU C 282 -10.62 -18.70 20.37
CA LEU C 282 -10.32 -20.13 20.20
C LEU C 282 -10.32 -20.89 21.53
N ILE C 283 -10.17 -20.18 22.65
CA ILE C 283 -9.91 -20.75 23.96
C ILE C 283 -11.22 -21.19 24.61
N LYS C 284 -11.30 -22.49 24.91
CA LYS C 284 -12.39 -23.08 25.69
C LYS C 284 -13.74 -22.76 25.06
N GLN C 285 -13.90 -23.15 23.81
CA GLN C 285 -15.12 -22.89 23.05
C GLN C 285 -16.28 -23.67 23.66
N GLY C 286 -17.47 -23.08 23.57
CA GLY C 286 -18.70 -23.76 23.97
C GLY C 286 -19.17 -23.45 25.39
N VAL C 287 -18.35 -22.81 26.23
CA VAL C 287 -18.75 -22.47 27.59
C VAL C 287 -18.83 -20.97 27.76
N ASN C 288 -19.38 -20.50 28.89
CA ASN C 288 -19.63 -19.09 29.09
C ASN C 288 -18.34 -18.38 29.53
N ASN C 289 -18.34 -17.04 29.51
CA ASN C 289 -17.16 -16.23 29.77
C ASN C 289 -16.59 -16.41 31.18
N ALA C 290 -17.44 -16.68 32.16
CA ALA C 290 -17.00 -16.86 33.55
C ALA C 290 -16.10 -18.10 33.67
N GLU C 291 -16.50 -19.22 33.05
CA GLU C 291 -15.71 -20.44 33.03
C GLU C 291 -14.48 -20.30 32.13
N LYS C 292 -14.58 -19.52 31.04
CA LYS C 292 -13.43 -19.27 30.19
C LYS C 292 -12.38 -18.46 30.96
N PHE C 293 -12.83 -17.41 31.62
CA PHE C 293 -11.95 -16.58 32.42
C PHE C 293 -11.30 -17.42 33.51
N ASP C 294 -12.09 -18.21 34.25
CA ASP C 294 -11.59 -19.06 35.34
C ASP C 294 -10.49 -19.97 34.82
N TYR C 295 -10.82 -20.65 33.71
CA TYR C 295 -9.88 -21.52 33.04
C TYR C 295 -8.56 -20.79 32.79
N VAL C 296 -8.61 -19.57 32.22
CA VAL C 296 -7.37 -18.85 31.91
C VAL C 296 -6.64 -18.44 33.19
N MET C 297 -7.38 -18.02 34.24
CA MET C 297 -6.79 -17.69 35.53
C MET C 297 -6.04 -18.88 36.15
N GLN C 298 -6.55 -20.11 36.04
CA GLN C 298 -5.86 -21.27 36.58
C GLN C 298 -4.49 -21.43 35.91
N PHE C 299 -4.51 -21.19 34.61
CA PHE C 299 -3.34 -21.41 33.78
C PHE C 299 -2.24 -20.44 34.22
N LEU C 300 -2.61 -19.17 34.39
CA LEU C 300 -1.68 -18.14 34.84
C LEU C 300 -1.16 -18.41 36.26
N ASN C 301 -1.99 -19.01 37.13
CA ASN C 301 -1.60 -19.30 38.50
C ASN C 301 -0.46 -20.30 38.48
N LYS C 302 -0.54 -21.32 37.62
CA LYS C 302 0.52 -22.30 37.51
C LYS C 302 1.77 -21.72 36.82
N MET C 303 1.59 -20.83 35.83
CA MET C 303 2.74 -20.22 35.17
C MET C 303 3.51 -19.32 36.14
N ALA C 304 2.77 -18.71 37.06
CA ALA C 304 3.31 -17.80 38.06
C ALA C 304 3.60 -18.52 39.38
N GLY C 305 3.58 -19.86 39.38
CA GLY C 305 3.83 -20.63 40.59
C GLY C 305 2.96 -20.24 41.80
N ASN C 306 1.72 -19.81 41.53
CA ASN C 306 0.71 -19.39 42.51
C ASN C 306 1.04 -18.04 43.13
N GLU C 307 1.87 -17.22 42.48
CA GLU C 307 2.08 -15.87 42.99
C GLU C 307 1.00 -14.99 42.40
N TYR C 308 1.03 -13.69 42.70
CA TYR C 308 -0.11 -12.83 42.49
C TYR C 308 -0.51 -12.82 41.01
N VAL C 309 -1.76 -13.25 40.81
CA VAL C 309 -2.53 -13.03 39.60
C VAL C 309 -3.91 -12.53 40.07
N GLY C 310 -4.25 -11.27 39.77
CA GLY C 310 -5.52 -10.65 40.16
C GLY C 310 -6.26 -10.02 38.98
N PHE C 311 -7.14 -9.05 39.28
CA PHE C 311 -8.04 -8.52 38.27
C PHE C 311 -8.45 -7.08 38.59
N SER C 312 -8.37 -6.18 37.60
CA SER C 312 -8.76 -4.79 37.77
C SER C 312 -10.10 -4.50 37.08
N ASN C 313 -11.18 -4.43 37.86
CA ASN C 313 -12.50 -4.20 37.29
C ASN C 313 -12.53 -2.77 36.75
N ALA C 314 -11.91 -1.82 37.46
CA ALA C 314 -11.85 -0.44 37.00
C ALA C 314 -11.23 -0.35 35.60
N THR C 315 -10.13 -1.12 35.39
CA THR C 315 -9.47 -1.16 34.10
C THR C 315 -10.37 -1.82 33.06
N PHE C 316 -11.10 -2.88 33.44
CA PHE C 316 -12.00 -3.56 32.52
C PHE C 316 -13.08 -2.61 32.00
N GLN C 317 -13.75 -1.89 32.92
CA GLN C 317 -14.82 -0.98 32.55
C GLN C 317 -14.27 0.08 31.60
N SER C 318 -13.12 0.66 31.95
CA SER C 318 -12.50 1.70 31.17
C SER C 318 -12.20 1.21 29.73
N GLU C 319 -11.61 0.02 29.60
CA GLU C 319 -11.31 -0.62 28.32
C GLU C 319 -12.55 -0.81 27.44
N ARG C 320 -13.67 -1.26 28.04
CA ARG C 320 -14.87 -1.57 27.27
C ARG C 320 -15.56 -0.27 26.85
N GLU C 321 -15.62 0.74 27.73
CA GLU C 321 -16.32 1.99 27.46
C GLU C 321 -15.46 2.93 26.62
N SER C 322 -14.36 2.42 26.07
CA SER C 322 -13.53 3.18 25.17
C SER C 322 -12.75 2.24 24.23
N GLY C 323 -13.31 1.06 23.93
CA GLY C 323 -12.67 0.20 22.95
C GLY C 323 -13.41 0.23 21.62
N ASP C 324 -13.45 1.39 20.95
CA ASP C 324 -14.09 1.52 19.66
C ASP C 324 -13.30 0.81 18.57
N ARG C 325 -11.97 0.92 18.63
CA ARG C 325 -11.14 0.34 17.60
C ARG C 325 -11.26 -1.17 17.64
N ASN C 326 -11.43 -1.75 18.85
CA ASN C 326 -11.51 -3.19 19.04
C ASN C 326 -12.88 -3.71 18.62
N PHE C 327 -13.93 -2.87 18.74
CA PHE C 327 -15.26 -3.18 18.24
C PHE C 327 -15.25 -3.11 16.70
N ALA C 328 -14.58 -2.08 16.17
CA ALA C 328 -14.30 -2.02 14.74
C ALA C 328 -13.60 -3.30 14.28
N ILE C 329 -12.64 -3.79 15.08
CA ILE C 329 -11.94 -5.02 14.72
C ILE C 329 -12.90 -6.21 14.80
N GLY C 330 -13.66 -6.32 15.89
CA GLY C 330 -14.60 -7.42 16.04
C GLY C 330 -15.53 -7.53 14.84
N TYR C 331 -16.15 -6.41 14.44
CA TYR C 331 -17.14 -6.44 13.37
C TYR C 331 -16.46 -6.79 12.04
N TYR C 332 -15.29 -6.22 11.76
CA TYR C 332 -14.55 -6.52 10.54
C TYR C 332 -14.22 -8.01 10.44
N LEU C 333 -13.75 -8.60 11.56
CA LEU C 333 -13.42 -10.02 11.62
C LEU C 333 -14.66 -10.88 11.42
N LYS C 334 -15.79 -10.46 12.00
CA LYS C 334 -17.05 -11.16 11.81
C LYS C 334 -17.43 -11.19 10.33
N GLU C 335 -17.39 -10.02 9.69
CA GLU C 335 -17.64 -9.82 8.27
C GLU C 335 -16.79 -10.76 7.40
N LYS C 336 -15.48 -10.84 7.69
CA LYS C 336 -14.60 -11.63 6.86
C LYS C 336 -14.54 -13.10 7.30
N LYS C 337 -15.31 -13.50 8.34
CA LYS C 337 -15.53 -14.90 8.72
C LYS C 337 -14.25 -15.49 9.31
N CYS C 338 -13.64 -14.68 10.20
CA CYS C 338 -12.36 -14.97 10.82
C CYS C 338 -12.53 -15.78 12.10
N PHE C 339 -13.76 -15.86 12.62
CA PHE C 339 -14.00 -16.52 13.90
C PHE C 339 -14.37 -17.99 13.68
N PRO C 340 -14.18 -18.89 14.68
CA PRO C 340 -14.72 -20.25 14.55
C PRO C 340 -16.24 -20.24 14.58
N GLU C 341 -16.84 -21.27 13.95
CA GLU C 341 -18.27 -21.37 13.73
C GLU C 341 -18.96 -21.30 15.10
N GLY C 342 -19.96 -20.41 15.24
CA GLY C 342 -20.74 -20.31 16.47
C GLY C 342 -20.13 -19.38 17.51
N THR C 343 -19.24 -18.47 17.07
CA THR C 343 -18.66 -17.46 17.96
C THR C 343 -19.68 -16.33 18.18
N ASP C 344 -19.82 -15.92 19.45
CA ASP C 344 -20.53 -14.70 19.81
C ASP C 344 -19.45 -13.62 19.94
N MET C 345 -19.38 -12.74 18.93
CA MET C 345 -18.25 -11.84 18.74
C MET C 345 -18.24 -10.76 19.83
N VAL C 346 -19.42 -10.28 20.24
CA VAL C 346 -19.47 -9.21 21.22
C VAL C 346 -19.09 -9.77 22.59
N GLY C 347 -19.45 -11.03 22.87
CA GLY C 347 -18.97 -11.72 24.05
C GLY C 347 -17.45 -11.92 24.09
N ILE C 348 -16.85 -12.28 22.94
CA ILE C 348 -15.41 -12.45 22.79
C ILE C 348 -14.67 -11.13 23.04
N LEU C 349 -15.28 -10.00 22.70
CA LEU C 349 -14.68 -8.70 22.99
C LEU C 349 -14.70 -8.40 24.47
N ASP C 350 -15.79 -8.82 25.15
CA ASP C 350 -15.90 -8.70 26.59
C ASP C 350 -14.82 -9.54 27.30
N PHE C 351 -14.66 -10.81 26.86
CA PHE C 351 -13.64 -11.73 27.35
C PHE C 351 -12.24 -11.18 27.07
N TYR C 352 -12.06 -10.62 25.87
CA TYR C 352 -10.80 -10.02 25.48
C TYR C 352 -10.42 -8.86 26.39
N PHE C 353 -11.34 -7.95 26.69
CA PHE C 353 -11.07 -6.85 27.60
C PHE C 353 -10.83 -7.34 29.03
N GLN C 354 -11.49 -8.44 29.40
CA GLN C 354 -11.24 -9.06 30.68
C GLN C 354 -9.75 -9.43 30.77
N LEU C 355 -9.23 -10.17 29.78
CA LEU C 355 -7.89 -10.71 29.85
C LEU C 355 -6.84 -9.60 29.86
N CYS C 356 -7.16 -8.46 29.25
CA CYS C 356 -6.27 -7.29 29.25
C CYS C 356 -6.18 -6.67 30.64
N SER C 357 -7.19 -6.92 31.47
CA SER C 357 -7.35 -6.29 32.75
C SER C 357 -6.79 -7.13 33.91
N ILE C 358 -6.21 -8.29 33.60
CA ILE C 358 -5.61 -9.16 34.60
C ILE C 358 -4.36 -8.49 35.17
N GLU C 359 -4.17 -8.63 36.50
CA GLU C 359 -3.12 -7.95 37.22
C GLU C 359 -2.05 -8.93 37.68
N VAL C 360 -0.80 -8.46 37.57
CA VAL C 360 0.34 -9.15 38.15
C VAL C 360 1.14 -8.15 38.97
N THR C 361 2.21 -8.65 39.59
CA THR C 361 3.34 -7.82 40.02
C THR C 361 4.55 -8.17 39.15
N CYS C 362 5.65 -7.44 39.30
CA CYS C 362 6.90 -7.79 38.65
C CYS C 362 7.33 -9.18 39.12
N GLU C 363 7.09 -9.48 40.41
CA GLU C 363 7.60 -10.72 40.99
C GLU C 363 6.84 -11.91 40.43
N SER C 364 5.49 -11.89 40.38
CA SER C 364 4.74 -13.02 39.88
C SER C 364 4.96 -13.22 38.37
N ALA C 365 5.07 -12.10 37.64
CA ALA C 365 5.19 -12.10 36.20
C ALA C 365 6.57 -12.58 35.75
N SER C 366 7.62 -12.18 36.48
CA SER C 366 8.95 -12.74 36.27
C SER C 366 8.90 -14.26 36.23
N VAL C 367 8.07 -14.88 37.07
CA VAL C 367 7.96 -16.34 37.16
C VAL C 367 7.20 -16.90 35.96
N MET C 368 6.21 -16.13 35.48
CA MET C 368 5.50 -16.47 34.24
C MET C 368 6.50 -16.55 33.08
N ALA C 369 7.35 -15.51 32.95
CA ALA C 369 8.40 -15.45 31.95
C ALA C 369 9.46 -16.53 32.15
N ALA C 370 9.74 -16.94 33.40
CA ALA C 370 10.67 -18.04 33.63
C ALA C 370 10.07 -19.38 33.19
N THR C 371 8.75 -19.54 33.25
CA THR C 371 8.11 -20.75 32.78
C THR C 371 8.36 -20.91 31.27
N LEU C 372 8.21 -19.80 30.53
CA LEU C 372 8.50 -19.77 29.10
C LEU C 372 9.99 -20.01 28.84
N ALA C 373 10.86 -19.47 29.70
CA ALA C 373 12.31 -19.65 29.58
C ALA C 373 12.71 -21.11 29.85
N ASN C 374 11.84 -21.84 30.57
CA ASN C 374 12.14 -23.18 31.06
C ASN C 374 11.37 -24.28 30.31
N GLY C 375 11.09 -24.11 29.02
CA GLY C 375 10.47 -25.17 28.22
C GLY C 375 9.04 -25.52 28.67
N GLY C 376 8.38 -24.61 29.41
CA GLY C 376 7.00 -24.74 29.85
C GLY C 376 6.85 -25.39 31.23
N PHE C 377 7.96 -25.52 31.97
CA PHE C 377 7.93 -25.95 33.36
C PHE C 377 8.14 -24.75 34.27
N CYS C 378 7.25 -24.59 35.25
CA CYS C 378 7.38 -23.53 36.24
C CYS C 378 8.61 -23.82 37.10
N PRO C 379 9.60 -22.90 37.12
CA PRO C 379 10.85 -23.17 37.82
C PRO C 379 10.73 -23.28 39.35
N ILE C 380 9.69 -22.67 39.95
CA ILE C 380 9.58 -22.69 41.41
C ILE C 380 8.65 -23.81 41.91
N THR C 381 7.98 -24.57 41.04
CA THR C 381 7.18 -25.70 41.49
C THR C 381 7.60 -27.01 40.82
N GLY C 382 8.27 -26.96 39.67
CA GLY C 382 8.61 -28.16 38.90
C GLY C 382 7.44 -28.70 38.05
N GLU C 383 6.33 -27.94 38.02
CA GLU C 383 5.11 -28.38 37.36
C GLU C 383 5.17 -28.08 35.86
N ARG C 384 4.78 -29.05 35.01
CA ARG C 384 4.63 -28.83 33.58
C ARG C 384 3.33 -28.08 33.31
N VAL C 385 3.41 -26.86 32.78
CA VAL C 385 2.23 -26.03 32.58
C VAL C 385 1.85 -25.98 31.10
N LEU C 386 2.86 -25.92 30.22
CA LEU C 386 2.65 -25.76 28.79
C LEU C 386 3.48 -26.79 28.04
N SER C 387 2.92 -27.27 26.92
CA SER C 387 3.66 -28.05 25.92
C SER C 387 4.85 -27.26 25.39
N PRO C 388 5.98 -27.94 25.06
CA PRO C 388 7.08 -27.33 24.31
C PRO C 388 6.72 -26.60 23.01
N GLU C 389 5.82 -27.21 22.22
CA GLU C 389 5.31 -26.64 21.00
C GLU C 389 4.72 -25.25 21.29
N ALA C 390 3.87 -25.15 22.33
CA ALA C 390 3.26 -23.88 22.72
C ALA C 390 4.30 -22.82 23.07
N VAL C 391 5.29 -23.19 23.87
CA VAL C 391 6.34 -22.27 24.30
C VAL C 391 7.28 -21.86 23.15
N ARG C 392 7.74 -22.81 22.33
CA ARG C 392 8.54 -22.46 21.17
C ARG C 392 7.79 -21.46 20.27
N ASN C 393 6.58 -21.82 19.85
CA ASN C 393 5.75 -20.93 19.05
C ASN C 393 5.68 -19.52 19.64
N THR C 394 5.49 -19.43 20.96
CA THR C 394 5.24 -18.17 21.65
C THR C 394 6.49 -17.31 21.65
N LEU C 395 7.65 -17.92 21.96
CA LEU C 395 8.94 -17.23 21.98
C LEU C 395 9.23 -16.66 20.60
N SER C 396 9.01 -17.48 19.56
CA SER C 396 9.21 -17.08 18.17
C SER C 396 8.49 -15.76 17.86
N LEU C 397 7.21 -15.67 18.25
CA LEU C 397 6.36 -14.58 17.79
C LEU C 397 6.61 -13.36 18.64
N MET C 398 7.06 -13.58 19.88
CA MET C 398 7.47 -12.51 20.77
C MET C 398 8.75 -11.89 20.20
N HIS C 399 9.66 -12.75 19.74
CA HIS C 399 10.88 -12.29 19.11
C HIS C 399 10.58 -11.24 18.03
N SER C 400 9.71 -11.58 17.06
CA SER C 400 9.50 -10.82 15.84
C SER C 400 8.40 -9.74 15.93
N CYS C 401 7.33 -9.98 16.72
CA CYS C 401 6.14 -9.14 16.74
C CYS C 401 5.80 -8.57 18.13
N GLY C 402 6.75 -8.48 19.07
CA GLY C 402 6.43 -8.37 20.47
C GLY C 402 6.48 -6.95 21.02
N MET C 403 7.11 -6.03 20.30
CA MET C 403 7.33 -4.70 20.85
C MET C 403 6.69 -3.66 19.94
N TYR C 404 5.50 -3.99 19.41
CA TYR C 404 4.77 -3.07 18.57
C TYR C 404 5.62 -2.76 17.34
N ASP C 405 5.68 -1.47 16.95
CA ASP C 405 6.45 -1.02 15.79
C ASP C 405 7.96 -1.01 16.02
N PHE C 406 8.44 -1.16 17.27
CA PHE C 406 9.87 -1.30 17.54
C PHE C 406 10.31 -2.76 17.44
N SER C 407 9.43 -3.65 16.99
CA SER C 407 9.70 -5.07 17.01
C SER C 407 10.95 -5.43 16.19
N GLY C 408 11.11 -4.80 15.01
CA GLY C 408 12.21 -5.09 14.10
C GLY C 408 13.55 -4.65 14.66
N GLN C 409 13.55 -3.42 15.23
CA GLN C 409 14.72 -2.81 15.84
C GLN C 409 15.14 -3.61 17.08
N PHE C 410 14.16 -4.04 17.87
CA PHE C 410 14.42 -4.75 19.11
C PHE C 410 15.01 -6.13 18.81
N ALA C 411 14.41 -6.83 17.82
CA ALA C 411 14.88 -8.16 17.43
C ALA C 411 16.36 -8.11 17.02
N PHE C 412 16.72 -7.05 16.30
CA PHE C 412 18.07 -6.84 15.80
C PHE C 412 19.00 -6.50 16.97
N HIS C 413 18.68 -5.46 17.76
CA HIS C 413 19.60 -4.96 18.78
C HIS C 413 19.52 -5.72 20.09
N VAL C 414 18.35 -6.28 20.49
CA VAL C 414 18.27 -6.99 21.75
C VAL C 414 18.24 -8.50 21.54
N GLY C 415 17.49 -8.96 20.55
CA GLY C 415 17.51 -10.36 20.17
C GLY C 415 16.96 -11.27 21.26
N LEU C 416 15.92 -10.81 21.98
CA LEU C 416 15.27 -11.60 23.03
C LEU C 416 13.76 -11.60 22.77
N PRO C 417 13.04 -12.70 23.05
CA PRO C 417 11.58 -12.66 23.09
C PRO C 417 11.13 -11.72 24.20
N ALA C 418 10.29 -10.74 23.87
CA ALA C 418 9.84 -9.74 24.82
C ALA C 418 8.49 -9.22 24.38
N LYS C 419 7.65 -8.83 25.35
CA LYS C 419 6.31 -8.37 25.01
C LYS C 419 6.03 -7.15 25.88
N SER C 420 5.57 -6.06 25.28
CA SER C 420 5.30 -4.85 26.04
C SER C 420 3.79 -4.67 26.13
N GLY C 421 3.39 -3.77 27.06
CA GLY C 421 2.00 -3.39 27.31
C GLY C 421 1.88 -1.94 27.77
N VAL C 422 0.67 -1.38 27.74
CA VAL C 422 0.46 0.06 27.84
C VAL C 422 0.59 0.51 29.31
N ALA C 423 0.66 -0.44 30.24
CA ALA C 423 0.79 -0.08 31.63
C ALA C 423 2.25 0.20 31.99
N GLY C 424 3.19 -0.13 31.08
CA GLY C 424 4.63 0.05 31.28
C GLY C 424 5.39 -1.27 31.48
N GLY C 425 4.66 -2.41 31.41
CA GLY C 425 5.21 -3.75 31.51
C GLY C 425 6.03 -4.14 30.28
N ILE C 426 7.15 -4.84 30.52
CA ILE C 426 7.88 -5.56 29.49
C ILE C 426 8.19 -6.96 30.03
N LEU C 427 7.49 -7.96 29.49
CA LEU C 427 7.73 -9.35 29.84
C LEU C 427 8.89 -9.79 28.99
N LEU C 428 9.94 -10.33 29.61
CA LEU C 428 11.17 -10.65 28.91
C LEU C 428 11.60 -12.09 29.20
N VAL C 429 12.12 -12.75 28.18
CA VAL C 429 12.53 -14.14 28.31
C VAL C 429 13.96 -14.23 27.80
N VAL C 430 14.84 -14.84 28.59
CA VAL C 430 16.14 -15.22 28.08
C VAL C 430 16.15 -16.74 28.07
N PRO C 431 15.85 -17.40 26.94
CA PRO C 431 15.58 -18.83 26.93
C PRO C 431 16.75 -19.59 27.53
N ASN C 432 16.42 -20.68 28.24
CA ASN C 432 17.38 -21.53 28.95
C ASN C 432 18.04 -20.85 30.15
N VAL C 433 17.69 -19.60 30.48
CA VAL C 433 18.39 -18.86 31.53
C VAL C 433 17.37 -18.31 32.53
N MET C 434 16.53 -17.38 32.13
CA MET C 434 15.66 -16.72 33.10
C MET C 434 14.51 -16.03 32.40
N GLY C 435 13.53 -15.62 33.21
CA GLY C 435 12.49 -14.70 32.79
C GLY C 435 12.52 -13.45 33.65
N MET C 436 11.97 -12.36 33.13
CA MET C 436 12.01 -11.07 33.80
C MET C 436 10.73 -10.32 33.48
N MET C 437 10.36 -9.43 34.39
CA MET C 437 9.35 -8.43 34.17
C MET C 437 9.96 -7.12 34.64
N CYS C 438 9.94 -6.14 33.73
CA CYS C 438 10.34 -4.75 33.98
C CYS C 438 9.09 -3.91 33.97
N TRP C 439 8.94 -2.94 34.84
CA TRP C 439 7.73 -2.16 34.80
C TRP C 439 8.00 -0.69 35.17
N SER C 440 7.64 0.21 34.25
CA SER C 440 7.74 1.63 34.47
C SER C 440 6.70 2.33 33.59
N PRO C 441 5.62 2.92 34.16
CA PRO C 441 4.53 3.47 33.36
C PRO C 441 4.86 4.36 32.14
N PRO C 442 5.78 5.34 32.19
CA PRO C 442 5.97 6.26 31.06
C PRO C 442 6.51 5.57 29.82
N LEU C 443 5.76 5.71 28.71
CA LEU C 443 6.00 5.06 27.43
C LEU C 443 6.64 6.02 26.45
N ASP C 444 7.35 5.46 25.46
CA ASP C 444 7.98 6.25 24.42
C ASP C 444 6.94 6.42 23.31
N LYS C 445 7.32 7.17 22.27
CA LYS C 445 6.49 7.41 21.09
C LYS C 445 5.86 6.12 20.55
N MET C 446 6.52 4.96 20.71
CA MET C 446 6.04 3.72 20.10
C MET C 446 5.17 2.88 21.05
N GLY C 447 5.05 3.28 22.33
CA GLY C 447 4.18 2.62 23.29
C GLY C 447 4.92 1.76 24.32
N ASN C 448 6.26 1.74 24.24
CA ASN C 448 7.11 0.88 25.05
C ASN C 448 7.71 1.68 26.22
N SER C 449 7.66 1.10 27.42
CA SER C 449 8.30 1.73 28.57
C SER C 449 9.72 2.18 28.21
N VAL C 450 9.97 3.48 28.35
CA VAL C 450 11.28 4.08 28.19
C VAL C 450 12.38 3.31 28.95
N LYS C 451 12.17 3.10 30.26
CA LYS C 451 13.19 2.55 31.14
C LYS C 451 13.42 1.06 30.86
N GLY C 452 12.32 0.33 30.68
CA GLY C 452 12.34 -1.05 30.23
C GLY C 452 13.20 -1.23 28.98
N ILE C 453 12.98 -0.36 28.00
CA ILE C 453 13.71 -0.41 26.75
C ILE C 453 15.19 -0.12 27.01
N HIS C 454 15.49 0.84 27.89
CA HIS C 454 16.88 1.15 28.20
C HIS C 454 17.52 -0.02 28.93
N PHE C 455 16.81 -0.59 29.92
CA PHE C 455 17.32 -1.74 30.64
C PHE C 455 17.64 -2.91 29.71
N CYS C 456 16.74 -3.24 28.78
CA CYS C 456 16.92 -4.39 27.87
C CYS C 456 18.13 -4.21 26.96
N HIS C 457 18.31 -3.01 26.42
CA HIS C 457 19.47 -2.73 25.60
C HIS C 457 20.75 -2.98 26.41
N ASP C 458 20.80 -2.43 27.64
CA ASP C 458 21.97 -2.48 28.50
C ASP C 458 22.26 -3.92 28.93
N LEU C 459 21.20 -4.68 29.17
CA LEU C 459 21.34 -6.05 29.63
C LEU C 459 22.11 -6.85 28.58
N VAL C 460 21.79 -6.60 27.30
CA VAL C 460 22.36 -7.36 26.19
C VAL C 460 23.75 -6.81 25.81
N SER C 461 24.01 -5.50 26.05
CA SER C 461 25.37 -4.95 25.99
C SER C 461 26.31 -5.65 26.97
N LEU C 462 25.84 -5.87 28.20
CA LEU C 462 26.66 -6.44 29.24
C LEU C 462 26.93 -7.93 29.00
N CYS C 463 25.86 -8.70 28.71
CA CYS C 463 25.85 -10.15 28.79
C CYS C 463 25.59 -10.77 27.42
N ASN C 464 26.00 -12.04 27.25
CA ASN C 464 25.98 -12.68 25.93
C ASN C 464 24.65 -13.41 25.74
N PHE C 465 23.56 -12.65 25.86
CA PHE C 465 22.21 -13.19 25.89
C PHE C 465 21.48 -12.99 24.57
N HIS C 466 21.99 -12.09 23.69
CA HIS C 466 21.41 -11.94 22.37
C HIS C 466 21.27 -13.33 21.75
N ASN C 467 20.11 -13.59 21.16
CA ASN C 467 19.78 -14.84 20.48
C ASN C 467 20.98 -15.39 19.68
N TYR C 468 21.68 -14.52 18.93
CA TYR C 468 22.75 -14.89 18.01
C TYR C 468 24.10 -14.36 18.48
N ASP C 469 24.25 -14.13 19.80
CA ASP C 469 25.56 -14.11 20.43
C ASP C 469 26.12 -15.53 20.41
N ASN C 470 27.44 -15.63 20.35
CA ASN C 470 28.10 -16.93 20.38
C ASN C 470 28.41 -17.24 21.85
N LEU C 471 28.40 -18.54 22.21
CA LEU C 471 28.66 -18.99 23.56
C LEU C 471 30.16 -19.15 23.80
N ARG C 472 30.96 -19.34 22.73
CA ARG C 472 32.41 -19.49 22.84
C ARG C 472 33.15 -18.17 22.58
N HIS C 473 32.66 -17.33 21.65
CA HIS C 473 33.37 -16.14 21.19
C HIS C 473 32.47 -14.91 21.24
N PHE C 474 32.56 -14.15 22.36
CA PHE C 474 31.61 -13.09 22.67
C PHE C 474 32.31 -11.78 23.09
N ALA C 475 33.51 -11.50 22.55
CA ALA C 475 34.10 -10.16 22.63
C ALA C 475 34.16 -9.66 24.08
N LYS C 476 33.51 -8.52 24.37
CA LYS C 476 33.69 -7.78 25.62
C LYS C 476 32.69 -8.25 26.68
N LYS C 477 31.72 -9.07 26.26
CA LYS C 477 30.56 -9.37 27.08
C LYS C 477 30.93 -10.36 28.20
N LEU C 478 30.21 -10.25 29.34
CA LEU C 478 30.20 -11.25 30.40
C LEU C 478 29.24 -12.40 30.04
N ASP C 479 29.58 -13.62 30.46
CA ASP C 479 28.66 -14.75 30.38
C ASP C 479 28.37 -15.21 31.79
N PRO C 480 27.18 -14.90 32.34
CA PRO C 480 26.87 -15.24 33.73
C PRO C 480 26.56 -16.72 33.97
N ARG C 481 26.88 -17.59 33.00
CA ARG C 481 26.70 -19.03 33.10
C ARG C 481 28.01 -19.77 33.41
N ARG C 482 29.07 -19.05 33.85
CA ARG C 482 30.40 -19.62 34.02
C ARG C 482 31.14 -18.98 35.20
N SER D 76 -51.86 37.52 -30.67
CA SER D 76 -52.41 36.72 -29.56
C SER D 76 -51.77 35.33 -29.52
N LEU D 77 -51.22 34.99 -28.36
CA LEU D 77 -50.34 33.84 -28.20
C LEU D 77 -51.14 32.54 -28.26
N GLU D 78 -52.36 32.58 -27.68
CA GLU D 78 -53.26 31.44 -27.65
C GLU D 78 -53.91 31.22 -29.03
N ASP D 79 -54.00 32.28 -29.84
CA ASP D 79 -54.62 32.20 -31.15
C ASP D 79 -53.58 31.72 -32.16
N LEU D 80 -52.34 32.21 -32.01
CA LEU D 80 -51.22 31.69 -32.79
C LEU D 80 -51.18 30.17 -32.68
N LEU D 81 -51.27 29.66 -31.45
CA LEU D 81 -51.19 28.23 -31.19
C LEU D 81 -52.44 27.51 -31.71
N PHE D 82 -53.58 28.21 -31.72
CA PHE D 82 -54.82 27.65 -32.22
C PHE D 82 -54.68 27.36 -33.73
N TYR D 83 -54.11 28.32 -34.48
CA TYR D 83 -53.96 28.18 -35.93
C TYR D 83 -52.93 27.10 -36.26
N THR D 84 -51.82 27.07 -35.52
CA THR D 84 -50.80 26.02 -35.65
C THR D 84 -51.49 24.65 -35.64
N ILE D 85 -52.39 24.43 -34.67
CA ILE D 85 -52.93 23.10 -34.41
C ILE D 85 -54.06 22.77 -35.40
N ALA D 86 -54.74 23.81 -35.93
CA ALA D 86 -55.80 23.63 -36.91
C ALA D 86 -55.33 24.11 -38.29
N GLN D 89 -58.88 24.51 -40.98
CA GLN D 89 -59.87 23.95 -40.01
C GLN D 89 -60.35 25.07 -39.08
N GLU D 90 -61.59 24.93 -38.60
CA GLU D 90 -62.24 25.96 -37.79
C GLU D 90 -62.44 25.47 -36.36
N LYS D 91 -62.35 24.14 -36.15
CA LYS D 91 -62.66 23.52 -34.87
C LYS D 91 -61.69 22.36 -34.61
N ILE D 92 -60.96 22.46 -33.49
CA ILE D 92 -60.00 21.45 -33.04
C ILE D 92 -60.69 20.40 -32.19
N PRO D 93 -60.72 19.10 -32.58
CA PRO D 93 -61.14 18.07 -31.63
C PRO D 93 -60.17 18.00 -30.44
N VAL D 94 -60.69 17.53 -29.29
CA VAL D 94 -59.90 17.45 -28.08
C VAL D 94 -58.80 16.40 -28.28
N HIS D 95 -59.23 15.17 -28.63
CA HIS D 95 -58.32 14.06 -28.87
C HIS D 95 -57.16 14.49 -29.76
N LYS D 96 -57.40 15.44 -30.68
CA LYS D 96 -56.37 15.88 -31.61
C LYS D 96 -55.35 16.78 -30.91
N PHE D 97 -55.80 17.66 -30.02
CA PHE D 97 -54.89 18.47 -29.23
C PHE D 97 -54.09 17.58 -28.28
N ILE D 98 -54.75 16.59 -27.67
CA ILE D 98 -54.08 15.69 -26.74
C ILE D 98 -52.93 14.98 -27.46
N THR D 99 -53.20 14.31 -28.59
CA THR D 99 -52.18 13.47 -29.22
C THR D 99 -51.04 14.32 -29.80
N ALA D 100 -51.28 15.59 -30.15
CA ALA D 100 -50.22 16.48 -30.62
C ALA D 100 -49.32 16.90 -29.45
N LEU D 101 -49.94 17.11 -28.30
CA LEU D 101 -49.24 17.40 -27.05
C LEU D 101 -48.36 16.21 -26.65
N LYS D 102 -48.93 14.99 -26.68
CA LYS D 102 -48.22 13.81 -26.23
C LYS D 102 -47.00 13.55 -27.11
N SER D 103 -47.06 13.92 -28.39
CA SER D 103 -45.96 13.69 -29.31
C SER D 103 -44.78 14.62 -29.04
N THR D 104 -45.01 15.74 -28.31
CA THR D 104 -43.91 16.57 -27.82
C THR D 104 -43.15 15.84 -26.72
N GLY D 105 -43.83 14.88 -26.03
CA GLY D 105 -43.22 14.04 -25.02
C GLY D 105 -43.73 14.36 -23.62
N LEU D 106 -44.45 15.50 -23.46
CA LEU D 106 -45.12 15.84 -22.22
C LEU D 106 -46.27 14.86 -21.96
N ARG D 107 -46.58 14.65 -20.67
CA ARG D 107 -47.68 13.79 -20.27
C ARG D 107 -48.82 14.69 -19.81
N THR D 108 -50.08 14.24 -20.02
CA THR D 108 -51.24 15.07 -19.68
C THR D 108 -51.32 15.30 -18.17
N SER D 109 -50.70 14.43 -17.35
CA SER D 109 -50.65 14.61 -15.91
C SER D 109 -49.50 15.52 -15.44
N ASP D 110 -48.76 16.15 -16.35
CA ASP D 110 -47.71 17.07 -15.95
C ASP D 110 -48.34 18.08 -14.99
N PRO D 111 -47.79 18.26 -13.77
CA PRO D 111 -48.26 19.33 -12.87
C PRO D 111 -48.32 20.73 -13.49
N ARG D 112 -47.41 21.05 -14.42
CA ARG D 112 -47.37 22.39 -14.99
C ARG D 112 -48.51 22.62 -15.98
N LEU D 113 -49.29 21.56 -16.27
CA LEU D 113 -50.37 21.55 -17.24
C LEU D 113 -51.70 21.25 -16.56
N LYS D 114 -51.77 21.40 -15.22
CA LYS D 114 -52.95 20.97 -14.48
C LYS D 114 -54.14 21.89 -14.78
N GLU D 115 -53.92 23.22 -14.84
CA GLU D 115 -55.01 24.17 -15.08
C GLU D 115 -55.64 23.96 -16.46
N CYS D 116 -54.82 23.70 -17.48
CA CYS D 116 -55.30 23.34 -18.81
C CYS D 116 -56.10 22.04 -18.76
N MET D 117 -55.60 20.99 -18.09
CA MET D 117 -56.29 19.71 -18.07
C MET D 117 -57.57 19.79 -17.24
N ASP D 118 -57.55 20.57 -16.14
CA ASP D 118 -58.73 20.89 -15.35
C ASP D 118 -59.81 21.55 -16.21
N MET D 119 -59.40 22.55 -16.99
CA MET D 119 -60.30 23.32 -17.85
C MET D 119 -60.89 22.43 -18.96
N LEU D 120 -60.13 21.48 -19.51
CA LEU D 120 -60.66 20.57 -20.51
C LEU D 120 -61.65 19.59 -19.88
N ARG D 121 -61.39 19.18 -18.63
CA ARG D 121 -62.23 18.20 -17.97
C ARG D 121 -63.61 18.82 -17.74
N LEU D 122 -63.60 20.12 -17.41
CA LEU D 122 -64.78 20.87 -17.02
C LEU D 122 -65.69 21.10 -18.24
N THR D 123 -65.11 21.35 -19.43
CA THR D 123 -65.87 21.53 -20.65
C THR D 123 -66.03 20.20 -21.42
N LEU D 124 -66.11 19.07 -20.69
CA LEU D 124 -66.47 17.76 -21.24
C LEU D 124 -67.51 17.08 -20.33
N VAL D 131 -66.83 17.05 -27.66
CA VAL D 131 -65.43 16.68 -28.00
C VAL D 131 -64.98 17.52 -29.20
N MET D 132 -65.05 18.86 -29.06
CA MET D 132 -64.82 19.78 -30.17
C MET D 132 -64.70 21.21 -29.64
N LEU D 133 -63.58 21.87 -29.95
CA LEU D 133 -63.22 23.16 -29.37
C LEU D 133 -63.14 24.24 -30.45
N ASP D 134 -63.81 25.38 -30.23
CA ASP D 134 -63.61 26.55 -31.10
C ASP D 134 -62.41 27.33 -30.56
N LYS D 135 -62.08 28.44 -31.22
CA LYS D 135 -60.94 29.29 -30.88
C LYS D 135 -61.13 29.95 -29.52
N ASP D 136 -62.38 30.25 -29.18
CA ASP D 136 -62.71 30.96 -27.96
C ASP D 136 -62.51 30.03 -26.75
N LEU D 137 -62.94 28.78 -26.89
CA LEU D 137 -62.96 27.80 -25.82
C LEU D 137 -61.55 27.22 -25.64
N PHE D 138 -60.81 27.12 -26.74
CA PHE D 138 -59.44 26.64 -26.72
C PHE D 138 -58.56 27.61 -25.96
N LYS D 139 -58.67 28.91 -26.26
CA LYS D 139 -57.94 29.95 -25.56
C LYS D 139 -58.25 29.86 -24.06
N LYS D 140 -59.52 29.59 -23.74
CA LYS D 140 -59.98 29.52 -22.36
C LYS D 140 -59.25 28.42 -21.59
N CYS D 141 -59.11 27.22 -22.18
CA CYS D 141 -58.46 26.11 -21.52
C CYS D 141 -56.93 26.27 -21.39
N VAL D 142 -56.26 26.86 -22.39
CA VAL D 142 -54.81 26.74 -22.47
C VAL D 142 -54.11 28.02 -22.05
N GLN D 143 -54.84 29.08 -21.69
CA GLN D 143 -54.21 30.40 -21.52
C GLN D 143 -53.28 30.41 -20.31
N SER D 144 -53.64 29.62 -19.28
CA SER D 144 -52.92 29.61 -18.01
C SER D 144 -51.53 29.00 -18.18
N ASN D 145 -51.42 27.94 -19.02
CA ASN D 145 -50.19 27.22 -19.28
C ASN D 145 -49.64 27.48 -20.69
N ILE D 146 -49.97 28.65 -21.28
CA ILE D 146 -49.73 28.92 -22.71
C ILE D 146 -48.24 28.99 -23.04
N VAL D 147 -47.43 29.51 -22.12
CA VAL D 147 -46.01 29.67 -22.37
C VAL D 147 -45.37 28.29 -22.53
N LEU D 148 -45.65 27.35 -21.63
CA LEU D 148 -45.09 26.01 -21.73
C LEU D 148 -45.60 25.29 -22.99
N LEU D 149 -46.90 25.42 -23.32
CA LEU D 149 -47.45 24.75 -24.51
C LEU D 149 -46.85 25.34 -25.78
N THR D 150 -46.52 26.63 -25.76
CA THR D 150 -45.89 27.28 -26.90
C THR D 150 -44.54 26.61 -27.17
N GLN D 151 -43.66 26.57 -26.17
CA GLN D 151 -42.35 25.96 -26.30
C GLN D 151 -42.53 24.56 -26.90
N ALA D 152 -43.45 23.79 -26.33
CA ALA D 152 -43.68 22.40 -26.73
C ALA D 152 -43.93 22.33 -28.23
N PHE D 153 -44.95 23.07 -28.69
CA PHE D 153 -45.35 23.00 -30.12
C PHE D 153 -44.39 23.86 -30.94
N ARG D 154 -43.40 24.47 -30.28
CA ARG D 154 -42.38 25.26 -31.02
C ARG D 154 -41.10 24.43 -31.11
N ARG D 155 -41.22 23.12 -30.86
CA ARG D 155 -40.03 22.22 -30.91
C ARG D 155 -38.89 22.86 -30.11
N LYS D 156 -39.22 23.83 -29.26
CA LYS D 156 -38.18 24.52 -28.49
C LYS D 156 -37.59 23.62 -27.40
N PHE D 157 -38.18 22.44 -27.17
CA PHE D 157 -37.70 21.57 -26.10
C PHE D 157 -36.31 21.03 -26.44
N VAL D 158 -35.63 20.55 -25.40
CA VAL D 158 -34.22 20.27 -25.52
C VAL D 158 -33.97 19.17 -26.56
N ILE D 159 -34.92 18.24 -26.69
CA ILE D 159 -34.96 17.25 -27.77
C ILE D 159 -36.22 17.56 -28.55
N PRO D 160 -36.15 18.36 -29.65
CA PRO D 160 -37.32 18.74 -30.41
C PRO D 160 -38.05 17.58 -31.08
N ASP D 161 -37.31 16.59 -31.58
CA ASP D 161 -37.92 15.44 -32.24
C ASP D 161 -37.88 14.24 -31.30
N PHE D 162 -38.81 14.22 -30.36
CA PHE D 162 -38.75 13.31 -29.23
C PHE D 162 -39.22 11.92 -29.65
N MET D 163 -40.11 11.87 -30.65
CA MET D 163 -40.69 10.62 -31.12
C MET D 163 -39.58 9.79 -31.76
N SER D 164 -38.70 10.46 -32.51
CA SER D 164 -37.55 9.78 -33.06
C SER D 164 -36.63 9.31 -31.93
N PHE D 165 -36.32 10.20 -30.98
CA PHE D 165 -35.36 9.89 -29.93
C PHE D 165 -35.79 8.66 -29.15
N THR D 166 -37.09 8.53 -28.84
CA THR D 166 -37.59 7.41 -28.05
C THR D 166 -37.51 6.11 -28.84
N SER D 167 -37.53 6.21 -30.17
CA SER D 167 -37.38 5.05 -31.04
C SER D 167 -36.00 4.42 -30.83
N HIS D 168 -34.96 5.27 -30.86
CA HIS D 168 -33.59 4.88 -30.56
C HIS D 168 -33.49 4.23 -29.17
N ILE D 169 -34.03 4.91 -28.14
CA ILE D 169 -34.03 4.40 -26.78
C ILE D 169 -34.60 2.98 -26.73
N ASP D 170 -35.66 2.73 -27.50
CA ASP D 170 -36.32 1.44 -27.52
C ASP D 170 -35.41 0.39 -28.16
N GLU D 171 -34.73 0.76 -29.26
CA GLU D 171 -33.73 -0.13 -29.84
C GLU D 171 -32.66 -0.48 -28.80
N LEU D 172 -32.12 0.51 -28.07
CA LEU D 172 -31.07 0.29 -27.08
C LEU D 172 -31.59 -0.61 -25.94
N TYR D 173 -32.82 -0.31 -25.49
CA TYR D 173 -33.48 -1.14 -24.50
C TYR D 173 -33.47 -2.60 -24.97
N GLU D 174 -33.93 -2.84 -26.22
CA GLU D 174 -34.08 -4.22 -26.72
C GLU D 174 -32.73 -4.91 -26.87
N SER D 175 -31.71 -4.13 -27.22
CA SER D 175 -30.35 -4.64 -27.38
C SER D 175 -29.75 -5.06 -26.03
N ALA D 176 -29.96 -4.25 -24.99
CA ALA D 176 -29.49 -4.60 -23.66
C ALA D 176 -30.31 -5.76 -23.06
N LYS D 177 -31.56 -5.91 -23.51
CA LYS D 177 -32.45 -6.96 -23.03
C LYS D 177 -31.86 -8.33 -23.29
N LYS D 178 -31.05 -8.47 -24.33
CA LYS D 178 -30.44 -9.73 -24.71
C LYS D 178 -29.23 -10.07 -23.84
N GLN D 179 -28.79 -9.15 -22.96
CA GLN D 179 -27.63 -9.35 -22.11
C GLN D 179 -28.05 -9.98 -20.78
N SER D 180 -28.22 -11.32 -20.79
CA SER D 180 -28.86 -12.03 -19.70
C SER D 180 -27.86 -12.54 -18.67
N GLY D 181 -26.57 -12.17 -18.78
CA GLY D 181 -25.57 -12.55 -17.80
C GLY D 181 -25.73 -11.87 -16.43
N GLY D 182 -24.86 -12.25 -15.49
CA GLY D 182 -24.72 -11.59 -14.19
C GLY D 182 -25.54 -12.31 -13.12
N LYS D 183 -25.44 -11.85 -11.87
CA LYS D 183 -26.07 -12.55 -10.78
C LYS D 183 -26.85 -11.57 -9.91
N VAL D 184 -28.05 -11.98 -9.53
CA VAL D 184 -28.88 -11.16 -8.64
C VAL D 184 -28.23 -11.14 -7.26
N ALA D 185 -28.30 -10.01 -6.56
CA ALA D 185 -27.88 -9.93 -5.16
C ALA D 185 -28.82 -10.77 -4.29
N ASP D 186 -28.29 -11.40 -3.23
CA ASP D 186 -29.04 -12.38 -2.44
C ASP D 186 -28.46 -12.59 -1.04
N PHE D 194 -36.60 -10.91 -6.64
CA PHE D 194 -36.86 -10.21 -7.93
C PHE D 194 -36.46 -11.12 -9.10
N SER D 195 -37.38 -11.30 -10.06
CA SER D 195 -37.10 -11.96 -11.32
C SER D 195 -35.88 -11.31 -11.98
N PRO D 196 -34.81 -12.09 -12.30
CA PRO D 196 -33.71 -11.58 -13.13
C PRO D 196 -34.12 -10.93 -14.45
N ASP D 197 -35.31 -11.28 -14.97
CA ASP D 197 -35.74 -10.83 -16.28
C ASP D 197 -36.33 -9.42 -16.22
N LEU D 198 -36.49 -8.87 -15.01
CA LEU D 198 -36.99 -7.50 -14.91
C LEU D 198 -35.93 -6.52 -15.41
N TRP D 199 -36.40 -5.56 -16.22
CA TRP D 199 -35.56 -4.64 -16.98
C TRP D 199 -36.41 -3.46 -17.42
N GLY D 200 -36.12 -2.27 -16.88
CA GLY D 200 -36.79 -1.06 -17.37
C GLY D 200 -35.85 0.13 -17.47
N VAL D 201 -36.29 1.12 -18.25
CA VAL D 201 -35.53 2.33 -18.53
C VAL D 201 -36.51 3.50 -18.61
N SER D 202 -36.27 4.56 -17.82
CA SER D 202 -37.11 5.75 -17.88
C SER D 202 -36.26 6.98 -18.14
N VAL D 203 -36.84 7.90 -18.93
CA VAL D 203 -36.21 9.14 -19.33
C VAL D 203 -37.11 10.29 -18.89
N CYS D 204 -36.49 11.34 -18.36
CA CYS D 204 -37.13 12.63 -18.16
C CYS D 204 -36.14 13.68 -18.64
N THR D 205 -36.48 14.39 -19.73
CA THR D 205 -35.64 15.50 -20.17
C THR D 205 -35.73 16.62 -19.16
N VAL D 206 -34.85 17.62 -19.29
CA VAL D 206 -34.89 18.79 -18.43
C VAL D 206 -36.14 19.65 -18.71
N ASP D 207 -36.91 19.32 -19.78
CA ASP D 207 -38.13 20.05 -20.12
C ASP D 207 -39.37 19.24 -19.79
N GLY D 208 -39.20 18.09 -19.17
CA GLY D 208 -40.32 17.34 -18.65
C GLY D 208 -40.85 16.29 -19.61
N GLN D 209 -40.12 16.03 -20.71
CA GLN D 209 -40.56 15.09 -21.72
C GLN D 209 -40.25 13.67 -21.23
N ARG D 210 -41.21 12.75 -21.30
CA ARG D 210 -41.10 11.48 -20.59
C ARG D 210 -41.16 10.31 -21.57
N HIS D 211 -40.41 9.24 -21.25
CA HIS D 211 -40.57 7.98 -21.95
C HIS D 211 -40.14 6.84 -21.03
N SER D 212 -40.85 5.72 -21.10
CA SER D 212 -40.56 4.52 -20.36
C SER D 212 -40.67 3.30 -21.28
N THR D 213 -39.80 2.33 -21.07
CA THR D 213 -39.90 1.04 -21.74
C THR D 213 -39.54 -0.01 -20.69
N GLY D 214 -40.31 -1.10 -20.66
CA GLY D 214 -40.08 -2.21 -19.76
C GLY D 214 -40.73 -2.00 -18.39
N ASP D 215 -40.11 -2.58 -17.36
CA ASP D 215 -40.68 -2.70 -16.03
C ASP D 215 -40.32 -1.44 -15.22
N THR D 216 -41.00 -0.32 -15.55
CA THR D 216 -40.62 0.99 -15.06
C THR D 216 -41.50 1.45 -13.88
N LYS D 217 -42.51 0.66 -13.49
CA LYS D 217 -43.43 1.02 -12.42
C LYS D 217 -43.28 0.09 -11.20
N VAL D 218 -42.23 -0.72 -11.22
CA VAL D 218 -42.01 -1.74 -10.21
C VAL D 218 -41.07 -1.15 -9.18
N PRO D 219 -41.50 -1.00 -7.91
CA PRO D 219 -40.63 -0.45 -6.87
C PRO D 219 -39.40 -1.30 -6.60
N PHE D 220 -38.29 -0.63 -6.31
CA PHE D 220 -37.05 -1.27 -5.88
C PHE D 220 -36.27 -0.26 -5.07
N CYS D 221 -35.34 -0.73 -4.25
CA CYS D 221 -34.63 0.13 -3.33
C CYS D 221 -33.48 0.84 -4.03
N LEU D 222 -33.28 2.11 -3.69
CA LEU D 222 -32.18 2.87 -4.22
C LEU D 222 -30.85 2.21 -3.83
N GLN D 223 -30.74 1.79 -2.56
CA GLN D 223 -29.47 1.39 -2.00
C GLN D 223 -28.50 2.53 -2.30
N SER D 224 -27.37 2.24 -2.94
CA SER D 224 -26.30 3.22 -3.08
C SER D 224 -26.68 4.33 -4.07
N CYS D 225 -27.70 4.14 -4.88
CA CYS D 225 -28.20 5.22 -5.73
C CYS D 225 -28.66 6.40 -4.87
N VAL D 226 -28.91 6.18 -3.56
CA VAL D 226 -29.36 7.25 -2.67
C VAL D 226 -28.20 8.16 -2.27
N LYS D 227 -26.95 7.65 -2.38
CA LYS D 227 -25.77 8.34 -1.88
C LYS D 227 -25.58 9.74 -2.49
N PRO D 228 -25.71 9.95 -3.83
CA PRO D 228 -25.59 11.28 -4.39
C PRO D 228 -26.70 12.19 -3.89
N LEU D 229 -27.88 11.60 -3.64
CA LEU D 229 -29.08 12.37 -3.31
C LEU D 229 -28.92 12.96 -1.91
N LYS D 230 -28.40 12.19 -0.96
CA LYS D 230 -28.22 12.72 0.39
C LYS D 230 -26.97 13.58 0.53
N TYR D 231 -25.96 13.36 -0.32
CA TYR D 231 -24.84 14.27 -0.45
C TYR D 231 -25.35 15.64 -0.88
N ALA D 232 -26.17 15.66 -1.95
CA ALA D 232 -26.81 16.87 -2.46
C ALA D 232 -27.55 17.60 -1.34
N ILE D 233 -28.34 16.84 -0.55
CA ILE D 233 -29.10 17.47 0.53
C ILE D 233 -28.12 18.14 1.50
N ALA D 234 -27.06 17.43 1.87
CA ALA D 234 -26.10 17.91 2.85
C ALA D 234 -25.48 19.23 2.39
N VAL D 235 -25.11 19.29 1.11
CA VAL D 235 -24.37 20.42 0.57
C VAL D 235 -25.33 21.58 0.38
N ASN D 236 -26.57 21.26 -0.03
CA ASN D 236 -27.68 22.20 -0.06
C ASN D 236 -27.81 22.91 1.29
N ASP D 237 -27.80 22.16 2.40
CA ASP D 237 -28.21 22.71 3.68
C ASP D 237 -27.05 23.39 4.42
N LEU D 238 -25.81 22.98 4.13
CA LEU D 238 -24.67 23.27 5.00
C LEU D 238 -23.54 23.92 4.21
N GLY D 239 -23.43 23.65 2.91
CA GLY D 239 -22.40 24.21 2.04
C GLY D 239 -21.22 23.25 1.82
N THR D 240 -20.50 23.43 0.71
CA THR D 240 -19.35 22.62 0.34
C THR D 240 -18.27 22.58 1.44
N GLU D 241 -17.94 23.75 1.98
CA GLU D 241 -16.84 23.88 2.93
C GLU D 241 -17.14 23.04 4.16
N TYR D 242 -18.35 23.17 4.74
CA TYR D 242 -18.64 22.36 5.92
C TYR D 242 -18.53 20.86 5.61
N VAL D 243 -19.23 20.40 4.57
CA VAL D 243 -19.34 18.99 4.28
C VAL D 243 -17.96 18.41 4.00
N HIS D 244 -17.07 19.14 3.32
CA HIS D 244 -15.82 18.52 2.92
C HIS D 244 -14.76 18.60 4.02
N ARG D 245 -15.15 19.03 5.23
CA ARG D 245 -14.38 18.77 6.44
C ARG D 245 -14.52 17.33 6.93
N TYR D 246 -15.59 16.65 6.53
CA TYR D 246 -15.87 15.32 7.03
C TYR D 246 -15.58 14.23 6.01
N VAL D 247 -15.56 14.57 4.70
CA VAL D 247 -15.47 13.61 3.61
C VAL D 247 -14.65 14.19 2.47
N GLY D 248 -13.92 13.33 1.77
CA GLY D 248 -13.05 13.74 0.68
C GLY D 248 -13.79 13.97 -0.64
N LYS D 249 -12.99 14.29 -1.68
CA LYS D 249 -13.49 14.67 -3.00
C LYS D 249 -13.00 13.78 -4.14
N GLU D 250 -12.49 12.57 -3.87
CA GLU D 250 -11.73 11.81 -4.84
C GLU D 250 -11.92 10.31 -4.67
N PRO D 251 -11.74 9.53 -5.75
CA PRO D 251 -11.66 8.08 -5.60
C PRO D 251 -10.37 7.68 -4.88
N SER D 252 -10.41 6.51 -4.27
CA SER D 252 -9.27 5.95 -3.58
C SER D 252 -8.20 5.41 -4.54
N GLY D 253 -8.61 4.97 -5.74
CA GLY D 253 -7.75 4.15 -6.57
C GLY D 253 -7.96 2.65 -6.32
N LEU D 254 -8.07 1.88 -7.41
CA LEU D 254 -8.41 0.46 -7.41
C LEU D 254 -7.75 -0.30 -6.23
N ARG D 255 -6.43 -0.06 -6.04
CA ARG D 255 -5.62 -0.67 -4.99
C ARG D 255 -6.12 -0.32 -3.58
N PHE D 256 -7.07 0.63 -3.45
CA PHE D 256 -7.51 1.17 -2.17
C PHE D 256 -9.02 1.03 -1.88
N ASN D 257 -9.71 0.09 -2.54
CA ASN D 257 -11.16 -0.07 -2.36
C ASN D 257 -11.54 -0.62 -0.98
N LYS D 258 -10.55 -0.77 -0.06
CA LYS D 258 -10.63 -1.58 1.16
C LYS D 258 -10.17 -0.81 2.41
N LEU D 259 -9.60 0.39 2.23
CA LEU D 259 -9.33 1.30 3.33
C LEU D 259 -10.54 2.20 3.54
N PHE D 260 -10.88 2.51 4.80
CA PHE D 260 -12.01 3.38 5.08
C PHE D 260 -11.63 4.85 5.02
N LEU D 261 -10.36 5.18 5.23
CA LEU D 261 -9.97 6.58 5.30
C LEU D 261 -8.81 6.85 4.35
N ASN D 262 -8.83 8.06 3.77
CA ASN D 262 -7.69 8.67 3.08
C ASN D 262 -6.65 9.15 4.11
N GLU D 263 -5.61 9.86 3.65
CA GLU D 263 -4.47 10.16 4.50
C GLU D 263 -4.78 11.26 5.51
N ASP D 264 -5.85 12.04 5.26
CA ASP D 264 -6.28 13.10 6.17
C ASP D 264 -7.36 12.57 7.13
N ASP D 265 -7.48 11.24 7.26
CA ASP D 265 -8.39 10.65 8.24
C ASP D 265 -9.86 10.99 7.93
N LYS D 266 -10.21 11.03 6.64
CA LYS D 266 -11.58 11.24 6.21
C LYS D 266 -11.94 10.20 5.18
N PRO D 267 -13.21 9.75 5.13
CA PRO D 267 -13.65 8.88 4.04
C PRO D 267 -13.29 9.53 2.71
N HIS D 268 -13.01 8.71 1.69
CA HIS D 268 -12.40 9.17 0.45
C HIS D 268 -13.32 10.11 -0.32
N ASN D 269 -14.63 9.78 -0.26
CA ASN D 269 -15.64 10.51 -0.99
C ASN D 269 -17.00 10.02 -0.54
N PRO D 270 -18.09 10.77 -0.84
CA PRO D 270 -19.43 10.41 -0.37
C PRO D 270 -20.02 9.19 -1.06
N MET D 271 -19.35 8.66 -2.08
CA MET D 271 -19.97 7.64 -2.91
C MET D 271 -19.63 6.23 -2.41
N VAL D 272 -18.75 6.15 -1.43
CA VAL D 272 -18.43 4.86 -0.82
C VAL D 272 -19.16 4.82 0.52
N ASN D 273 -19.28 3.63 1.11
CA ASN D 273 -20.06 3.42 2.32
C ASN D 273 -19.57 4.34 3.44
N ALA D 274 -18.27 4.38 3.67
CA ALA D 274 -17.74 5.12 4.82
C ALA D 274 -18.06 6.62 4.68
N GLY D 275 -17.94 7.14 3.45
CA GLY D 275 -18.24 8.53 3.18
C GLY D 275 -19.73 8.82 3.33
N ALA D 276 -20.55 7.91 2.77
CA ALA D 276 -22.00 8.02 2.86
C ALA D 276 -22.48 8.02 4.31
N ILE D 277 -21.88 7.15 5.15
CA ILE D 277 -22.20 7.12 6.58
C ILE D 277 -21.88 8.47 7.21
N VAL D 278 -20.73 9.06 6.90
CA VAL D 278 -20.41 10.35 7.49
C VAL D 278 -21.40 11.43 7.00
N VAL D 279 -21.74 11.40 5.70
CA VAL D 279 -22.67 12.36 5.14
C VAL D 279 -24.03 12.22 5.82
N THR D 280 -24.45 10.97 6.13
CA THR D 280 -25.70 10.74 6.84
C THR D 280 -25.70 11.41 8.22
N SER D 281 -24.52 11.51 8.85
CA SER D 281 -24.37 12.09 10.17
C SER D 281 -24.44 13.62 10.15
N LEU D 282 -24.35 14.24 8.96
CA LEU D 282 -24.32 15.68 8.81
C LEU D 282 -25.73 16.27 8.75
N ILE D 283 -26.67 15.48 8.19
CA ILE D 283 -28.02 15.90 7.85
C ILE D 283 -28.89 16.05 9.10
N LYS D 284 -29.49 17.24 9.23
CA LYS D 284 -30.48 17.55 10.24
C LYS D 284 -30.00 17.14 11.63
N GLN D 285 -28.84 17.68 12.01
CA GLN D 285 -28.25 17.35 13.30
C GLN D 285 -29.18 17.83 14.43
N GLY D 286 -29.20 17.08 15.54
CA GLY D 286 -29.91 17.50 16.74
C GLY D 286 -31.43 17.32 16.71
N VAL D 287 -31.99 16.57 15.74
CA VAL D 287 -33.35 16.07 15.82
C VAL D 287 -33.25 14.54 15.72
N ASN D 288 -34.32 13.81 16.04
CA ASN D 288 -34.25 12.35 16.14
C ASN D 288 -34.44 11.74 14.75
N ASN D 289 -34.18 10.43 14.62
CA ASN D 289 -34.09 9.77 13.33
C ASN D 289 -35.43 9.82 12.57
N ALA D 290 -36.54 9.74 13.30
CA ALA D 290 -37.85 9.74 12.67
C ALA D 290 -38.08 11.05 11.90
N GLU D 291 -37.62 12.20 12.45
CA GLU D 291 -37.81 13.50 11.83
C GLU D 291 -36.80 13.74 10.73
N LYS D 292 -35.60 13.15 10.87
CA LYS D 292 -34.58 13.20 9.84
C LYS D 292 -35.06 12.41 8.62
N PHE D 293 -35.59 11.20 8.88
CA PHE D 293 -36.11 10.40 7.78
C PHE D 293 -37.20 11.17 7.03
N ASP D 294 -38.11 11.83 7.78
CA ASP D 294 -39.25 12.59 7.22
C ASP D 294 -38.76 13.71 6.31
N TYR D 295 -37.79 14.47 6.79
CA TYR D 295 -37.17 15.55 6.06
C TYR D 295 -36.55 15.07 4.74
N VAL D 296 -35.82 13.94 4.77
CA VAL D 296 -35.18 13.40 3.58
C VAL D 296 -36.24 12.92 2.60
N MET D 297 -37.24 12.24 3.12
CA MET D 297 -38.37 11.81 2.28
C MET D 297 -39.09 12.99 1.61
N GLN D 298 -39.35 14.09 2.35
CA GLN D 298 -39.94 15.30 1.78
C GLN D 298 -39.06 15.87 0.67
N PHE D 299 -37.73 15.80 0.87
CA PHE D 299 -36.75 16.29 -0.09
C PHE D 299 -36.79 15.42 -1.34
N LEU D 300 -36.75 14.10 -1.19
CA LEU D 300 -36.78 13.21 -2.34
C LEU D 300 -38.08 13.36 -3.14
N ASN D 301 -39.19 13.63 -2.44
CA ASN D 301 -40.50 13.88 -3.05
C ASN D 301 -40.42 15.08 -4.00
N LYS D 302 -39.83 16.19 -3.55
CA LYS D 302 -39.66 17.34 -4.44
C LYS D 302 -38.81 16.98 -5.65
N MET D 303 -37.74 16.19 -5.44
CA MET D 303 -36.80 15.86 -6.50
C MET D 303 -37.50 15.03 -7.57
N ALA D 304 -38.43 14.19 -7.12
CA ALA D 304 -39.14 13.29 -8.01
C ALA D 304 -40.42 13.94 -8.55
N GLY D 305 -40.64 15.23 -8.23
CA GLY D 305 -41.88 15.92 -8.56
C GLY D 305 -43.13 15.20 -8.06
N ASN D 306 -43.02 14.58 -6.85
CA ASN D 306 -44.11 13.95 -6.11
C ASN D 306 -44.49 12.60 -6.75
N GLU D 307 -43.62 12.01 -7.58
CA GLU D 307 -43.89 10.65 -8.02
C GLU D 307 -43.41 9.70 -6.94
N TYR D 308 -43.52 8.39 -7.20
CA TYR D 308 -43.41 7.37 -6.19
C TYR D 308 -42.08 7.40 -5.46
N VAL D 309 -42.15 7.69 -4.14
CA VAL D 309 -41.08 7.41 -3.20
C VAL D 309 -41.71 6.65 -2.02
N GLY D 310 -41.06 5.54 -1.61
CA GLY D 310 -41.52 4.72 -0.50
C GLY D 310 -40.37 4.09 0.28
N PHE D 311 -40.64 2.96 0.93
CA PHE D 311 -39.75 2.44 1.95
C PHE D 311 -40.00 0.95 2.14
N SER D 312 -38.92 0.16 2.13
CA SER D 312 -39.00 -1.27 2.37
C SER D 312 -38.47 -1.59 3.76
N ASN D 313 -39.38 -1.91 4.71
CA ASN D 313 -38.99 -2.24 6.07
C ASN D 313 -38.25 -3.58 6.03
N ALA D 314 -38.66 -4.47 5.10
CA ALA D 314 -38.08 -5.79 4.95
C ALA D 314 -36.59 -5.71 4.58
N THR D 315 -36.27 -4.88 3.58
CA THR D 315 -34.90 -4.52 3.24
C THR D 315 -34.17 -3.91 4.43
N PHE D 316 -34.80 -2.94 5.12
CA PHE D 316 -34.18 -2.28 6.25
C PHE D 316 -33.70 -3.29 7.30
N GLN D 317 -34.58 -4.22 7.72
CA GLN D 317 -34.28 -5.23 8.73
C GLN D 317 -33.15 -6.15 8.26
N SER D 318 -33.26 -6.63 7.01
CA SER D 318 -32.24 -7.45 6.38
C SER D 318 -30.89 -6.74 6.36
N GLU D 319 -30.88 -5.44 6.06
CA GLU D 319 -29.67 -4.64 5.96
C GLU D 319 -28.99 -4.48 7.31
N ARG D 320 -29.76 -4.21 8.37
CA ARG D 320 -29.19 -3.92 9.67
C ARG D 320 -28.62 -5.19 10.30
N GLU D 321 -29.27 -6.34 10.01
CA GLU D 321 -28.88 -7.65 10.51
C GLU D 321 -27.56 -8.13 9.88
N SER D 322 -27.36 -7.80 8.61
CA SER D 322 -26.25 -8.33 7.84
C SER D 322 -25.21 -7.24 7.53
N GLY D 323 -25.28 -6.10 8.24
CA GLY D 323 -24.37 -5.00 7.97
C GLY D 323 -23.19 -4.93 8.94
N ASP D 324 -22.42 -6.02 9.03
CA ASP D 324 -21.27 -6.09 9.92
C ASP D 324 -20.16 -5.17 9.41
N ARG D 325 -20.01 -5.10 8.08
CA ARG D 325 -18.99 -4.23 7.52
C ARG D 325 -19.28 -2.78 7.88
N ASN D 326 -20.56 -2.36 7.82
CA ASN D 326 -20.90 -0.97 8.11
C ASN D 326 -20.77 -0.67 9.60
N PHE D 327 -21.03 -1.68 10.46
CA PHE D 327 -20.76 -1.52 11.89
C PHE D 327 -19.24 -1.37 12.13
N ALA D 328 -18.43 -2.12 11.36
CA ALA D 328 -16.98 -1.98 11.45
C ALA D 328 -16.58 -0.57 11.02
N ILE D 329 -17.17 -0.10 9.91
CA ILE D 329 -16.95 1.27 9.45
C ILE D 329 -17.35 2.28 10.54
N GLY D 330 -18.50 2.09 11.19
CA GLY D 330 -18.97 3.05 12.18
C GLY D 330 -18.01 3.17 13.36
N TYR D 331 -17.63 2.01 13.91
CA TYR D 331 -16.73 2.01 15.04
C TYR D 331 -15.37 2.61 14.63
N TYR D 332 -14.87 2.28 13.42
CA TYR D 332 -13.62 2.87 12.94
C TYR D 332 -13.69 4.41 12.88
N LEU D 333 -14.79 4.93 12.30
CA LEU D 333 -15.06 6.36 12.17
C LEU D 333 -15.16 7.02 13.55
N LYS D 334 -15.89 6.39 14.49
CA LYS D 334 -16.01 6.93 15.84
C LYS D 334 -14.63 7.10 16.49
N GLU D 335 -13.87 5.99 16.54
CA GLU D 335 -12.51 5.96 17.08
C GLU D 335 -11.67 7.06 16.43
N LYS D 336 -11.71 7.16 15.10
CA LYS D 336 -10.84 8.10 14.40
C LYS D 336 -11.38 9.53 14.43
N LYS D 337 -12.57 9.74 15.04
CA LYS D 337 -13.16 11.04 15.32
C LYS D 337 -13.58 11.73 14.03
N CYS D 338 -14.37 11.03 13.24
CA CYS D 338 -14.78 11.46 11.92
C CYS D 338 -16.19 12.05 11.90
N PHE D 339 -16.95 11.89 13.01
CA PHE D 339 -18.32 12.33 13.10
C PHE D 339 -18.39 13.75 13.71
N PRO D 340 -19.44 14.54 13.40
CA PRO D 340 -19.63 15.82 14.09
C PRO D 340 -19.93 15.58 15.57
N GLU D 341 -19.39 16.51 16.40
CA GLU D 341 -19.52 16.50 17.85
C GLU D 341 -20.98 16.25 18.26
N GLY D 342 -21.17 15.24 19.12
CA GLY D 342 -22.49 14.89 19.62
C GLY D 342 -23.22 13.80 18.82
N THR D 343 -22.47 13.06 17.98
CA THR D 343 -23.08 12.04 17.12
C THR D 343 -23.39 10.82 17.96
N ASP D 344 -24.56 10.23 17.73
CA ASP D 344 -24.93 8.90 18.20
C ASP D 344 -24.66 7.96 17.04
N MET D 345 -23.52 7.26 17.09
CA MET D 345 -23.01 6.57 15.92
C MET D 345 -23.95 5.43 15.53
N VAL D 346 -24.41 4.63 16.50
CA VAL D 346 -25.24 3.47 16.22
C VAL D 346 -26.59 3.92 15.64
N GLY D 347 -27.08 5.07 16.14
CA GLY D 347 -28.27 5.71 15.59
C GLY D 347 -28.12 6.10 14.12
N ILE D 348 -27.00 6.75 13.78
CA ILE D 348 -26.66 7.08 12.38
C ILE D 348 -26.64 5.82 11.50
N LEU D 349 -26.20 4.67 12.02
CA LEU D 349 -26.19 3.47 11.17
C LEU D 349 -27.62 3.02 10.88
N ASP D 350 -28.49 3.17 11.87
CA ASP D 350 -29.92 2.92 11.70
C ASP D 350 -30.50 3.83 10.61
N PHE D 351 -30.22 5.13 10.68
CA PHE D 351 -30.68 6.07 9.66
C PHE D 351 -30.10 5.69 8.29
N TYR D 352 -28.83 5.27 8.26
CA TYR D 352 -28.12 4.93 7.04
C TYR D 352 -28.81 3.74 6.34
N PHE D 353 -29.08 2.67 7.10
CA PHE D 353 -29.77 1.52 6.53
C PHE D 353 -31.18 1.90 6.09
N GLN D 354 -31.78 2.91 6.76
CA GLN D 354 -33.13 3.29 6.42
C GLN D 354 -33.08 3.93 5.04
N LEU D 355 -32.10 4.83 4.85
CA LEU D 355 -32.01 5.63 3.64
C LEU D 355 -31.75 4.72 2.45
N CYS D 356 -30.99 3.63 2.69
CA CYS D 356 -30.68 2.67 1.63
C CYS D 356 -31.90 1.85 1.24
N SER D 357 -32.92 1.80 2.11
CA SER D 357 -34.10 0.96 1.93
C SER D 357 -35.27 1.72 1.31
N ILE D 358 -35.07 2.99 1.01
CA ILE D 358 -36.06 3.81 0.31
C ILE D 358 -36.32 3.23 -1.09
N GLU D 359 -37.60 3.27 -1.49
CA GLU D 359 -38.02 2.69 -2.76
C GLU D 359 -38.31 3.79 -3.77
N VAL D 360 -37.99 3.49 -5.04
CA VAL D 360 -38.41 4.27 -6.19
C VAL D 360 -38.82 3.32 -7.32
N THR D 361 -39.42 3.87 -8.37
CA THR D 361 -39.58 3.17 -9.62
C THR D 361 -38.60 3.80 -10.59
N CYS D 362 -38.51 3.25 -11.81
CA CYS D 362 -37.68 3.87 -12.82
C CYS D 362 -38.24 5.25 -13.16
N GLU D 363 -39.57 5.36 -13.16
CA GLU D 363 -40.22 6.61 -13.52
C GLU D 363 -39.87 7.69 -12.51
N SER D 364 -40.10 7.46 -11.22
CA SER D 364 -39.90 8.56 -10.27
C SER D 364 -38.42 8.90 -10.19
N ALA D 365 -37.55 7.90 -10.26
CA ALA D 365 -36.12 8.13 -10.15
C ALA D 365 -35.57 8.88 -11.36
N SER D 366 -36.15 8.68 -12.54
CA SER D 366 -35.70 9.41 -13.71
C SER D 366 -35.88 10.91 -13.45
N VAL D 367 -36.95 11.28 -12.72
CA VAL D 367 -37.22 12.68 -12.45
C VAL D 367 -36.21 13.27 -11.48
N MET D 368 -35.82 12.49 -10.46
CA MET D 368 -34.76 12.88 -9.56
C MET D 368 -33.48 13.12 -10.34
N ALA D 369 -33.16 12.22 -11.29
CA ALA D 369 -32.01 12.36 -12.17
C ALA D 369 -32.15 13.62 -13.03
N ALA D 370 -33.35 13.89 -13.55
CA ALA D 370 -33.58 15.10 -14.34
C ALA D 370 -33.42 16.37 -13.49
N THR D 371 -33.74 16.32 -12.21
CA THR D 371 -33.55 17.49 -11.35
C THR D 371 -32.06 17.86 -11.33
N LEU D 372 -31.22 16.83 -11.18
CA LEU D 372 -29.79 16.98 -11.19
C LEU D 372 -29.34 17.46 -12.57
N ALA D 373 -29.98 16.97 -13.65
CA ALA D 373 -29.58 17.41 -14.99
C ALA D 373 -30.00 18.86 -15.25
N ASN D 374 -30.99 19.37 -14.48
CA ASN D 374 -31.60 20.66 -14.75
C ASN D 374 -31.17 21.72 -13.72
N GLY D 375 -29.95 21.68 -13.18
CA GLY D 375 -29.44 22.76 -12.33
C GLY D 375 -30.10 22.87 -10.95
N GLY D 376 -30.75 21.81 -10.46
CA GLY D 376 -31.43 21.86 -9.16
C GLY D 376 -32.93 22.18 -9.25
N PHE D 377 -33.46 22.39 -10.46
CA PHE D 377 -34.89 22.62 -10.64
C PHE D 377 -35.56 21.33 -11.09
N CYS D 378 -36.65 20.95 -10.40
CA CYS D 378 -37.45 19.81 -10.83
C CYS D 378 -38.15 20.12 -12.16
N PRO D 379 -37.85 19.37 -13.25
CA PRO D 379 -38.38 19.72 -14.56
C PRO D 379 -39.87 19.53 -14.82
N ILE D 380 -40.62 18.85 -13.94
CA ILE D 380 -42.05 18.68 -14.15
C ILE D 380 -42.88 19.47 -13.13
N THR D 381 -42.26 20.25 -12.24
CA THR D 381 -43.00 21.16 -11.37
C THR D 381 -42.46 22.59 -11.47
N GLY D 382 -41.20 22.78 -11.91
CA GLY D 382 -40.57 24.09 -11.97
C GLY D 382 -39.99 24.58 -10.64
N GLU D 383 -40.03 23.74 -9.62
CA GLU D 383 -39.55 24.17 -8.28
C GLU D 383 -38.04 23.99 -8.13
N ARG D 384 -37.34 24.92 -7.48
CA ARG D 384 -35.89 24.65 -7.23
C ARG D 384 -35.78 23.74 -6.01
N VAL D 385 -35.17 22.57 -6.17
CA VAL D 385 -35.07 21.59 -5.04
C VAL D 385 -33.69 21.70 -4.40
N LEU D 386 -32.67 22.04 -5.20
CA LEU D 386 -31.29 22.09 -4.69
C LEU D 386 -30.57 23.31 -5.23
N SER D 387 -29.61 23.80 -4.46
CA SER D 387 -28.70 24.85 -4.90
C SER D 387 -27.84 24.36 -6.08
N PRO D 388 -27.38 25.25 -7.00
CA PRO D 388 -26.49 24.84 -8.09
C PRO D 388 -25.14 24.26 -7.64
N GLU D 389 -24.70 24.67 -6.44
CA GLU D 389 -23.53 24.16 -5.76
C GLU D 389 -23.72 22.68 -5.44
N ALA D 390 -24.83 22.37 -4.79
CA ALA D 390 -25.17 20.99 -4.47
C ALA D 390 -25.17 20.10 -5.71
N VAL D 391 -25.70 20.59 -6.84
CA VAL D 391 -25.81 19.76 -8.03
C VAL D 391 -24.45 19.62 -8.70
N ARG D 392 -23.70 20.71 -8.87
CA ARG D 392 -22.36 20.64 -9.43
C ARG D 392 -21.49 19.61 -8.69
N ASN D 393 -21.40 19.75 -7.37
CA ASN D 393 -20.62 18.88 -6.50
C ASN D 393 -21.04 17.42 -6.73
N THR D 394 -22.35 17.14 -6.70
CA THR D 394 -22.92 15.81 -6.77
C THR D 394 -22.57 15.17 -8.12
N LEU D 395 -22.76 15.92 -9.22
CA LEU D 395 -22.46 15.44 -10.57
C LEU D 395 -20.97 15.14 -10.78
N SER D 396 -20.09 15.95 -10.18
CA SER D 396 -18.65 15.75 -10.26
C SER D 396 -18.23 14.44 -9.59
N LEU D 397 -18.76 14.20 -8.37
CA LEU D 397 -18.40 13.05 -7.56
C LEU D 397 -19.02 11.79 -8.14
N MET D 398 -20.17 11.92 -8.80
CA MET D 398 -20.79 10.81 -9.53
C MET D 398 -19.96 10.42 -10.75
N HIS D 399 -19.38 11.41 -11.43
CA HIS D 399 -18.49 11.17 -12.56
C HIS D 399 -17.30 10.26 -12.21
N SER D 400 -16.54 10.59 -11.15
CA SER D 400 -15.31 9.89 -10.82
C SER D 400 -15.50 8.66 -9.90
N CYS D 401 -16.55 8.65 -9.07
CA CYS D 401 -16.65 7.73 -7.94
C CYS D 401 -17.92 6.88 -7.95
N GLY D 402 -18.67 6.87 -9.06
CA GLY D 402 -20.08 6.52 -9.02
C GLY D 402 -20.42 5.04 -9.26
N MET D 403 -19.50 4.30 -9.90
CA MET D 403 -19.80 2.95 -10.39
C MET D 403 -18.88 1.91 -9.74
N TYR D 404 -18.57 2.12 -8.45
CA TYR D 404 -17.69 1.23 -7.69
C TYR D 404 -16.33 1.22 -8.40
N ASP D 405 -15.73 0.02 -8.58
CA ASP D 405 -14.42 -0.10 -9.20
C ASP D 405 -14.43 0.07 -10.71
N PHE D 406 -15.63 0.15 -11.31
CA PHE D 406 -15.74 0.50 -12.70
C PHE D 406 -15.77 2.02 -12.88
N SER D 407 -15.61 2.78 -11.79
CA SER D 407 -15.81 4.22 -11.88
C SER D 407 -14.89 4.86 -12.93
N GLY D 408 -13.60 4.48 -12.96
CA GLY D 408 -12.62 5.10 -13.86
C GLY D 408 -12.77 4.69 -15.33
N GLN D 409 -13.06 3.41 -15.59
CA GLN D 409 -13.37 2.93 -16.93
C GLN D 409 -14.65 3.62 -17.45
N PHE D 410 -15.64 3.76 -16.56
CA PHE D 410 -16.95 4.30 -16.91
C PHE D 410 -16.80 5.77 -17.25
N ALA D 411 -15.99 6.49 -16.45
CA ALA D 411 -15.72 7.89 -16.71
C ALA D 411 -15.07 8.08 -18.08
N PHE D 412 -14.15 7.17 -18.40
CA PHE D 412 -13.43 7.28 -19.65
C PHE D 412 -14.35 6.93 -20.82
N HIS D 413 -15.03 5.79 -20.79
CA HIS D 413 -15.78 5.34 -21.95
C HIS D 413 -17.13 6.05 -22.05
N VAL D 414 -17.78 6.32 -20.92
CA VAL D 414 -19.15 6.83 -20.99
C VAL D 414 -19.19 8.32 -20.70
N GLY D 415 -18.37 8.75 -19.74
CA GLY D 415 -18.22 10.15 -19.41
C GLY D 415 -19.56 10.79 -19.09
N LEU D 416 -20.35 10.13 -18.27
CA LEU D 416 -21.58 10.69 -17.75
C LEU D 416 -21.57 10.48 -16.24
N PRO D 417 -22.13 11.42 -15.45
CA PRO D 417 -22.38 11.16 -14.03
C PRO D 417 -23.45 10.09 -13.83
N ALA D 418 -23.09 9.04 -13.09
CA ALA D 418 -24.00 7.93 -12.84
C ALA D 418 -23.76 7.34 -11.45
N LYS D 419 -24.79 6.68 -10.91
CA LYS D 419 -24.63 6.01 -9.64
C LYS D 419 -25.39 4.69 -9.67
N SER D 420 -24.67 3.59 -9.37
CA SER D 420 -25.26 2.27 -9.36
C SER D 420 -25.61 1.82 -7.95
N GLY D 421 -26.54 0.85 -7.89
CA GLY D 421 -26.98 0.24 -6.66
C GLY D 421 -27.14 -1.29 -6.79
N VAL D 422 -27.11 -1.98 -5.64
CA VAL D 422 -27.05 -3.43 -5.58
C VAL D 422 -28.38 -4.08 -5.99
N ALA D 423 -29.48 -3.30 -6.02
CA ALA D 423 -30.77 -3.83 -6.45
C ALA D 423 -30.87 -3.82 -7.98
N GLY D 424 -29.88 -3.22 -8.65
CA GLY D 424 -29.78 -3.26 -10.10
C GLY D 424 -30.01 -1.88 -10.73
N GLY D 425 -30.18 -0.83 -9.92
CA GLY D 425 -30.47 0.49 -10.44
C GLY D 425 -29.22 1.15 -10.99
N ILE D 426 -29.39 2.02 -11.98
CA ILE D 426 -28.34 2.99 -12.32
C ILE D 426 -28.98 4.35 -12.54
N LEU D 427 -28.73 5.26 -11.62
CA LEU D 427 -29.19 6.63 -11.79
C LEU D 427 -28.22 7.32 -12.72
N LEU D 428 -28.72 7.90 -13.79
CA LEU D 428 -27.87 8.47 -14.83
C LEU D 428 -28.25 9.92 -15.15
N VAL D 429 -27.27 10.82 -15.16
CA VAL D 429 -27.59 12.19 -15.52
C VAL D 429 -26.90 12.58 -16.81
N VAL D 430 -27.63 13.14 -17.76
CA VAL D 430 -27.00 13.72 -18.94
C VAL D 430 -27.18 15.23 -18.84
N PRO D 431 -26.18 15.94 -18.27
CA PRO D 431 -26.35 17.33 -17.87
C PRO D 431 -26.89 18.19 -19.01
N ASN D 432 -27.84 19.08 -18.67
CA ASN D 432 -28.50 19.99 -19.60
C ASN D 432 -29.42 19.27 -20.58
N VAL D 433 -29.67 17.97 -20.40
CA VAL D 433 -30.40 17.23 -21.41
C VAL D 433 -31.48 16.38 -20.76
N MET D 434 -31.07 15.41 -19.93
CA MET D 434 -32.04 14.52 -19.33
C MET D 434 -31.48 13.75 -18.15
N GLY D 435 -32.42 13.13 -17.43
CA GLY D 435 -32.16 12.18 -16.37
C GLY D 435 -32.76 10.83 -16.74
N MET D 436 -32.17 9.74 -16.23
CA MET D 436 -32.59 8.38 -16.53
C MET D 436 -32.37 7.50 -15.30
N MET D 437 -33.28 6.54 -15.10
CA MET D 437 -33.04 5.40 -14.24
C MET D 437 -33.20 4.16 -15.11
N CYS D 438 -32.19 3.28 -15.04
CA CYS D 438 -32.23 1.96 -15.64
C CYS D 438 -32.27 0.96 -14.50
N TRP D 439 -33.01 -0.14 -14.64
CA TRP D 439 -33.09 -1.10 -13.54
C TRP D 439 -33.14 -2.54 -14.07
N SER D 440 -32.16 -3.35 -13.67
CA SER D 440 -32.17 -4.78 -13.99
C SER D 440 -31.36 -5.48 -12.92
N PRO D 441 -31.97 -6.36 -12.09
CA PRO D 441 -31.28 -6.85 -10.90
C PRO D 441 -29.96 -7.63 -11.07
N PRO D 442 -29.73 -8.42 -12.14
CA PRO D 442 -28.47 -9.14 -12.28
C PRO D 442 -27.27 -8.22 -12.49
N LEU D 443 -26.26 -8.40 -11.62
CA LEU D 443 -25.10 -7.53 -11.52
C LEU D 443 -23.88 -8.24 -12.10
N ASP D 444 -22.92 -7.46 -12.62
CA ASP D 444 -21.64 -7.98 -13.07
C ASP D 444 -20.77 -8.23 -11.83
N LYS D 445 -19.56 -8.76 -12.06
CA LYS D 445 -18.65 -9.13 -10.98
C LYS D 445 -18.20 -7.90 -10.20
N MET D 446 -18.45 -6.69 -10.73
CA MET D 446 -18.07 -5.44 -10.07
C MET D 446 -19.21 -4.83 -9.24
N GLY D 447 -20.44 -5.39 -9.36
CA GLY D 447 -21.62 -4.96 -8.61
C GLY D 447 -22.61 -4.08 -9.41
N ASN D 448 -22.30 -3.78 -10.68
CA ASN D 448 -23.13 -2.95 -11.55
C ASN D 448 -24.08 -3.77 -12.40
N SER D 449 -25.32 -3.28 -12.57
CA SER D 449 -26.30 -3.97 -13.40
C SER D 449 -25.70 -4.21 -14.78
N VAL D 450 -25.76 -5.46 -15.25
CA VAL D 450 -25.22 -5.85 -16.54
C VAL D 450 -25.89 -5.07 -17.69
N LYS D 451 -27.22 -5.13 -17.78
CA LYS D 451 -27.98 -4.53 -18.88
C LYS D 451 -27.91 -3.01 -18.85
N GLY D 452 -27.96 -2.44 -17.64
CA GLY D 452 -27.76 -1.03 -17.43
C GLY D 452 -26.46 -0.58 -18.07
N ILE D 453 -25.37 -1.31 -17.79
CA ILE D 453 -24.03 -0.96 -18.25
C ILE D 453 -23.96 -1.04 -19.77
N HIS D 454 -24.50 -2.12 -20.36
CA HIS D 454 -24.55 -2.24 -21.81
C HIS D 454 -25.34 -1.06 -22.40
N PHE D 455 -26.50 -0.78 -21.82
CA PHE D 455 -27.33 0.33 -22.27
C PHE D 455 -26.54 1.64 -22.26
N CYS D 456 -25.84 1.95 -21.16
CA CYS D 456 -25.12 3.22 -21.02
C CYS D 456 -24.01 3.33 -22.07
N HIS D 457 -23.25 2.25 -22.30
CA HIS D 457 -22.23 2.25 -23.33
C HIS D 457 -22.82 2.60 -24.69
N ASP D 458 -23.93 1.91 -25.07
CA ASP D 458 -24.63 2.05 -26.33
C ASP D 458 -25.15 3.47 -26.52
N LEU D 459 -25.68 4.05 -25.44
CA LEU D 459 -26.29 5.37 -25.48
C LEU D 459 -25.25 6.40 -25.94
N VAL D 460 -24.05 6.33 -25.35
CA VAL D 460 -22.97 7.23 -25.71
C VAL D 460 -22.24 6.81 -27.00
N SER D 461 -22.33 5.53 -27.41
CA SER D 461 -21.85 5.15 -28.75
C SER D 461 -22.71 5.83 -29.80
N LEU D 462 -24.03 5.85 -29.56
CA LEU D 462 -25.01 6.41 -30.47
C LEU D 462 -24.92 7.93 -30.51
N CYS D 463 -25.01 8.59 -29.34
CA CYS D 463 -25.28 10.02 -29.23
C CYS D 463 -24.10 10.74 -28.58
N ASN D 464 -23.94 12.04 -28.93
CA ASN D 464 -22.77 12.81 -28.54
C ASN D 464 -22.99 13.40 -27.14
N PHE D 465 -23.18 12.51 -26.16
CA PHE D 465 -23.48 12.87 -24.78
C PHE D 465 -22.28 12.71 -23.85
N HIS D 466 -21.25 11.92 -24.23
CA HIS D 466 -20.01 11.88 -23.47
C HIS D 466 -19.66 13.32 -23.09
N ASN D 467 -19.19 13.53 -21.86
CA ASN D 467 -18.91 14.86 -21.32
C ASN D 467 -17.89 15.63 -22.18
N TYR D 468 -16.97 14.90 -22.85
CA TYR D 468 -15.91 15.47 -23.67
C TYR D 468 -16.06 15.11 -25.14
N ASP D 469 -17.31 14.82 -25.57
CA ASP D 469 -17.72 15.02 -26.95
C ASP D 469 -17.76 16.52 -27.25
N ASN D 470 -17.60 16.85 -28.53
CA ASN D 470 -17.69 18.23 -29.00
C ASN D 470 -19.04 18.38 -29.70
N LEU D 471 -19.68 19.54 -29.50
CA LEU D 471 -21.02 19.82 -30.03
C LEU D 471 -20.98 20.14 -31.53
N ARG D 472 -19.84 20.55 -32.09
CA ARG D 472 -19.75 20.90 -33.51
C ARG D 472 -19.18 19.75 -34.36
N HIS D 473 -18.10 19.11 -33.88
CA HIS D 473 -17.41 18.08 -34.65
C HIS D 473 -17.41 16.78 -33.86
N PHE D 474 -18.21 15.79 -34.31
CA PHE D 474 -18.50 14.65 -33.46
C PHE D 474 -18.69 13.34 -34.23
N ALA D 475 -17.95 13.15 -35.33
CA ALA D 475 -17.79 11.86 -35.99
C ALA D 475 -19.11 11.41 -36.65
N LYS D 476 -19.58 10.18 -36.37
CA LYS D 476 -20.77 9.62 -36.99
C LYS D 476 -21.93 9.56 -35.99
N LYS D 477 -21.76 10.23 -34.84
CA LYS D 477 -22.73 10.13 -33.75
C LYS D 477 -23.97 10.96 -34.10
N LEU D 478 -25.08 10.61 -33.45
CA LEU D 478 -26.35 11.32 -33.52
C LEU D 478 -26.35 12.40 -32.43
N ASP D 479 -26.84 13.62 -32.74
CA ASP D 479 -27.05 14.62 -31.71
C ASP D 479 -28.54 14.92 -31.60
N PRO D 480 -29.25 14.38 -30.58
CA PRO D 480 -30.70 14.55 -30.45
C PRO D 480 -31.21 15.97 -30.19
N ARG D 481 -30.31 16.92 -29.92
CA ARG D 481 -30.67 18.32 -29.66
C ARG D 481 -30.98 19.14 -30.92
N ARG D 482 -30.59 18.67 -32.13
CA ARG D 482 -30.56 19.54 -33.31
C ARG D 482 -31.86 19.43 -34.11
#